data_9ESF
#
_entry.id   9ESF
#
_cell.length_a   143.773
_cell.length_b   143.773
_cell.length_c   141.864
_cell.angle_alpha   90
_cell.angle_beta   90
_cell.angle_gamma   120
#
_symmetry.space_group_name_H-M   'P 63'
#
loop_
_entity.id
_entity.type
_entity.pdbx_description
1 polymer 'Tryptophan 2,3-dioxygenase'
2 non-polymer 'PROTOPORPHYRIN IX CONTAINING FE'
3 non-polymer (~{S})-cyclohexyl(imidazo[1,5-a]pyridin-5-yl)methanol
4 water water
#
_entity_poly.entity_id   1
_entity_poly.type   'polypeptide(L)'
_entity_poly.pdbx_seq_one_letter_code
;MGKIYGEYLMLDKLLDAQCMLSEEDKRPVHDEHLFIITHQAYELWFKQIIFEFDSIRDMLDAEVIDETKTLEIVKRLNRV
VLILKLLVDQVPILETMTPLDFMDFRKYLAPASGFQSLQFRLIENKLGVLTEQRVRYNQKYSDVFSDEEARNSIRNSEKD
PSLLELVQRWLERTPGLEESGFNFWAKFQESVDRFLEAQVQSAMEEPVEKAKNYRLMDIEKRREVYRSIFDPAVHDALVR
RGDRRFSHRALQGAIMITFYRDEPRFSQPHQLLTLLMDIDSLITKWRYNHVIMVQRMIGSQQLGTGGSSGYQYLRSTLSD
RYKVFLDLFNLSTFLIPREAIPPLDETIRKKLINKSVLEHHHHHH
;
_entity_poly.pdbx_strand_id   A,B,C,D
#
loop_
_chem_comp.id
_chem_comp.type
_chem_comp.name
_chem_comp.formula
A1H6U non-polymer (~{S})-cyclohexyl(imidazo[1,5-a]pyridin-5-yl)methanol 'C14 H18 N2 O'
HEM non-polymer 'PROTOPORPHYRIN IX CONTAINING FE' 'C34 H32 Fe N4 O4'
#
# COMPACT_ATOMS: atom_id res chain seq x y z
N LYS A 3 27.03 13.64 -17.64
CA LYS A 3 26.20 13.50 -18.85
C LYS A 3 25.58 12.09 -18.98
N ILE A 4 26.39 10.99 -18.98
CA ILE A 4 25.81 9.65 -19.05
C ILE A 4 25.20 9.23 -17.70
N TYR A 5 24.24 8.28 -17.70
CA TYR A 5 23.54 7.77 -16.50
C TYR A 5 24.43 7.59 -15.24
N GLY A 6 25.48 6.79 -15.33
CA GLY A 6 26.36 6.51 -14.20
C GLY A 6 27.17 7.71 -13.76
N GLU A 7 27.51 8.60 -14.70
CA GLU A 7 28.28 9.79 -14.40
C GLU A 7 27.39 10.86 -13.76
N TYR A 8 26.17 11.00 -14.26
CA TYR A 8 25.21 11.97 -13.79
C TYR A 8 24.80 11.64 -12.35
N LEU A 9 24.43 10.38 -12.11
CA LEU A 9 24.04 9.96 -10.78
C LEU A 9 25.20 9.65 -9.85
N MET A 10 26.46 9.74 -10.34
CA MET A 10 27.67 9.48 -9.55
C MET A 10 27.61 8.16 -8.83
N LEU A 11 27.29 7.13 -9.61
CA LEU A 11 27.19 5.77 -9.11
C LEU A 11 28.54 5.18 -8.69
N ASP A 12 29.67 5.76 -9.16
CA ASP A 12 30.99 5.31 -8.72
C ASP A 12 31.29 5.74 -7.27
N LYS A 13 30.55 6.74 -6.76
CA LYS A 13 30.65 7.27 -5.42
C LYS A 13 29.56 6.61 -4.55
N LEU A 14 28.32 6.57 -5.07
CA LEU A 14 27.15 6.00 -4.39
C LEU A 14 27.28 4.49 -4.19
N LEU A 15 27.61 3.74 -5.27
CA LEU A 15 27.75 2.28 -5.16
C LEU A 15 29.11 1.82 -4.60
N ASP A 16 29.86 2.74 -3.97
CA ASP A 16 31.12 2.46 -3.31
C ASP A 16 31.05 2.76 -1.76
N ALA A 17 29.88 3.18 -1.26
CA ALA A 17 29.68 3.49 0.16
C ALA A 17 29.17 2.30 0.97
N GLN A 18 29.22 1.08 0.43
CA GLN A 18 28.72 -0.09 1.17
C GLN A 18 29.86 -0.93 1.72
N CYS A 19 30.07 -0.82 3.05
CA CYS A 19 31.16 -1.55 3.69
C CYS A 19 30.72 -2.37 4.88
N MET A 20 30.59 -3.70 4.69
CA MET A 20 30.21 -4.62 5.75
C MET A 20 31.40 -4.86 6.66
N LEU A 21 31.26 -4.55 7.95
CA LEU A 21 32.33 -4.79 8.92
C LEU A 21 32.46 -6.26 9.32
N SER A 22 31.41 -7.08 9.11
CA SER A 22 31.48 -8.51 9.37
C SER A 22 32.33 -9.17 8.26
N GLU A 23 32.18 -8.72 7.01
CA GLU A 23 32.96 -9.22 5.87
C GLU A 23 34.44 -8.79 6.02
N GLU A 24 34.68 -7.56 6.56
CA GLU A 24 35.99 -6.97 6.84
C GLU A 24 36.73 -7.83 7.88
N ASP A 25 36.00 -8.27 8.92
CA ASP A 25 36.56 -9.10 9.99
C ASP A 25 36.59 -10.61 9.63
N LYS A 26 36.29 -10.95 8.36
CA LYS A 26 36.20 -12.27 7.76
C LYS A 26 35.30 -13.25 8.51
N ARG A 27 34.24 -12.69 9.07
CA ARG A 27 33.15 -13.42 9.70
C ARG A 27 31.88 -12.76 9.11
N PRO A 28 31.58 -12.96 7.79
CA PRO A 28 30.45 -12.22 7.20
C PRO A 28 29.05 -12.72 7.55
N VAL A 29 28.12 -11.76 7.67
CA VAL A 29 26.70 -11.97 7.95
C VAL A 29 25.96 -11.36 6.76
N HIS A 30 25.32 -12.18 5.94
CA HIS A 30 24.60 -11.78 4.73
C HIS A 30 23.62 -10.62 4.91
N ASP A 31 22.86 -10.63 6.03
CA ASP A 31 21.86 -9.61 6.28
C ASP A 31 22.46 -8.22 6.66
N GLU A 32 23.80 -8.11 6.81
CA GLU A 32 24.42 -6.81 7.09
C GLU A 32 24.33 -5.87 5.89
N HIS A 33 24.32 -6.43 4.66
CA HIS A 33 24.18 -5.67 3.44
C HIS A 33 22.81 -4.97 3.43
N LEU A 34 21.76 -5.69 3.85
CA LEU A 34 20.40 -5.18 3.91
C LEU A 34 20.34 -4.04 4.92
N PHE A 35 20.96 -4.23 6.10
CA PHE A 35 21.05 -3.24 7.16
C PHE A 35 21.68 -1.93 6.64
N ILE A 36 22.79 -2.01 5.87
CA ILE A 36 23.46 -0.83 5.30
C ILE A 36 22.60 -0.14 4.24
N ILE A 37 22.15 -0.89 3.22
CA ILE A 37 21.32 -0.36 2.15
C ILE A 37 20.03 0.27 2.69
N THR A 38 19.32 -0.39 3.61
CA THR A 38 18.08 0.17 4.18
C THR A 38 18.34 1.53 4.84
N HIS A 39 19.42 1.61 5.62
CA HIS A 39 19.79 2.83 6.32
C HIS A 39 20.19 3.93 5.34
N GLN A 40 20.90 3.56 4.27
CA GLN A 40 21.32 4.51 3.25
C GLN A 40 20.16 4.99 2.38
N ALA A 41 19.14 4.14 2.19
CA ALA A 41 17.95 4.53 1.44
C ALA A 41 17.20 5.56 2.28
N TYR A 42 17.12 5.36 3.62
CA TYR A 42 16.52 6.30 4.55
C TYR A 42 17.25 7.64 4.45
N GLU A 43 18.59 7.63 4.47
CA GLU A 43 19.40 8.84 4.44
C GLU A 43 19.32 9.60 3.14
N LEU A 44 19.08 8.90 2.02
CA LEU A 44 18.90 9.59 0.75
C LEU A 44 17.58 10.35 0.78
N TRP A 45 16.49 9.70 1.23
CA TRP A 45 15.18 10.33 1.35
C TRP A 45 15.12 11.39 2.44
N PHE A 46 16.00 11.31 3.46
CA PHE A 46 16.09 12.34 4.48
C PHE A 46 16.65 13.60 3.81
N LYS A 47 17.69 13.46 2.95
CA LYS A 47 18.27 14.59 2.22
C LYS A 47 17.22 15.26 1.34
N GLN A 48 16.34 14.46 0.72
CA GLN A 48 15.24 14.96 -0.10
C GLN A 48 14.24 15.73 0.74
N ILE A 49 13.79 15.16 1.90
CA ILE A 49 12.84 15.82 2.80
C ILE A 49 13.40 17.17 3.27
N ILE A 50 14.68 17.21 3.64
CA ILE A 50 15.35 18.44 4.10
C ILE A 50 15.40 19.49 2.99
N PHE A 51 15.66 19.04 1.77
CA PHE A 51 15.73 19.92 0.61
C PHE A 51 14.38 20.57 0.34
N GLU A 52 13.30 19.79 0.48
CA GLU A 52 11.94 20.26 0.26
C GLU A 52 11.54 21.21 1.37
N PHE A 53 11.85 20.84 2.62
CA PHE A 53 11.56 21.64 3.79
C PHE A 53 12.26 22.98 3.74
N ASP A 54 13.52 23.01 3.32
CA ASP A 54 14.27 24.26 3.24
C ASP A 54 13.70 25.18 2.21
N SER A 55 13.23 24.65 1.07
CA SER A 55 12.61 25.48 0.05
C SER A 55 11.23 26.03 0.52
N ILE A 56 10.44 25.19 1.20
CA ILE A 56 9.15 25.60 1.76
C ILE A 56 9.36 26.68 2.83
N ARG A 57 10.45 26.58 3.61
CA ARG A 57 10.76 27.56 4.64
C ARG A 57 11.08 28.89 4.01
N ASP A 58 11.88 28.89 2.94
CA ASP A 58 12.23 30.10 2.21
C ASP A 58 11.02 30.76 1.55
N MET A 59 10.05 29.96 1.10
CA MET A 59 8.80 30.44 0.52
C MET A 59 7.87 31.02 1.60
N LEU A 60 7.89 30.44 2.80
CA LEU A 60 7.07 30.94 3.91
C LEU A 60 7.70 32.16 4.60
N ASP A 61 9.02 32.39 4.41
CA ASP A 61 9.73 33.52 4.99
C ASP A 61 9.57 34.76 4.09
N ALA A 62 8.31 35.11 3.79
CA ALA A 62 7.93 36.27 3.00
C ALA A 62 6.65 36.87 3.62
N GLU A 63 6.50 38.21 3.58
CA GLU A 63 5.31 38.85 4.16
C GLU A 63 4.05 38.65 3.31
N VAL A 64 4.22 38.37 2.01
CA VAL A 64 3.14 38.09 1.06
C VAL A 64 3.32 36.69 0.42
N ILE A 65 2.39 35.77 0.69
CA ILE A 65 2.44 34.43 0.11
C ILE A 65 1.25 34.29 -0.83
N ASP A 66 1.50 34.49 -2.15
CA ASP A 66 0.43 34.48 -3.13
C ASP A 66 -0.07 33.06 -3.45
N GLU A 67 -1.17 32.97 -4.21
CA GLU A 67 -1.79 31.71 -4.59
C GLU A 67 -0.83 30.79 -5.32
N THR A 68 0.06 31.36 -6.14
CA THR A 68 1.05 30.59 -6.90
C THR A 68 2.09 29.94 -6.00
N LYS A 69 2.66 30.69 -5.02
CA LYS A 69 3.61 30.12 -4.09
C LYS A 69 2.93 29.09 -3.20
N THR A 70 1.67 29.35 -2.79
CA THR A 70 0.88 28.44 -1.96
C THR A 70 0.72 27.06 -2.63
N LEU A 71 0.42 27.03 -3.92
CA LEU A 71 0.28 25.80 -4.72
C LEU A 71 1.59 25.00 -4.77
N GLU A 72 2.74 25.69 -4.86
CA GLU A 72 4.05 25.03 -4.88
C GLU A 72 4.40 24.48 -3.49
N ILE A 73 3.96 25.16 -2.42
CA ILE A 73 4.17 24.67 -1.06
C ILE A 73 3.32 23.39 -0.86
N VAL A 74 2.07 23.41 -1.35
CA VAL A 74 1.21 22.23 -1.29
C VAL A 74 1.82 21.02 -2.07
N LYS A 75 2.41 21.28 -3.26
CA LYS A 75 3.03 20.24 -4.06
C LYS A 75 4.18 19.58 -3.32
N ARG A 76 5.02 20.39 -2.69
CA ARG A 76 6.18 19.91 -1.97
C ARG A 76 5.82 19.26 -0.63
N LEU A 77 4.76 19.73 0.04
CA LEU A 77 4.31 19.09 1.28
C LEU A 77 3.74 17.72 0.95
N ASN A 78 2.97 17.61 -0.13
CA ASN A 78 2.41 16.36 -0.59
C ASN A 78 3.48 15.37 -1.04
N ARG A 79 4.56 15.88 -1.63
CA ARG A 79 5.70 15.06 -2.04
C ARG A 79 6.36 14.45 -0.82
N VAL A 80 6.55 15.23 0.26
CA VAL A 80 7.10 14.76 1.52
C VAL A 80 6.22 13.67 2.13
N VAL A 81 4.88 13.81 2.02
CA VAL A 81 3.90 12.84 2.49
C VAL A 81 4.12 11.49 1.81
N LEU A 82 4.38 11.53 0.49
CA LEU A 82 4.64 10.33 -0.31
C LEU A 82 5.97 9.67 0.08
N ILE A 83 6.98 10.50 0.35
CA ILE A 83 8.30 10.01 0.75
C ILE A 83 8.22 9.37 2.15
N LEU A 84 7.44 9.97 3.06
CA LEU A 84 7.27 9.45 4.41
C LEU A 84 6.57 8.12 4.38
N LYS A 85 5.53 7.96 3.53
CA LYS A 85 4.84 6.67 3.39
C LYS A 85 5.79 5.57 2.92
N LEU A 86 6.71 5.94 2.02
CA LEU A 86 7.70 5.01 1.49
C LEU A 86 8.65 4.57 2.59
N LEU A 87 9.07 5.51 3.44
CA LEU A 87 9.96 5.20 4.55
C LEU A 87 9.29 4.32 5.63
N VAL A 88 7.98 4.49 5.86
CA VAL A 88 7.25 3.63 6.80
C VAL A 88 7.24 2.16 6.26
N ASP A 89 7.14 2.01 4.92
CA ASP A 89 7.17 0.72 4.24
C ASP A 89 8.54 0.07 4.15
N GLN A 90 9.61 0.78 4.51
CA GLN A 90 10.95 0.22 4.48
C GLN A 90 11.24 -0.60 5.74
N VAL A 91 10.51 -0.35 6.86
CA VAL A 91 10.66 -1.12 8.10
C VAL A 91 10.38 -2.62 7.87
N PRO A 92 9.25 -3.02 7.24
CA PRO A 92 9.02 -4.46 7.02
C PRO A 92 10.12 -5.18 6.19
N ILE A 93 10.90 -4.43 5.40
CA ILE A 93 12.00 -4.97 4.62
C ILE A 93 13.16 -5.32 5.54
N LEU A 94 13.46 -4.44 6.51
CA LEU A 94 14.53 -4.73 7.47
C LEU A 94 14.07 -5.82 8.45
N GLU A 95 12.76 -5.88 8.76
CA GLU A 95 12.20 -6.93 9.61
C GLU A 95 12.36 -8.35 9.02
N THR A 96 12.83 -8.45 7.75
CA THR A 96 13.12 -9.71 7.09
C THR A 96 14.35 -10.40 7.75
N MET A 97 15.26 -9.60 8.35
CA MET A 97 16.44 -10.03 9.06
C MET A 97 16.07 -10.68 10.39
N THR A 98 16.68 -11.83 10.73
CA THR A 98 16.39 -12.49 11.99
C THR A 98 17.17 -11.87 13.14
N PRO A 99 16.63 -11.97 14.38
CA PRO A 99 17.33 -11.40 15.53
C PRO A 99 18.70 -12.00 15.78
N LEU A 100 18.89 -13.28 15.43
CA LEU A 100 20.16 -13.99 15.61
C LEU A 100 21.18 -13.59 14.56
N ASP A 101 20.71 -13.28 13.34
CA ASP A 101 21.57 -12.79 12.27
C ASP A 101 22.03 -11.39 12.67
N PHE A 102 21.11 -10.54 13.16
CA PHE A 102 21.45 -9.20 13.64
C PHE A 102 22.45 -9.25 14.80
N MET A 103 22.28 -10.20 15.72
CA MET A 103 23.16 -10.40 16.88
C MET A 103 24.61 -10.70 16.47
N ASP A 104 24.81 -11.36 15.31
CA ASP A 104 26.14 -11.77 14.82
C ASP A 104 26.97 -10.63 14.19
N PHE A 105 26.38 -9.45 13.98
CA PHE A 105 27.13 -8.32 13.45
C PHE A 105 26.95 -7.02 14.28
N ARG A 106 26.05 -7.03 15.29
CA ARG A 106 25.76 -5.91 16.19
C ARG A 106 27.00 -5.39 16.93
N LYS A 107 28.01 -6.24 17.10
CA LYS A 107 29.28 -5.96 17.76
C LYS A 107 30.03 -4.79 17.11
N TYR A 108 29.94 -4.69 15.79
CA TYR A 108 30.63 -3.66 15.02
C TYR A 108 29.93 -2.28 15.01
N LEU A 109 28.74 -2.19 15.64
CA LEU A 109 27.92 -0.98 15.67
C LEU A 109 28.23 -0.07 16.88
N GLN A 116 21.40 10.13 17.08
CA GLN A 116 21.69 9.03 16.18
C GLN A 116 22.11 9.55 14.74
N SER A 117 21.09 9.85 13.87
CA SER A 117 21.24 10.36 12.50
C SER A 117 21.19 11.89 12.53
N LEU A 118 22.14 12.55 11.87
CA LEU A 118 22.14 14.01 11.80
C LEU A 118 20.91 14.48 11.01
N GLN A 119 20.62 13.80 9.88
CA GLN A 119 19.53 14.19 9.01
C GLN A 119 18.17 13.99 9.65
N PHE A 120 17.98 12.94 10.47
CA PHE A 120 16.68 12.74 11.14
C PHE A 120 16.41 13.87 12.11
N ARG A 121 17.45 14.30 12.84
CA ARG A 121 17.36 15.40 13.80
C ARG A 121 17.10 16.70 13.08
N LEU A 122 17.74 16.93 11.93
CA LEU A 122 17.49 18.14 11.15
C LEU A 122 16.03 18.23 10.69
N ILE A 123 15.40 17.09 10.38
CA ILE A 123 14.00 17.02 9.99
C ILE A 123 13.12 17.39 11.17
N GLU A 124 13.34 16.75 12.33
CA GLU A 124 12.62 17.02 13.58
C GLU A 124 12.67 18.52 13.91
N ASN A 125 13.89 19.10 13.89
CA ASN A 125 14.09 20.51 14.18
C ASN A 125 13.46 21.46 13.14
N LYS A 126 13.67 21.22 11.84
CA LYS A 126 13.11 22.06 10.79
C LYS A 126 11.58 21.99 10.73
N LEU A 127 10.99 20.85 11.10
CA LEU A 127 9.54 20.72 11.15
C LEU A 127 9.04 21.55 12.35
N GLY A 128 9.68 21.38 13.50
CA GLY A 128 9.32 22.16 14.67
C GLY A 128 9.25 21.39 15.98
N VAL A 129 9.95 20.25 16.08
CA VAL A 129 9.97 19.50 17.34
C VAL A 129 10.78 20.36 18.35
N LEU A 130 10.06 20.89 19.35
CA LEU A 130 10.61 21.80 20.35
C LEU A 130 11.67 21.13 21.21
N THR A 131 12.83 21.78 21.31
CA THR A 131 14.00 21.30 22.05
C THR A 131 13.67 20.99 23.54
N GLU A 132 12.71 21.71 24.14
CA GLU A 132 12.31 21.47 25.52
C GLU A 132 11.36 20.26 25.71
N GLN A 133 11.12 19.47 24.64
CA GLN A 133 10.27 18.29 24.73
C GLN A 133 11.08 16.99 24.70
N GLU A 148 32.13 19.42 13.64
CA GLU A 148 31.77 20.85 13.70
C GLU A 148 30.82 21.29 12.60
N GLU A 149 30.81 20.58 11.48
CA GLU A 149 29.87 20.83 10.39
C GLU A 149 28.47 20.39 10.84
N ALA A 150 28.39 19.21 11.53
CA ALA A 150 27.17 18.64 12.08
C ALA A 150 26.63 19.48 13.25
N ARG A 151 27.52 20.05 14.07
CA ARG A 151 27.13 20.88 15.20
C ARG A 151 26.51 22.17 14.72
N ASN A 152 27.11 22.78 13.70
CA ASN A 152 26.64 24.00 13.08
C ASN A 152 25.27 23.76 12.46
N SER A 153 25.07 22.60 11.81
CA SER A 153 23.81 22.24 11.17
C SER A 153 22.67 22.18 12.20
N ILE A 154 22.92 21.49 13.33
CA ILE A 154 21.92 21.38 14.39
C ILE A 154 21.68 22.71 15.08
N ARG A 155 22.72 23.52 15.25
CA ARG A 155 22.58 24.86 15.82
C ARG A 155 21.65 25.70 14.95
N ASN A 156 21.92 25.77 13.64
CA ASN A 156 21.11 26.53 12.69
C ASN A 156 19.68 26.05 12.59
N SER A 157 19.45 24.74 12.69
CA SER A 157 18.09 24.18 12.62
C SER A 157 17.22 24.57 13.84
N GLU A 158 17.86 24.91 14.97
CA GLU A 158 17.18 25.35 16.18
C GLU A 158 17.01 26.88 16.20
N LYS A 159 18.01 27.61 15.68
CA LYS A 159 17.98 29.07 15.65
C LYS A 159 17.08 29.64 14.55
N ASP A 160 17.21 29.13 13.32
CA ASP A 160 16.40 29.59 12.20
C ASP A 160 14.95 29.15 12.35
N PRO A 161 14.00 29.95 11.83
CA PRO A 161 12.59 29.61 12.02
C PRO A 161 12.13 28.29 11.43
N SER A 162 11.54 27.43 12.27
CA SER A 162 11.02 26.14 11.87
C SER A 162 9.73 26.29 11.04
N LEU A 163 9.21 25.17 10.48
CA LEU A 163 7.95 25.21 9.74
C LEU A 163 6.79 25.60 10.66
N LEU A 164 6.82 25.18 11.94
CA LEU A 164 5.81 25.52 12.94
C LEU A 164 5.76 27.04 13.16
N GLU A 165 6.93 27.71 13.26
CA GLU A 165 6.98 29.15 13.46
C GLU A 165 6.50 29.90 12.22
N LEU A 166 6.97 29.49 11.04
CA LEU A 166 6.63 30.13 9.77
C LEU A 166 5.17 29.96 9.38
N VAL A 167 4.58 28.79 9.71
CA VAL A 167 3.17 28.53 9.44
C VAL A 167 2.33 29.41 10.36
N GLN A 168 2.72 29.56 11.64
CA GLN A 168 2.02 30.40 12.59
C GLN A 168 1.95 31.84 12.12
N ARG A 169 3.07 32.39 11.61
CA ARG A 169 3.09 33.75 11.10
C ARG A 169 2.18 33.94 9.90
N TRP A 170 2.11 32.91 9.03
CA TRP A 170 1.25 32.89 7.86
C TRP A 170 -0.21 32.90 8.30
N LEU A 171 -0.55 32.06 9.30
CA LEU A 171 -1.89 31.91 9.86
C LEU A 171 -2.37 33.19 10.52
N GLU A 172 -1.46 33.89 11.20
CA GLU A 172 -1.73 35.16 11.89
C GLU A 172 -2.13 36.27 10.89
N ARG A 173 -1.58 36.23 9.67
CA ARG A 173 -1.86 37.21 8.62
C ARG A 173 -2.97 36.77 7.66
N THR A 174 -3.81 35.82 8.08
CA THR A 174 -4.90 35.31 7.25
C THR A 174 -5.95 36.39 6.99
N PRO A 175 -6.26 36.67 5.72
CA PRO A 175 -7.30 37.67 5.42
C PRO A 175 -8.69 37.20 5.86
N GLY A 176 -9.34 38.04 6.63
CA GLY A 176 -10.64 37.77 7.22
C GLY A 176 -10.63 37.94 8.73
N LEU A 177 -9.44 37.96 9.35
CA LEU A 177 -9.23 38.12 10.79
C LEU A 177 -9.28 39.57 11.23
N GLU A 178 -8.86 40.51 10.35
CA GLU A 178 -8.79 41.94 10.67
C GLU A 178 -10.15 42.55 11.00
N GLU A 179 -10.20 43.31 12.13
CA GLU A 179 -11.39 43.99 12.65
C GLU A 179 -11.99 44.94 11.64
N SER A 180 -11.14 45.66 10.90
CA SER A 180 -11.59 46.61 9.89
C SER A 180 -12.26 45.92 8.69
N GLY A 181 -11.78 44.73 8.35
CA GLY A 181 -12.30 43.94 7.26
C GLY A 181 -13.45 43.01 7.64
N PHE A 182 -13.28 41.71 7.38
CA PHE A 182 -14.31 40.72 7.68
C PHE A 182 -14.58 40.52 9.18
N ASN A 183 -13.54 40.67 10.04
CA ASN A 183 -13.67 40.55 11.50
C ASN A 183 -14.29 39.20 11.90
N PHE A 184 -13.62 38.10 11.58
CA PHE A 184 -14.16 36.76 11.84
C PHE A 184 -14.34 36.43 13.32
N TRP A 185 -13.30 36.62 14.15
CA TRP A 185 -13.36 36.23 15.56
C TRP A 185 -14.55 36.83 16.32
N ALA A 186 -14.90 38.10 16.04
CA ALA A 186 -16.03 38.77 16.68
C ALA A 186 -17.35 38.18 16.22
N LYS A 187 -17.48 37.90 14.90
CA LYS A 187 -18.69 37.31 14.33
C LYS A 187 -18.90 35.87 14.84
N PHE A 188 -17.80 35.13 15.05
CA PHE A 188 -17.76 33.75 15.54
C PHE A 188 -18.23 33.71 17.01
N GLN A 189 -17.74 34.62 17.87
CA GLN A 189 -18.17 34.67 19.27
C GLN A 189 -19.67 34.93 19.38
N GLU A 190 -20.19 35.83 18.53
CA GLU A 190 -21.60 36.17 18.50
C GLU A 190 -22.45 35.00 17.99
N SER A 191 -21.95 34.29 16.97
CA SER A 191 -22.63 33.15 16.40
C SER A 191 -22.73 32.02 17.41
N VAL A 192 -21.64 31.82 18.20
CA VAL A 192 -21.57 30.79 19.24
C VAL A 192 -22.62 31.10 20.30
N ASP A 193 -22.70 32.37 20.74
CA ASP A 193 -23.63 32.81 21.76
C ASP A 193 -25.07 32.57 21.35
N ARG A 194 -25.43 32.92 20.11
CA ARG A 194 -26.77 32.71 19.61
C ARG A 194 -27.08 31.23 19.38
N PHE A 195 -26.07 30.45 18.98
CA PHE A 195 -26.26 29.02 18.74
C PHE A 195 -26.49 28.30 20.05
N LEU A 196 -25.68 28.59 21.06
CA LEU A 196 -25.82 27.96 22.37
C LEU A 196 -27.12 28.36 23.05
N GLU A 197 -27.60 29.60 22.82
CA GLU A 197 -28.89 30.04 23.36
C GLU A 197 -30.01 29.21 22.73
N ALA A 198 -29.97 29.02 21.40
CA ALA A 198 -30.97 28.22 20.68
C ALA A 198 -30.98 26.77 21.15
N GLN A 199 -29.80 26.25 21.53
CA GLN A 199 -29.63 24.90 22.05
C GLN A 199 -30.26 24.74 23.43
N VAL A 200 -30.16 25.79 24.25
CA VAL A 200 -30.72 25.82 25.61
C VAL A 200 -32.25 25.83 25.52
N GLN A 201 -32.80 26.65 24.60
CA GLN A 201 -34.26 26.72 24.40
C GLN A 201 -34.81 25.41 23.89
N SER A 202 -34.06 24.72 23.02
CA SER A 202 -34.43 23.42 22.47
C SER A 202 -34.38 22.35 23.56
N ALA A 203 -33.36 22.40 24.42
CA ALA A 203 -33.19 21.46 25.52
C ALA A 203 -34.27 21.69 26.59
N MET A 204 -34.76 22.92 26.75
CA MET A 204 -35.81 23.23 27.71
C MET A 204 -37.13 22.59 27.32
N GLU A 205 -37.40 22.45 26.00
CA GLU A 205 -38.62 21.83 25.51
C GLU A 205 -38.54 20.29 25.44
N GLU A 206 -37.47 19.67 25.98
CA GLU A 206 -37.34 18.23 25.98
C GLU A 206 -38.36 17.60 26.95
N PRO A 207 -39.18 16.66 26.46
CA PRO A 207 -40.20 16.06 27.34
C PRO A 207 -39.61 15.19 28.45
N VAL A 208 -38.68 14.29 28.10
CA VAL A 208 -38.05 13.40 29.07
C VAL A 208 -37.06 14.19 29.90
N GLU A 209 -37.15 14.07 31.22
CA GLU A 209 -36.28 14.81 32.12
C GLU A 209 -34.82 14.39 32.00
N LYS A 210 -34.55 13.07 31.78
CA LYS A 210 -33.17 12.60 31.66
C LYS A 210 -32.45 13.18 30.45
N ALA A 211 -33.15 13.25 29.32
CA ALA A 211 -32.62 13.78 28.07
C ALA A 211 -32.36 15.30 28.17
N LYS A 212 -33.25 16.00 28.86
CA LYS A 212 -33.20 17.44 29.08
C LYS A 212 -31.94 17.80 29.87
N ASN A 213 -31.65 17.06 30.94
CA ASN A 213 -30.49 17.30 31.78
C ASN A 213 -29.20 16.95 31.05
N TYR A 214 -29.22 15.91 30.21
CA TYR A 214 -28.05 15.51 29.45
C TYR A 214 -27.64 16.63 28.50
N ARG A 215 -28.63 17.20 27.79
CA ARG A 215 -28.40 18.29 26.86
C ARG A 215 -27.89 19.53 27.57
N LEU A 216 -28.51 19.90 28.71
CA LEU A 216 -28.07 21.06 29.47
C LEU A 216 -26.64 20.91 30.04
N MET A 217 -26.29 19.69 30.48
CA MET A 217 -24.93 19.42 30.97
C MET A 217 -23.96 19.55 29.78
N ASP A 218 -24.35 19.04 28.58
CA ASP A 218 -23.55 19.09 27.38
C ASP A 218 -23.31 20.54 26.90
N ILE A 219 -24.35 21.40 26.90
CA ILE A 219 -24.21 22.82 26.56
C ILE A 219 -23.22 23.52 27.52
N GLU A 220 -23.17 23.08 28.78
CA GLU A 220 -22.23 23.62 29.76
C GLU A 220 -20.77 23.21 29.38
N LYS A 221 -20.58 21.98 28.86
CA LYS A 221 -19.28 21.50 28.40
C LYS A 221 -18.81 22.31 27.19
N ARG A 222 -19.75 22.70 26.30
CA ARG A 222 -19.50 23.52 25.12
C ARG A 222 -19.05 24.90 25.55
N ARG A 223 -19.73 25.51 26.55
CA ARG A 223 -19.37 26.82 27.10
C ARG A 223 -17.92 26.84 27.57
N GLU A 224 -17.47 25.74 28.20
CA GLU A 224 -16.09 25.57 28.67
C GLU A 224 -15.08 25.45 27.53
N VAL A 225 -15.49 24.80 26.43
CA VAL A 225 -14.67 24.65 25.22
C VAL A 225 -14.42 26.04 24.63
N TYR A 226 -15.49 26.82 24.44
CA TYR A 226 -15.38 28.15 23.86
C TYR A 226 -14.65 29.12 24.77
N ARG A 227 -14.66 28.88 26.08
CA ARG A 227 -13.94 29.71 27.02
C ARG A 227 -12.41 29.58 26.75
N SER A 228 -11.95 28.36 26.44
CA SER A 228 -10.54 28.08 26.15
C SER A 228 -10.01 28.77 24.88
N ILE A 229 -10.92 29.27 24.00
CA ILE A 229 -10.49 29.97 22.79
C ILE A 229 -10.87 31.45 22.79
N PHE A 230 -11.97 31.81 23.44
CA PHE A 230 -12.43 33.19 23.49
C PHE A 230 -11.83 34.03 24.65
N ASP A 231 -11.08 33.36 25.56
CA ASP A 231 -10.37 34.00 26.66
C ASP A 231 -8.90 33.76 26.37
N PRO A 232 -8.16 34.82 26.00
CA PRO A 232 -6.74 34.64 25.67
C PRO A 232 -5.90 34.15 26.83
N ALA A 233 -6.29 34.49 28.08
CA ALA A 233 -5.57 34.06 29.28
C ALA A 233 -5.65 32.54 29.45
N VAL A 234 -6.83 31.94 29.14
CA VAL A 234 -7.02 30.49 29.21
C VAL A 234 -6.18 29.78 28.13
N HIS A 235 -6.11 30.38 26.93
CA HIS A 235 -5.30 29.86 25.85
C HIS A 235 -3.81 29.90 26.23
N ASP A 236 -3.32 31.06 26.69
CA ASP A 236 -1.92 31.25 27.09
C ASP A 236 -1.47 30.25 28.15
N ALA A 237 -2.39 29.88 29.06
CA ALA A 237 -2.11 28.91 30.12
C ALA A 237 -1.87 27.52 29.53
N LEU A 238 -2.66 27.15 28.52
CA LEU A 238 -2.54 25.87 27.83
C LEU A 238 -1.29 25.79 26.97
N VAL A 239 -0.83 26.94 26.43
CA VAL A 239 0.40 27.00 25.62
C VAL A 239 1.61 26.76 26.51
N ARG A 240 1.62 27.42 27.68
CA ARG A 240 2.69 27.26 28.67
C ARG A 240 2.69 25.85 29.27
N ARG A 241 1.50 25.27 29.46
CA ARG A 241 1.31 23.91 29.95
C ARG A 241 1.78 22.84 28.93
N GLY A 242 1.79 23.19 27.64
CA GLY A 242 2.22 22.28 26.59
C GLY A 242 1.11 21.64 25.79
N ASP A 243 -0.16 21.91 26.17
CA ASP A 243 -1.32 21.38 25.48
C ASP A 243 -1.53 22.05 24.10
N ARG A 244 -1.03 23.27 23.95
CA ARG A 244 -1.08 24.04 22.72
C ARG A 244 0.30 24.61 22.40
N ARG A 245 0.56 24.86 21.12
CA ARG A 245 1.83 25.43 20.65
C ARG A 245 1.58 26.78 19.97
N PHE A 246 0.49 26.86 19.21
CA PHE A 246 0.08 28.01 18.41
C PHE A 246 -0.17 29.24 19.22
N SER A 247 0.11 30.40 18.62
CA SER A 247 -0.21 31.67 19.24
C SER A 247 -1.75 31.81 19.13
N HIS A 248 -2.35 32.68 19.95
CA HIS A 248 -3.79 32.91 19.90
C HIS A 248 -4.29 33.29 18.46
N ARG A 249 -3.62 34.24 17.81
CA ARG A 249 -3.98 34.65 16.46
C ARG A 249 -3.73 33.59 15.38
N ALA A 250 -2.74 32.69 15.56
CA ALA A 250 -2.52 31.62 14.60
C ALA A 250 -3.67 30.59 14.71
N LEU A 251 -4.16 30.33 15.95
CA LEU A 251 -5.29 29.45 16.21
C LEU A 251 -6.59 30.04 15.61
N GLN A 252 -6.72 31.37 15.60
CA GLN A 252 -7.88 32.04 15.02
C GLN A 252 -7.90 31.80 13.51
N GLY A 253 -6.73 31.99 12.87
CA GLY A 253 -6.58 31.78 11.43
C GLY A 253 -6.77 30.33 11.04
N ALA A 254 -6.28 29.38 11.86
CA ALA A 254 -6.43 27.96 11.60
C ALA A 254 -7.91 27.57 11.70
N ILE A 255 -8.62 28.08 12.72
CA ILE A 255 -10.06 27.82 12.92
C ILE A 255 -10.85 28.38 11.74
N MET A 256 -10.51 29.60 11.31
CA MET A 256 -11.18 30.24 10.18
C MET A 256 -11.06 29.45 8.88
N ILE A 257 -9.85 28.96 8.59
CA ILE A 257 -9.59 28.16 7.40
C ILE A 257 -10.42 26.88 7.42
N THR A 258 -10.52 26.22 8.61
CA THR A 258 -11.29 24.97 8.75
C THR A 258 -12.79 25.18 8.59
N PHE A 259 -13.28 26.39 8.84
CA PHE A 259 -14.69 26.73 8.73
C PHE A 259 -15.09 26.95 7.28
N TYR A 260 -14.20 27.57 6.49
CA TYR A 260 -14.50 27.89 5.10
C TYR A 260 -13.68 27.10 4.09
N ARG A 261 -13.27 25.88 4.45
CA ARG A 261 -12.44 25.01 3.62
C ARG A 261 -13.09 24.64 2.29
N ASP A 262 -14.43 24.67 2.21
CA ASP A 262 -15.12 24.35 0.95
C ASP A 262 -15.12 25.53 -0.03
N GLU A 263 -14.76 26.76 0.44
CA GLU A 263 -14.66 27.96 -0.38
C GLU A 263 -13.33 28.00 -1.10
N PRO A 264 -13.33 28.36 -2.39
CA PRO A 264 -12.06 28.38 -3.16
C PRO A 264 -10.90 29.16 -2.52
N ARG A 265 -11.22 30.26 -1.85
CA ARG A 265 -10.25 31.11 -1.17
C ARG A 265 -9.50 30.36 -0.08
N PHE A 266 -10.19 29.46 0.62
CA PHE A 266 -9.59 28.73 1.74
C PHE A 266 -9.32 27.25 1.46
N SER A 267 -9.63 26.76 0.26
CA SER A 267 -9.40 25.33 -0.05
C SER A 267 -7.93 24.95 -0.09
N GLN A 268 -7.09 25.80 -0.69
CA GLN A 268 -5.66 25.52 -0.75
C GLN A 268 -4.98 25.77 0.62
N PRO A 269 -5.27 26.88 1.36
CA PRO A 269 -4.70 27.01 2.71
C PRO A 269 -5.05 25.83 3.62
N HIS A 270 -6.27 25.26 3.50
CA HIS A 270 -6.69 24.10 4.27
C HIS A 270 -5.93 22.85 3.88
N GLN A 271 -5.67 22.67 2.58
CA GLN A 271 -4.91 21.55 2.08
C GLN A 271 -3.48 21.59 2.66
N LEU A 272 -2.91 22.81 2.82
CA LEU A 272 -1.59 23.03 3.42
C LEU A 272 -1.59 22.54 4.89
N LEU A 273 -2.64 22.89 5.67
CA LEU A 273 -2.77 22.44 7.07
C LEU A 273 -2.93 20.93 7.14
N THR A 274 -3.71 20.38 6.23
CA THR A 274 -3.99 18.95 6.14
C THR A 274 -2.72 18.18 5.86
N LEU A 275 -1.86 18.69 4.96
CA LEU A 275 -0.61 18.01 4.65
C LEU A 275 0.37 18.05 5.80
N LEU A 276 0.37 19.14 6.57
CA LEU A 276 1.20 19.28 7.77
C LEU A 276 0.82 18.25 8.84
N MET A 277 -0.48 17.99 8.97
CA MET A 277 -1.00 16.98 9.89
C MET A 277 -0.66 15.58 9.40
N ASP A 278 -0.71 15.36 8.07
CA ASP A 278 -0.40 14.07 7.47
C ASP A 278 1.07 13.74 7.68
N ILE A 279 1.97 14.74 7.58
CA ILE A 279 3.42 14.60 7.82
C ILE A 279 3.68 14.20 9.27
N ASP A 280 3.00 14.89 10.19
CA ASP A 280 3.07 14.68 11.62
C ASP A 280 2.63 13.27 11.99
N SER A 281 1.52 12.82 11.40
CA SER A 281 0.96 11.49 11.61
C SER A 281 1.88 10.40 11.09
N LEU A 282 2.51 10.63 9.90
CA LEU A 282 3.43 9.70 9.28
C LEU A 282 4.75 9.60 10.02
N ILE A 283 5.20 10.68 10.64
CA ILE A 283 6.42 10.62 11.46
C ILE A 283 6.17 9.75 12.72
N THR A 284 4.96 9.81 13.27
CA THR A 284 4.58 8.98 14.41
C THR A 284 4.41 7.51 13.98
N LYS A 285 3.87 7.27 12.77
CA LYS A 285 3.74 5.93 12.21
C LYS A 285 5.12 5.31 11.96
N TRP A 286 6.14 6.14 11.62
CA TRP A 286 7.50 5.60 11.46
C TRP A 286 8.04 5.26 12.82
N ARG A 287 7.88 6.15 13.80
CA ARG A 287 8.37 5.93 15.17
C ARG A 287 7.81 4.65 15.78
N TYR A 288 6.51 4.38 15.51
CA TYR A 288 5.84 3.20 16.03
C TYR A 288 6.39 1.96 15.33
N ASN A 289 6.49 1.99 14.00
CA ASN A 289 6.99 0.86 13.23
C ASN A 289 8.42 0.53 13.59
N HIS A 290 9.24 1.56 13.85
CA HIS A 290 10.63 1.44 14.26
C HIS A 290 10.73 0.80 15.65
N VAL A 291 9.91 1.26 16.62
CA VAL A 291 9.90 0.73 17.99
C VAL A 291 9.44 -0.75 18.01
N ILE A 292 8.52 -1.15 17.12
CA ILE A 292 8.06 -2.55 17.03
C ILE A 292 9.18 -3.45 16.45
N MET A 293 9.93 -2.92 15.49
CA MET A 293 11.05 -3.61 14.86
C MET A 293 12.17 -3.79 15.88
N VAL A 294 12.45 -2.75 16.70
CA VAL A 294 13.47 -2.79 17.75
C VAL A 294 13.13 -3.90 18.75
N GLN A 295 11.85 -4.02 19.13
CA GLN A 295 11.39 -5.03 20.07
C GLN A 295 11.41 -6.45 19.47
N ARG A 296 11.24 -6.54 18.16
CA ARG A 296 11.32 -7.83 17.47
C ARG A 296 12.78 -8.28 17.33
N MET A 297 13.72 -7.34 17.20
CA MET A 297 15.15 -7.64 17.03
C MET A 297 15.89 -7.86 18.35
N ILE A 298 15.72 -6.96 19.33
CA ILE A 298 16.48 -7.03 20.56
C ILE A 298 15.62 -7.00 21.84
N GLY A 299 14.30 -7.02 21.72
CA GLY A 299 13.40 -6.96 22.87
C GLY A 299 13.44 -5.62 23.59
N SER A 300 12.96 -5.56 24.85
CA SER A 300 13.04 -4.29 25.61
C SER A 300 14.50 -3.98 26.02
N GLN A 301 15.29 -5.03 26.24
CA GLN A 301 16.72 -4.94 26.58
C GLN A 301 17.48 -6.17 26.08
N GLN A 302 18.78 -6.01 25.83
CA GLN A 302 19.62 -7.09 25.32
C GLN A 302 21.09 -6.81 25.72
N LEU A 303 21.99 -7.77 25.50
CA LEU A 303 23.39 -7.66 25.81
C LEU A 303 24.02 -6.50 25.06
N GLY A 304 24.39 -5.45 25.78
CA GLY A 304 24.97 -4.25 25.22
C GLY A 304 24.08 -3.03 25.39
N THR A 305 22.77 -3.25 25.64
CA THR A 305 21.77 -2.19 25.81
C THR A 305 21.92 -1.46 27.17
N GLY A 306 22.36 -2.19 28.19
CA GLY A 306 22.53 -1.63 29.53
C GLY A 306 21.17 -1.32 30.14
N GLY A 307 20.26 -2.27 30.03
CA GLY A 307 18.89 -2.08 30.52
C GLY A 307 17.90 -1.72 29.42
N SER A 308 16.66 -1.39 29.78
CA SER A 308 15.64 -1.04 28.79
C SER A 308 15.50 0.48 28.57
N SER A 309 16.57 1.25 28.85
CA SER A 309 16.56 2.71 28.75
C SER A 309 16.37 3.24 27.33
N GLY A 310 17.04 2.64 26.35
CA GLY A 310 16.94 3.05 24.96
C GLY A 310 15.57 2.75 24.36
N TYR A 311 15.02 1.57 24.68
CA TYR A 311 13.70 1.13 24.24
C TYR A 311 12.61 2.01 24.85
N GLN A 312 12.72 2.30 26.16
CA GLN A 312 11.77 3.16 26.87
C GLN A 312 11.82 4.60 26.38
N TYR A 313 12.99 5.06 25.90
CA TYR A 313 13.12 6.40 25.31
C TYR A 313 12.29 6.41 24.03
N LEU A 314 12.44 5.37 23.17
CA LEU A 314 11.72 5.28 21.92
C LEU A 314 10.21 5.26 22.14
N ARG A 315 9.75 4.63 23.23
CA ARG A 315 8.32 4.60 23.55
C ARG A 315 7.79 5.95 24.02
N SER A 316 8.66 6.80 24.58
CA SER A 316 8.26 8.12 25.00
C SER A 316 8.18 9.11 23.80
N THR A 317 8.82 8.78 22.66
CA THR A 317 8.72 9.59 21.44
C THR A 317 7.37 9.42 20.72
N LEU A 318 6.56 8.44 21.15
CA LEU A 318 5.22 8.22 20.59
C LEU A 318 4.15 9.17 21.17
N SER A 319 4.49 9.90 22.26
CA SER A 319 3.61 10.85 22.96
C SER A 319 3.31 12.10 22.12
N ASP A 320 2.25 12.82 22.49
CA ASP A 320 1.89 14.04 21.79
C ASP A 320 2.91 15.20 22.02
N ARG A 321 3.88 15.02 22.94
CA ARG A 321 4.98 15.97 23.13
C ARG A 321 5.87 16.02 21.89
N TYR A 322 5.82 14.98 21.02
CA TYR A 322 6.61 14.93 19.79
C TYR A 322 5.83 15.35 18.54
N LYS A 323 4.49 15.48 18.63
CA LYS A 323 3.65 15.97 17.54
C LYS A 323 3.82 17.49 17.46
N VAL A 324 4.29 17.99 16.33
CA VAL A 324 4.55 19.42 16.10
C VAL A 324 3.27 20.25 15.94
N PHE A 325 2.36 19.84 15.05
CA PHE A 325 1.13 20.58 14.76
C PHE A 325 -0.05 20.00 15.51
N LEU A 326 0.17 19.78 16.79
CA LEU A 326 -0.77 19.25 17.76
C LEU A 326 -2.11 20.01 17.81
N ASP A 327 -2.06 21.34 17.64
CA ASP A 327 -3.23 22.20 17.65
C ASP A 327 -4.19 21.94 16.52
N LEU A 328 -3.65 21.62 15.34
CA LEU A 328 -4.44 21.40 14.16
C LEU A 328 -5.35 20.18 14.28
N PHE A 329 -4.91 19.15 15.03
CA PHE A 329 -5.69 17.93 15.19
C PHE A 329 -6.99 18.13 15.96
N ASN A 330 -6.99 19.09 16.90
CA ASN A 330 -8.16 19.37 17.72
C ASN A 330 -9.15 20.45 17.19
N LEU A 331 -8.83 21.17 16.10
CA LEU A 331 -9.69 22.23 15.57
C LEU A 331 -11.17 21.88 15.36
N SER A 332 -11.50 20.60 15.18
CA SER A 332 -12.90 20.19 14.98
C SER A 332 -13.76 20.29 16.25
N THR A 333 -13.13 20.41 17.43
CA THR A 333 -13.79 20.57 18.72
C THR A 333 -14.57 21.89 18.80
N PHE A 334 -14.12 22.92 18.06
CA PHE A 334 -14.67 24.27 18.04
C PHE A 334 -15.71 24.52 16.93
N LEU A 335 -16.02 23.52 16.13
CA LEU A 335 -16.94 23.64 15.02
C LEU A 335 -18.39 23.90 15.40
N ILE A 336 -19.05 24.76 14.61
CA ILE A 336 -20.49 25.06 14.70
C ILE A 336 -21.12 24.67 13.35
N PRO A 337 -22.44 24.36 13.29
CA PRO A 337 -23.05 23.96 12.00
C PRO A 337 -22.97 24.99 10.89
N ARG A 338 -23.14 24.58 9.62
CA ARG A 338 -23.07 25.47 8.46
C ARG A 338 -23.92 26.72 8.60
N GLU A 339 -25.17 26.56 9.05
CA GLU A 339 -26.13 27.64 9.24
C GLU A 339 -25.80 28.55 10.46
N ALA A 340 -24.92 28.11 11.36
CA ALA A 340 -24.49 28.91 12.49
C ALA A 340 -23.24 29.74 12.15
N ILE A 341 -22.41 29.28 11.18
CA ILE A 341 -21.20 29.98 10.76
C ILE A 341 -21.52 31.29 10.02
N PRO A 342 -20.87 32.41 10.41
CA PRO A 342 -21.12 33.69 9.72
C PRO A 342 -20.74 33.65 8.24
N PRO A 343 -21.67 34.06 7.35
CA PRO A 343 -21.39 33.97 5.90
C PRO A 343 -20.31 34.92 5.39
N LEU A 344 -19.57 34.51 4.35
CA LEU A 344 -18.52 35.31 3.74
C LEU A 344 -19.08 36.48 2.93
N ASP A 345 -18.59 37.72 3.19
CA ASP A 345 -19.08 38.92 2.51
C ASP A 345 -18.04 39.53 1.55
N GLU A 346 -16.94 40.10 2.10
CA GLU A 346 -15.84 40.71 1.35
C GLU A 346 -16.31 41.73 0.30
N LYS B 3 -27.55 -19.53 -8.26
CA LYS B 3 -26.81 -20.04 -9.41
C LYS B 3 -26.21 -18.89 -10.25
N ILE B 4 -27.04 -17.93 -10.71
CA ILE B 4 -26.53 -16.76 -11.44
C ILE B 4 -25.88 -15.74 -10.46
N TYR B 5 -24.95 -14.90 -10.94
CA TYR B 5 -24.21 -13.91 -10.14
C TYR B 5 -25.03 -13.18 -9.06
N GLY B 6 -26.12 -12.54 -9.46
CA GLY B 6 -26.96 -11.77 -8.55
C GLY B 6 -27.72 -12.61 -7.55
N GLU B 7 -28.06 -13.83 -7.94
CA GLU B 7 -28.78 -14.74 -7.05
C GLU B 7 -27.82 -15.36 -6.05
N TYR B 8 -26.62 -15.75 -6.52
CA TYR B 8 -25.56 -16.38 -5.74
C TYR B 8 -25.13 -15.44 -4.64
N LEU B 9 -24.79 -14.20 -5.00
CA LEU B 9 -24.34 -13.21 -4.04
C LEU B 9 -25.46 -12.50 -3.31
N MET B 10 -26.75 -12.80 -3.62
CA MET B 10 -27.93 -12.21 -2.99
C MET B 10 -27.87 -10.70 -3.03
N LEU B 11 -27.62 -10.16 -4.21
CA LEU B 11 -27.50 -8.73 -4.39
C LEU B 11 -28.83 -7.99 -4.23
N ASP B 12 -29.96 -8.71 -4.35
CA ASP B 12 -31.30 -8.13 -4.10
C ASP B 12 -31.48 -7.79 -2.60
N LYS B 13 -30.74 -8.48 -1.73
CA LYS B 13 -30.75 -8.32 -0.29
C LYS B 13 -29.63 -7.37 0.12
N LEU B 14 -28.41 -7.61 -0.40
CA LEU B 14 -27.21 -6.82 -0.11
C LEU B 14 -27.32 -5.38 -0.60
N LEU B 15 -27.70 -5.20 -1.86
CA LEU B 15 -27.84 -3.85 -2.42
C LEU B 15 -29.17 -3.16 -2.09
N ASP B 16 -29.87 -3.66 -1.08
CA ASP B 16 -31.10 -3.06 -0.59
C ASP B 16 -30.96 -2.62 0.92
N ALA B 17 -29.78 -2.81 1.53
CA ALA B 17 -29.53 -2.44 2.92
C ALA B 17 -28.98 -1.01 3.07
N GLN B 18 -29.09 -0.16 2.04
CA GLN B 18 -28.56 1.21 2.13
C GLN B 18 -29.68 2.24 2.24
N CYS B 19 -29.84 2.80 3.44
CA CYS B 19 -30.91 3.77 3.69
C CYS B 19 -30.41 5.04 4.36
N MET B 20 -30.35 6.13 3.58
CA MET B 20 -29.91 7.42 4.09
C MET B 20 -31.06 8.09 4.81
N LEU B 21 -30.89 8.38 6.10
CA LEU B 21 -31.89 9.06 6.89
C LEU B 21 -31.97 10.56 6.60
N SER B 22 -30.91 11.14 6.01
CA SER B 22 -30.94 12.55 5.62
C SER B 22 -31.81 12.69 4.36
N GLU B 23 -31.72 11.75 3.43
CA GLU B 23 -32.54 11.73 2.20
C GLU B 23 -34.02 11.49 2.55
N GLU B 24 -34.27 10.62 3.56
CA GLU B 24 -35.59 10.26 4.09
C GLU B 24 -36.25 11.52 4.68
N ASP B 25 -35.47 12.33 5.43
CA ASP B 25 -35.96 13.56 6.05
C ASP B 25 -35.98 14.76 5.10
N LYS B 26 -35.80 14.52 3.78
CA LYS B 26 -35.78 15.49 2.69
C LYS B 26 -34.71 16.58 2.85
N ARG B 27 -33.64 16.28 3.62
CA ARG B 27 -32.49 17.15 3.82
C ARG B 27 -31.26 16.26 3.54
N PRO B 28 -30.99 15.88 2.26
CA PRO B 28 -29.93 14.90 2.01
C PRO B 28 -28.51 15.44 2.05
N VAL B 29 -27.60 14.60 2.60
CA VAL B 29 -26.18 14.84 2.73
C VAL B 29 -25.53 13.74 1.93
N HIS B 30 -24.94 14.08 0.77
CA HIS B 30 -24.29 13.16 -0.17
C HIS B 30 -23.28 12.22 0.50
N ASP B 31 -22.48 12.73 1.44
CA ASP B 31 -21.47 11.89 2.12
C ASP B 31 -22.05 10.85 3.10
N GLU B 32 -23.39 10.84 3.34
CA GLU B 32 -24.00 9.81 4.20
C GLU B 32 -23.96 8.43 3.53
N HIS B 33 -24.00 8.39 2.19
CA HIS B 33 -23.91 7.15 1.43
C HIS B 33 -22.53 6.49 1.70
N LEU B 34 -21.47 7.31 1.71
CA LEU B 34 -20.10 6.83 1.96
C LEU B 34 -20.00 6.27 3.36
N PHE B 35 -20.58 6.98 4.35
CA PHE B 35 -20.60 6.58 5.74
C PHE B 35 -21.23 5.19 5.90
N ILE B 36 -22.36 4.93 5.20
CA ILE B 36 -23.06 3.65 5.27
C ILE B 36 -22.25 2.54 4.60
N ILE B 37 -21.88 2.72 3.33
CA ILE B 37 -21.08 1.75 2.58
C ILE B 37 -19.76 1.40 3.30
N THR B 38 -19.00 2.40 3.80
CA THR B 38 -17.74 2.14 4.52
C THR B 38 -17.98 1.24 5.74
N HIS B 39 -19.04 1.53 6.51
CA HIS B 39 -19.38 0.76 7.69
C HIS B 39 -19.80 -0.64 7.34
N GLN B 40 -20.56 -0.80 6.26
CA GLN B 40 -21.01 -2.11 5.80
C GLN B 40 -19.88 -2.94 5.20
N ALA B 41 -18.86 -2.28 4.62
CA ALA B 41 -17.68 -2.97 4.09
C ALA B 41 -16.90 -3.52 5.27
N TYR B 42 -16.76 -2.73 6.38
CA TYR B 42 -16.12 -3.16 7.60
C TYR B 42 -16.85 -4.39 8.15
N GLU B 43 -18.19 -4.34 8.22
CA GLU B 43 -19.00 -5.43 8.78
C GLU B 43 -18.96 -6.69 7.97
N LEU B 44 -18.75 -6.58 6.64
CA LEU B 44 -18.65 -7.78 5.81
C LEU B 44 -17.32 -8.46 6.12
N TRP B 45 -16.23 -7.68 6.21
CA TRP B 45 -14.92 -8.21 6.54
C TRP B 45 -14.82 -8.67 8.00
N PHE B 46 -15.68 -8.14 8.89
CA PHE B 46 -15.74 -8.60 10.28
C PHE B 46 -16.33 -10.01 10.30
N LYS B 47 -17.39 -10.24 9.53
CA LYS B 47 -18.01 -11.56 9.40
C LYS B 47 -16.99 -12.58 8.85
N GLN B 48 -16.12 -12.16 7.89
CA GLN B 48 -15.05 -12.99 7.36
C GLN B 48 -14.01 -13.31 8.41
N ILE B 49 -13.52 -12.29 9.15
CA ILE B 49 -12.52 -12.47 10.22
C ILE B 49 -13.03 -13.43 11.28
N ILE B 50 -14.31 -13.28 11.68
CA ILE B 50 -14.94 -14.16 12.68
C ILE B 50 -14.99 -15.60 12.17
N PHE B 51 -15.33 -15.77 10.90
CA PHE B 51 -15.41 -17.08 10.27
C PHE B 51 -14.06 -17.77 10.28
N GLU B 52 -12.98 -17.01 9.99
CA GLU B 52 -11.62 -17.54 9.95
C GLU B 52 -11.16 -17.89 11.36
N PHE B 53 -11.42 -17.00 12.31
CA PHE B 53 -11.08 -17.20 13.71
C PHE B 53 -11.78 -18.41 14.29
N ASP B 54 -13.06 -18.61 13.98
CA ASP B 54 -13.79 -19.75 14.49
C ASP B 54 -13.26 -21.06 13.95
N SER B 55 -12.83 -21.10 12.69
CA SER B 55 -12.24 -22.30 12.11
C SER B 55 -10.85 -22.57 12.67
N ILE B 56 -10.05 -21.53 12.91
CA ILE B 56 -8.72 -21.67 13.52
C ILE B 56 -8.86 -22.15 14.98
N ARG B 57 -9.90 -21.69 15.69
CA ARG B 57 -10.18 -22.11 17.05
C ARG B 57 -10.51 -23.58 17.08
N ASP B 58 -11.35 -24.05 16.14
CA ASP B 58 -11.73 -25.46 16.05
C ASP B 58 -10.53 -26.35 15.74
N MET B 59 -9.60 -25.84 14.94
CA MET B 59 -8.38 -26.57 14.60
C MET B 59 -7.41 -26.62 15.79
N LEU B 60 -7.36 -25.55 16.60
CA LEU B 60 -6.50 -25.51 17.78
C LEU B 60 -7.09 -26.26 18.98
N ASP B 61 -8.41 -26.54 18.97
CA ASP B 61 -9.12 -27.26 20.03
C ASP B 61 -8.97 -28.77 19.82
N ALA B 62 -7.74 -29.24 19.64
CA ALA B 62 -7.38 -30.64 19.42
C ALA B 62 -6.06 -30.94 20.11
N GLU B 63 -5.90 -32.16 20.63
CA GLU B 63 -4.66 -32.55 21.32
C GLU B 63 -3.46 -32.75 20.34
N VAL B 64 -3.76 -33.05 19.06
CA VAL B 64 -2.79 -33.27 18.00
C VAL B 64 -2.95 -32.23 16.88
N ILE B 65 -1.94 -31.36 16.73
CA ILE B 65 -1.96 -30.37 15.66
C ILE B 65 -0.77 -30.68 14.75
N ASP B 66 -1.03 -31.45 13.68
CA ASP B 66 0.03 -31.87 12.77
C ASP B 66 0.51 -30.75 11.83
N GLU B 67 1.57 -31.02 11.06
CA GLU B 67 2.15 -30.06 10.12
C GLU B 67 1.12 -29.60 9.10
N THR B 68 0.23 -30.49 8.66
CA THR B 68 -0.79 -30.17 7.66
C THR B 68 -1.83 -29.19 8.22
N LYS B 69 -2.33 -29.42 9.46
CA LYS B 69 -3.29 -28.48 10.06
C LYS B 69 -2.60 -27.14 10.38
N THR B 70 -1.32 -27.18 10.78
CA THR B 70 -0.54 -25.98 11.10
C THR B 70 -0.43 -25.08 9.88
N LEU B 71 -0.17 -25.64 8.70
CA LEU B 71 -0.10 -24.92 7.44
C LEU B 71 -1.42 -24.22 7.10
N GLU B 72 -2.55 -24.87 7.35
CA GLU B 72 -3.86 -24.28 7.10
C GLU B 72 -4.16 -23.16 8.10
N ILE B 73 -3.69 -23.28 9.34
CA ILE B 73 -3.84 -22.23 10.34
C ILE B 73 -3.03 -21.01 9.90
N VAL B 74 -1.78 -21.23 9.40
CA VAL B 74 -0.93 -20.16 8.89
C VAL B 74 -1.57 -19.44 7.67
N LYS B 75 -2.20 -20.19 6.76
CA LYS B 75 -2.88 -19.63 5.60
C LYS B 75 -4.00 -18.68 6.02
N ARG B 76 -4.82 -19.12 6.99
CA ARG B 76 -5.96 -18.36 7.48
C ARG B 76 -5.54 -17.19 8.36
N LEU B 77 -4.44 -17.31 9.11
CA LEU B 77 -3.94 -16.20 9.92
C LEU B 77 -3.41 -15.13 9.01
N ASN B 78 -2.67 -15.52 7.95
CA ASN B 78 -2.14 -14.60 6.97
C ASN B 78 -3.27 -13.90 6.17
N ARG B 79 -4.37 -14.62 5.90
CA ARG B 79 -5.54 -14.06 5.24
C ARG B 79 -6.17 -12.95 6.11
N VAL B 80 -6.29 -13.17 7.43
CA VAL B 80 -6.82 -12.19 8.39
C VAL B 80 -5.89 -10.97 8.44
N VAL B 81 -4.56 -11.18 8.34
CA VAL B 81 -3.57 -10.09 8.29
C VAL B 81 -3.84 -9.20 7.06
N LEU B 82 -4.15 -9.81 5.90
CA LEU B 82 -4.45 -9.05 4.69
C LEU B 82 -5.77 -8.29 4.82
N ILE B 83 -6.77 -8.90 5.46
CA ILE B 83 -8.07 -8.28 5.68
C ILE B 83 -7.94 -7.09 6.62
N LEU B 84 -7.10 -7.22 7.65
CA LEU B 84 -6.87 -6.15 8.61
C LEU B 84 -6.17 -5.00 7.94
N LYS B 85 -5.16 -5.27 7.07
CA LYS B 85 -4.46 -4.19 6.34
C LYS B 85 -5.42 -3.40 5.47
N LEU B 86 -6.38 -4.10 4.86
CA LEU B 86 -7.41 -3.54 3.99
C LEU B 86 -8.31 -2.62 4.81
N LEU B 87 -8.71 -3.07 6.00
CA LEU B 87 -9.57 -2.29 6.88
C LEU B 87 -8.87 -1.05 7.44
N VAL B 88 -7.56 -1.11 7.68
CA VAL B 88 -6.80 0.09 8.10
C VAL B 88 -6.84 1.14 6.96
N ASP B 89 -6.77 0.68 5.71
CA ASP B 89 -6.80 1.53 4.53
C ASP B 89 -8.18 2.09 4.19
N GLN B 90 -9.25 1.63 4.87
CA GLN B 90 -10.59 2.14 4.63
C GLN B 90 -10.84 3.44 5.38
N VAL B 91 -10.07 3.72 6.45
CA VAL B 91 -10.18 4.96 7.21
C VAL B 91 -9.92 6.19 6.32
N PRO B 92 -8.80 6.27 5.54
CA PRO B 92 -8.59 7.46 4.68
C PRO B 92 -9.71 7.74 3.67
N ILE B 93 -10.50 6.72 3.33
CA ILE B 93 -11.63 6.87 2.42
C ILE B 93 -12.76 7.60 3.14
N LEU B 94 -13.04 7.26 4.42
CA LEU B 94 -14.06 7.97 5.19
C LEU B 94 -13.57 9.39 5.56
N GLU B 95 -12.23 9.57 5.76
CA GLU B 95 -11.65 10.88 6.03
C GLU B 95 -11.88 11.90 4.88
N THR B 96 -12.36 11.42 3.70
CA THR B 96 -12.71 12.23 2.54
C THR B 96 -13.95 13.14 2.83
N MET B 97 -14.78 12.73 3.80
CA MET B 97 -15.97 13.43 4.25
C MET B 97 -15.57 14.61 5.13
N THR B 98 -16.19 15.79 4.92
CA THR B 98 -15.85 16.96 5.72
C THR B 98 -16.58 16.93 7.06
N PRO B 99 -15.97 17.53 8.10
CA PRO B 99 -16.61 17.55 9.42
C PRO B 99 -17.97 18.25 9.46
N LEU B 100 -18.16 19.21 8.57
CA LEU B 100 -19.43 19.95 8.46
C LEU B 100 -20.48 19.15 7.73
N ASP B 101 -20.06 18.33 6.76
CA ASP B 101 -20.98 17.42 6.07
C ASP B 101 -21.42 16.36 7.08
N PHE B 102 -20.48 15.81 7.86
CA PHE B 102 -20.79 14.82 8.89
C PHE B 102 -21.74 15.39 9.94
N MET B 103 -21.52 16.65 10.32
CA MET B 103 -22.37 17.33 11.31
C MET B 103 -23.84 17.45 10.87
N ASP B 104 -24.08 17.52 9.55
CA ASP B 104 -25.42 17.68 8.97
C ASP B 104 -26.26 16.40 8.94
N PHE B 105 -25.69 15.25 9.29
CA PHE B 105 -26.47 14.01 9.33
C PHE B 105 -26.24 13.23 10.65
N ARG B 106 -25.30 13.65 11.50
CA ARG B 106 -24.97 13.04 12.78
C ARG B 106 -26.20 12.91 13.71
N LYS B 107 -27.20 13.77 13.53
CA LYS B 107 -28.46 13.82 14.29
C LYS B 107 -29.21 12.50 14.22
N TYR B 108 -29.19 11.84 13.05
CA TYR B 108 -29.90 10.58 12.83
C TYR B 108 -29.18 9.35 13.41
N LEU B 109 -28.00 9.52 14.04
CA LEU B 109 -27.21 8.42 14.58
C LEU B 109 -27.49 8.15 16.06
N GLN B 116 -20.28 -0.77 20.67
CA GLN B 116 -20.67 -0.21 19.37
C GLN B 116 -21.15 -1.33 18.36
N SER B 117 -20.19 -2.00 17.67
CA SER B 117 -20.42 -3.09 16.72
C SER B 117 -20.38 -4.43 17.44
N LEU B 118 -21.39 -5.29 17.23
CA LEU B 118 -21.38 -6.62 17.85
C LEU B 118 -20.23 -7.45 17.30
N GLN B 119 -20.00 -7.38 15.97
CA GLN B 119 -18.94 -8.12 15.32
C GLN B 119 -17.55 -7.69 15.73
N PHE B 120 -17.29 -6.39 15.95
CA PHE B 120 -15.96 -5.95 16.40
C PHE B 120 -15.65 -6.52 17.78
N ARG B 121 -16.67 -6.56 18.66
CA ARG B 121 -16.53 -7.09 20.01
C ARG B 121 -16.29 -8.59 19.95
N LEU B 122 -16.99 -9.30 19.06
CA LEU B 122 -16.80 -10.74 18.90
C LEU B 122 -15.35 -11.06 18.48
N ILE B 123 -14.73 -10.20 17.64
CA ILE B 123 -13.34 -10.35 17.21
C ILE B 123 -12.42 -10.14 18.40
N GLU B 124 -12.62 -9.03 19.16
CA GLU B 124 -11.83 -8.72 20.36
C GLU B 124 -11.84 -9.89 21.34
N ASN B 125 -13.03 -10.44 21.62
CA ASN B 125 -13.23 -11.56 22.54
C ASN B 125 -12.64 -12.86 22.01
N LYS B 126 -12.91 -13.20 20.74
CA LYS B 126 -12.37 -14.43 20.15
C LYS B 126 -10.85 -14.42 20.03
N LEU B 127 -10.25 -13.24 19.82
CA LEU B 127 -8.80 -13.11 19.74
C LEU B 127 -8.24 -13.31 21.16
N GLY B 128 -8.83 -12.62 22.14
CA GLY B 128 -8.40 -12.78 23.52
C GLY B 128 -8.26 -11.50 24.32
N VAL B 129 -8.94 -10.43 23.90
CA VAL B 129 -8.91 -9.18 24.65
C VAL B 129 -9.66 -9.43 25.97
N LEU B 130 -8.93 -9.34 27.08
CA LEU B 130 -9.49 -9.63 28.41
C LEU B 130 -10.51 -8.59 28.85
N THR B 131 -11.74 -9.04 29.18
CA THR B 131 -12.86 -8.19 29.58
C THR B 131 -12.54 -7.31 30.83
N GLU B 132 -11.62 -7.77 31.70
CA GLU B 132 -11.18 -7.01 32.88
C GLU B 132 -10.16 -5.90 32.56
N GLN B 133 -9.88 -5.65 31.26
CA GLN B 133 -8.95 -4.60 30.83
C GLN B 133 -9.72 -3.39 30.25
N VAL B 144 -24.67 -3.54 27.39
CA VAL B 144 -24.51 -2.62 26.26
C VAL B 144 -25.38 -2.99 25.04
N PHE B 145 -25.79 -4.26 24.94
CA PHE B 145 -26.62 -4.75 23.85
C PHE B 145 -27.78 -5.53 24.48
N SER B 146 -29.03 -5.05 24.30
CA SER B 146 -30.21 -5.69 24.89
C SER B 146 -30.83 -6.81 24.06
N ASP B 147 -30.34 -7.09 22.83
CA ASP B 147 -30.89 -8.18 21.99
C ASP B 147 -30.51 -9.54 22.55
N GLU B 148 -31.41 -10.54 22.43
CA GLU B 148 -31.15 -11.87 22.97
C GLU B 148 -30.16 -12.68 22.14
N GLU B 149 -30.15 -12.45 20.83
CA GLU B 149 -29.23 -13.13 19.94
C GLU B 149 -27.81 -12.56 20.17
N ALA B 150 -27.71 -11.22 20.33
CA ALA B 150 -26.47 -10.51 20.57
C ALA B 150 -25.90 -10.81 21.96
N ARG B 151 -26.79 -10.99 22.96
CA ARG B 151 -26.37 -11.29 24.33
C ARG B 151 -25.76 -12.67 24.40
N ASN B 152 -26.40 -13.65 23.72
CA ASN B 152 -25.94 -15.02 23.66
C ASN B 152 -24.58 -15.08 22.95
N SER B 153 -24.42 -14.30 21.86
CA SER B 153 -23.17 -14.23 21.09
C SER B 153 -22.00 -13.75 21.95
N ILE B 154 -22.18 -12.65 22.69
CA ILE B 154 -21.13 -12.09 23.52
C ILE B 154 -20.86 -12.98 24.73
N ARG B 155 -21.89 -13.63 25.28
CA ARG B 155 -21.72 -14.57 26.39
C ARG B 155 -20.81 -15.73 25.95
N ASN B 156 -21.13 -16.37 24.81
CA ASN B 156 -20.36 -17.47 24.27
C ASN B 156 -18.93 -17.09 23.88
N SER B 157 -18.72 -15.87 23.37
CA SER B 157 -17.37 -15.43 22.99
C SER B 157 -16.44 -15.26 24.21
N GLU B 158 -17.02 -15.05 25.41
CA GLU B 158 -16.26 -14.91 26.65
C GLU B 158 -16.07 -16.29 27.33
N LYS B 159 -17.10 -17.16 27.24
CA LYS B 159 -17.05 -18.50 27.84
C LYS B 159 -16.16 -19.49 27.06
N ASP B 160 -16.38 -19.58 25.73
CA ASP B 160 -15.60 -20.48 24.87
C ASP B 160 -14.13 -20.04 24.79
N PRO B 161 -13.19 -20.99 24.68
CA PRO B 161 -11.77 -20.61 24.67
C PRO B 161 -11.34 -19.69 23.53
N SER B 162 -10.69 -18.59 23.88
CA SER B 162 -10.19 -17.61 22.92
C SER B 162 -8.92 -18.13 22.20
N LEU B 163 -8.45 -17.40 21.19
CA LEU B 163 -7.24 -17.78 20.48
C LEU B 163 -6.03 -17.72 21.43
N LEU B 164 -6.01 -16.78 22.38
CA LEU B 164 -4.96 -16.64 23.39
C LEU B 164 -4.86 -17.91 24.27
N GLU B 165 -6.02 -18.46 24.70
CA GLU B 165 -6.06 -19.68 25.52
C GLU B 165 -5.60 -20.90 24.70
N LEU B 166 -6.17 -21.08 23.51
CA LEU B 166 -5.86 -22.21 22.63
C LEU B 166 -4.40 -22.22 22.13
N VAL B 167 -3.82 -21.04 21.92
CA VAL B 167 -2.41 -20.92 21.49
C VAL B 167 -1.50 -21.32 22.66
N GLN B 168 -1.85 -20.89 23.89
CA GLN B 168 -1.11 -21.24 25.08
C GLN B 168 -1.05 -22.75 25.28
N ARG B 169 -2.19 -23.46 25.09
CA ARG B 169 -2.28 -24.91 25.22
CA ARG B 169 -2.27 -24.90 25.23
C ARG B 169 -1.39 -25.59 24.20
N TRP B 170 -1.35 -25.06 22.97
CA TRP B 170 -0.55 -25.58 21.87
C TRP B 170 0.92 -25.39 22.20
N LEU B 171 1.30 -24.21 22.72
CA LEU B 171 2.67 -23.85 23.09
C LEU B 171 3.18 -24.71 24.23
N GLU B 172 2.29 -25.03 25.20
CA GLU B 172 2.61 -25.87 26.34
C GLU B 172 2.98 -27.30 25.91
N ARG B 173 2.37 -27.79 24.83
CA ARG B 173 2.63 -29.13 24.31
C ARG B 173 3.68 -29.16 23.20
N THR B 174 4.54 -28.15 23.15
CA THR B 174 5.58 -28.08 22.12
C THR B 174 6.60 -29.18 22.34
N PRO B 175 6.83 -30.03 21.31
CA PRO B 175 7.84 -31.09 21.46
C PRO B 175 9.25 -30.51 21.56
N GLY B 176 9.95 -30.95 22.59
CA GLY B 176 11.29 -30.48 22.93
C GLY B 176 11.36 -29.94 24.34
N LEU B 177 10.19 -29.64 24.95
CA LEU B 177 10.07 -29.12 26.31
C LEU B 177 10.11 -30.24 27.35
N GLU B 178 9.64 -31.46 27.00
CA GLU B 178 9.58 -32.58 27.92
C GLU B 178 10.93 -32.99 28.47
N GLU B 179 10.98 -33.16 29.80
CA GLU B 179 12.17 -33.52 30.56
C GLU B 179 12.75 -34.85 30.13
N SER B 180 11.88 -35.81 29.80
CA SER B 180 12.33 -37.14 29.36
C SER B 180 12.97 -37.07 27.96
N GLY B 181 12.44 -36.20 27.10
CA GLY B 181 12.92 -36.01 25.74
C GLY B 181 14.08 -35.04 25.61
N PHE B 182 13.90 -33.99 24.78
CA PHE B 182 14.96 -33.00 24.53
C PHE B 182 15.31 -32.15 25.77
N ASN B 183 14.32 -31.87 26.64
CA ASN B 183 14.52 -31.09 27.87
C ASN B 183 15.18 -29.73 27.58
N PHE B 184 14.48 -28.87 26.83
CA PHE B 184 15.02 -27.57 26.44
C PHE B 184 15.27 -26.63 27.61
N TRP B 185 14.28 -26.41 28.48
CA TRP B 185 14.41 -25.44 29.57
C TRP B 185 15.64 -25.67 30.47
N ALA B 186 15.98 -26.93 30.76
CA ALA B 186 17.15 -27.25 31.58
C ALA B 186 18.46 -26.95 30.85
N LYS B 187 18.50 -27.26 29.54
CA LYS B 187 19.67 -27.02 28.71
C LYS B 187 19.89 -25.51 28.51
N PHE B 188 18.78 -24.74 28.43
CA PHE B 188 18.76 -23.29 28.24
C PHE B 188 19.32 -22.60 29.49
N GLN B 189 18.87 -23.03 30.69
CA GLN B 189 19.38 -22.48 31.93
C GLN B 189 20.89 -22.68 32.06
N GLU B 190 21.39 -23.87 31.67
CA GLU B 190 22.80 -24.21 31.73
C GLU B 190 23.61 -23.38 30.74
N SER B 191 23.08 -23.19 29.52
CA SER B 191 23.72 -22.41 28.48
C SER B 191 23.84 -20.96 28.90
N VAL B 192 22.78 -20.42 29.55
CA VAL B 192 22.75 -19.05 30.03
C VAL B 192 23.81 -18.86 31.09
N ASP B 193 23.87 -19.80 32.05
CA ASP B 193 24.84 -19.76 33.14
C ASP B 193 26.28 -19.74 32.66
N ARG B 194 26.61 -20.61 31.70
CA ARG B 194 27.95 -20.65 31.15
C ARG B 194 28.25 -19.43 30.30
N PHE B 195 27.26 -18.94 29.55
CA PHE B 195 27.43 -17.77 28.70
C PHE B 195 27.70 -16.53 29.52
N LEU B 196 26.88 -16.29 30.56
CA LEU B 196 27.06 -15.13 31.41
C LEU B 196 28.34 -15.18 32.23
N GLU B 197 28.77 -16.40 32.63
CA GLU B 197 30.04 -16.53 33.35
C GLU B 197 31.20 -16.17 32.44
N ALA B 198 31.17 -16.64 31.18
CA ALA B 198 32.18 -16.33 30.19
C ALA B 198 32.25 -14.83 29.90
N GLN B 199 31.09 -14.15 29.95
CA GLN B 199 30.97 -12.71 29.74
C GLN B 199 31.59 -11.95 30.90
N VAL B 200 31.47 -12.47 32.13
CA VAL B 200 32.04 -11.86 33.33
C VAL B 200 33.56 -11.96 33.28
N GLN B 201 34.09 -13.13 32.90
CA GLN B 201 35.53 -13.32 32.79
C GLN B 201 36.15 -12.44 31.70
N SER B 202 35.42 -12.26 30.60
CA SER B 202 35.81 -11.43 29.47
C SER B 202 35.79 -9.94 29.88
N ALA B 203 34.76 -9.54 30.65
CA ALA B 203 34.63 -8.17 31.16
C ALA B 203 35.70 -7.87 32.20
N MET B 204 36.16 -8.88 32.96
CA MET B 204 37.20 -8.69 33.97
C MET B 204 38.54 -8.35 33.32
N GLU B 205 38.81 -8.91 32.14
CA GLU B 205 40.06 -8.64 31.43
C GLU B 205 40.01 -7.36 30.57
N GLU B 206 38.95 -6.54 30.69
CA GLU B 206 38.83 -5.32 29.91
C GLU B 206 39.90 -4.31 30.34
N PRO B 207 40.71 -3.83 29.37
CA PRO B 207 41.76 -2.88 29.71
C PRO B 207 41.24 -1.51 30.12
N VAL B 208 40.23 -0.97 29.39
CA VAL B 208 39.64 0.33 29.73
C VAL B 208 38.70 0.14 30.91
N GLU B 209 38.87 0.93 31.97
CA GLU B 209 38.06 0.80 33.17
C GLU B 209 36.57 1.15 32.94
N LYS B 210 36.31 2.15 32.08
CA LYS B 210 34.92 2.56 31.77
C LYS B 210 34.13 1.43 31.11
N ALA B 211 34.77 0.73 30.15
CA ALA B 211 34.17 -0.38 29.42
C ALA B 211 33.93 -1.58 30.32
N LYS B 212 34.86 -1.84 31.23
CA LYS B 212 34.81 -2.94 32.20
C LYS B 212 33.57 -2.83 33.10
N ASN B 213 33.33 -1.63 33.65
CA ASN B 213 32.21 -1.37 34.53
C ASN B 213 30.90 -1.44 33.79
N TYR B 214 30.88 -0.93 32.53
CA TYR B 214 29.68 -0.94 31.71
C TYR B 214 29.23 -2.37 31.47
N ARG B 215 30.18 -3.25 31.11
CA ARG B 215 29.90 -4.65 30.84
C ARG B 215 29.38 -5.36 32.06
N LEU B 216 30.01 -5.14 33.23
CA LEU B 216 29.58 -5.77 34.48
C LEU B 216 28.19 -5.32 34.91
N MET B 217 27.86 -4.02 34.70
CA MET B 217 26.54 -3.50 35.02
C MET B 217 25.50 -4.14 34.11
N ASP B 218 25.84 -4.28 32.81
CA ASP B 218 25.01 -4.87 31.78
C ASP B 218 24.75 -6.36 32.03
N ILE B 219 25.78 -7.13 32.40
CA ILE B 219 25.63 -8.57 32.72
C ILE B 219 24.66 -8.74 33.90
N GLU B 220 24.68 -7.79 34.85
CA GLU B 220 23.79 -7.82 35.97
C GLU B 220 22.32 -7.62 35.54
N LYS B 221 22.10 -6.75 34.55
CA LYS B 221 20.78 -6.49 33.97
C LYS B 221 20.25 -7.76 33.29
N ARG B 222 21.15 -8.52 32.62
CA ARG B 222 20.85 -9.79 31.97
C ARG B 222 20.44 -10.84 32.99
N ARG B 223 21.18 -10.94 34.13
CA ARG B 223 20.86 -11.87 35.21
C ARG B 223 19.45 -11.63 35.74
N GLU B 224 19.02 -10.36 35.82
CA GLU B 224 17.68 -10.00 36.26
C GLU B 224 16.62 -10.41 35.24
N VAL B 225 16.97 -10.35 33.94
CA VAL B 225 16.09 -10.77 32.84
C VAL B 225 15.83 -12.27 32.96
N TYR B 226 16.91 -13.07 33.09
CA TYR B 226 16.78 -14.51 33.18
C TYR B 226 16.13 -14.97 34.48
N ARG B 227 16.20 -14.16 35.54
CA ARG B 227 15.53 -14.44 36.79
C ARG B 227 14.01 -14.45 36.57
N SER B 228 13.51 -13.51 35.75
CA SER B 228 12.09 -13.40 35.43
C SER B 228 11.52 -14.59 34.65
N ILE B 229 12.38 -15.43 34.05
CA ILE B 229 11.90 -16.60 33.31
C ILE B 229 12.30 -17.91 33.98
N PHE B 230 13.44 -17.94 34.66
CA PHE B 230 13.91 -19.15 35.32
C PHE B 230 13.40 -19.35 36.76
N ASP B 231 12.71 -18.35 37.31
CA ASP B 231 12.08 -18.42 38.62
C ASP B 231 10.59 -18.31 38.33
N PRO B 232 9.83 -19.42 38.49
CA PRO B 232 8.40 -19.38 38.19
C PRO B 232 7.62 -18.39 39.06
N ALA B 233 8.08 -18.14 40.29
CA ALA B 233 7.43 -17.20 41.19
C ALA B 233 7.52 -15.78 40.64
N VAL B 234 8.66 -15.41 40.05
CA VAL B 234 8.85 -14.09 39.44
C VAL B 234 7.96 -13.93 38.20
N HIS B 235 7.80 -15.02 37.43
CA HIS B 235 6.93 -15.01 36.27
C HIS B 235 5.46 -14.83 36.71
N ASP B 236 5.02 -15.63 37.69
CA ASP B 236 3.64 -15.56 38.21
C ASP B 236 3.29 -14.17 38.74
N ALA B 237 4.30 -13.48 39.32
CA ALA B 237 4.12 -12.13 39.86
C ALA B 237 3.86 -11.14 38.73
N LEU B 238 4.57 -11.31 37.59
CA LEU B 238 4.41 -10.48 36.40
C LEU B 238 3.08 -10.72 35.71
N VAL B 239 2.54 -11.96 35.78
CA VAL B 239 1.25 -12.30 35.19
C VAL B 239 0.14 -11.60 35.98
N ARG B 240 0.24 -11.65 37.32
CA ARG B 240 -0.70 -11.00 38.24
C ARG B 240 -0.62 -9.47 38.13
N ARG B 241 0.60 -8.95 37.95
CA ARG B 241 0.89 -7.53 37.75
C ARG B 241 0.34 -7.00 36.39
N GLY B 242 0.20 -7.89 35.41
CA GLY B 242 -0.32 -7.52 34.10
C GLY B 242 0.73 -7.39 33.01
N ASP B 243 2.01 -7.52 33.36
CA ASP B 243 3.12 -7.45 32.40
C ASP B 243 3.16 -8.67 31.44
N ARG B 244 2.59 -9.80 31.89
CA ARG B 244 2.50 -11.05 31.13
C ARG B 244 1.08 -11.64 31.20
N ARG B 245 0.73 -12.48 30.24
CA ARG B 245 -0.56 -13.17 30.14
C ARG B 245 -0.35 -14.70 30.11
N PHE B 246 0.70 -15.13 29.40
CA PHE B 246 1.06 -16.52 29.15
C PHE B 246 1.37 -17.28 30.40
N SER B 247 1.05 -18.58 30.38
CA SER B 247 1.45 -19.46 31.46
C SER B 247 2.98 -19.66 31.36
N HIS B 248 3.63 -20.10 32.44
CA HIS B 248 5.08 -20.32 32.41
C HIS B 248 5.50 -21.28 31.29
N ARG B 249 4.78 -22.42 31.16
CA ARG B 249 5.10 -23.42 30.13
C ARG B 249 4.82 -22.95 28.70
N ALA B 250 3.83 -22.06 28.51
CA ALA B 250 3.55 -21.50 27.18
C ALA B 250 4.68 -20.57 26.78
N LEU B 251 5.22 -19.79 27.72
CA LEU B 251 6.35 -18.91 27.48
C LEU B 251 7.62 -19.71 27.16
N GLN B 252 7.77 -20.91 27.75
CA GLN B 252 8.91 -21.79 27.47
C GLN B 252 8.84 -22.25 26.02
N GLY B 253 7.65 -22.67 25.59
CA GLY B 253 7.41 -23.11 24.22
C GLY B 253 7.59 -22.00 23.20
N ALA B 254 7.12 -20.80 23.54
CA ALA B 254 7.26 -19.64 22.65
C ALA B 254 8.73 -19.28 22.49
N ILE B 255 9.51 -19.29 23.59
CA ILE B 255 10.94 -19.01 23.58
C ILE B 255 11.68 -20.04 22.75
N MET B 256 11.33 -21.31 22.91
CA MET B 256 11.96 -22.41 22.19
C MET B 256 11.79 -22.28 20.69
N ILE B 257 10.56 -21.97 20.23
CA ILE B 257 10.25 -21.79 18.82
C ILE B 257 11.08 -20.63 18.26
N THR B 258 11.21 -19.51 19.01
CA THR B 258 11.97 -18.35 18.53
C THR B 258 13.47 -18.60 18.43
N PHE B 259 13.98 -19.60 19.16
CA PHE B 259 15.39 -19.98 19.16
C PHE B 259 15.72 -20.84 17.95
N TYR B 260 14.79 -21.74 17.58
CA TYR B 260 15.00 -22.67 16.47
C TYR B 260 14.13 -22.38 15.26
N ARG B 261 13.74 -21.12 15.05
CA ARG B 261 12.89 -20.67 13.94
C ARG B 261 13.48 -20.94 12.57
N ASP B 262 14.81 -21.04 12.47
CA ASP B 262 15.47 -21.32 11.20
C ASP B 262 15.43 -22.83 10.84
N GLU B 263 15.05 -23.70 11.81
CA GLU B 263 14.93 -25.15 11.60
C GLU B 263 13.56 -25.47 11.03
N PRO B 264 13.50 -26.34 9.99
CA PRO B 264 12.20 -26.71 9.39
C PRO B 264 11.08 -27.11 10.37
N ARG B 265 11.44 -27.81 11.45
CA ARG B 265 10.51 -28.24 12.48
C ARG B 265 9.80 -27.08 13.15
N PHE B 266 10.52 -25.97 13.34
CA PHE B 266 9.98 -24.80 14.03
C PHE B 266 9.69 -23.61 13.15
N SER B 267 9.95 -23.69 11.82
CA SER B 267 9.71 -22.56 10.93
C SER B 267 8.24 -22.18 10.79
N GLN B 268 7.37 -23.19 10.65
CA GLN B 268 5.93 -22.94 10.54
C GLN B 268 5.31 -22.56 11.88
N PRO B 269 5.62 -23.22 13.03
CA PRO B 269 5.11 -22.72 14.33
C PRO B 269 5.52 -21.26 14.59
N HIS B 270 6.73 -20.85 14.19
CA HIS B 270 7.19 -19.47 14.37
C HIS B 270 6.40 -18.51 13.51
N GLN B 271 6.09 -18.91 12.28
CA GLN B 271 5.30 -18.10 11.37
C GLN B 271 3.89 -17.85 11.96
N LEU B 272 3.33 -18.84 12.66
CA LEU B 272 2.03 -18.77 13.36
C LEU B 272 2.10 -17.70 14.46
N LEU B 273 3.18 -17.70 15.26
CA LEU B 273 3.36 -16.70 16.32
C LEU B 273 3.51 -15.30 15.74
N THR B 274 4.27 -15.21 14.64
CA THR B 274 4.53 -13.96 13.93
C THR B 274 3.23 -13.38 13.40
N LEU B 275 2.35 -14.22 12.83
CA LEU B 275 1.08 -13.74 12.30
C LEU B 275 0.14 -13.28 13.40
N LEU B 276 0.20 -13.91 14.57
CA LEU B 276 -0.60 -13.49 15.72
C LEU B 276 -0.18 -12.07 16.19
N MET B 277 1.12 -11.80 16.16
CA MET B 277 1.65 -10.50 16.53
C MET B 277 1.28 -9.45 15.47
N ASP B 278 1.27 -9.84 14.20
CA ASP B 278 0.92 -8.98 13.10
C ASP B 278 -0.55 -8.57 13.21
N ILE B 279 -1.44 -9.52 13.59
CA ILE B 279 -2.89 -9.26 13.79
C ILE B 279 -3.10 -8.28 14.91
N ASP B 280 -2.36 -8.48 16.01
CA ASP B 280 -2.38 -7.63 17.19
C ASP B 280 -1.93 -6.21 16.84
N SER B 281 -0.83 -6.09 16.08
CA SER B 281 -0.29 -4.81 15.65
C SER B 281 -1.25 -4.08 14.70
N LEU B 282 -1.90 -4.83 13.78
CA LEU B 282 -2.86 -4.28 12.83
C LEU B 282 -4.15 -3.83 13.49
N ILE B 283 -4.57 -4.50 14.58
CA ILE B 283 -5.75 -4.06 15.33
C ILE B 283 -5.44 -2.73 16.05
N THR B 284 -4.21 -2.54 16.52
CA THR B 284 -3.77 -1.28 17.13
C THR B 284 -3.62 -0.18 16.07
N LYS B 285 -3.14 -0.52 14.87
CA LYS B 285 -3.03 0.44 13.76
C LYS B 285 -4.42 0.90 13.32
N TRP B 286 -5.45 0.03 13.42
CA TRP B 286 -6.81 0.45 13.08
C TRP B 286 -7.30 1.39 14.18
N ARG B 287 -7.08 1.04 15.45
CA ARG B 287 -7.51 1.85 16.59
C ARG B 287 -6.92 3.25 16.53
N TYR B 288 -5.66 3.35 16.09
CA TYR B 288 -4.98 4.64 16.00
C TYR B 288 -5.56 5.44 14.85
N ASN B 289 -5.73 4.81 13.69
CA ASN B 289 -6.28 5.48 12.52
C ASN B 289 -7.68 5.97 12.76
N HIS B 290 -8.49 5.16 13.45
CA HIS B 290 -9.86 5.46 13.84
C HIS B 290 -9.89 6.66 14.80
N VAL B 291 -9.03 6.66 15.85
CA VAL B 291 -8.98 7.75 16.83
C VAL B 291 -8.53 9.10 16.18
N ILE B 292 -7.65 9.06 15.16
CA ILE B 292 -7.24 10.26 14.44
C ILE B 292 -8.40 10.79 13.57
N MET B 293 -9.19 9.88 13.00
CA MET B 293 -10.34 10.24 12.17
C MET B 293 -11.44 10.87 13.02
N VAL B 294 -11.65 10.33 14.22
CA VAL B 294 -12.64 10.84 15.17
C VAL B 294 -12.27 12.27 15.56
N GLN B 295 -10.99 12.53 15.81
CA GLN B 295 -10.51 13.85 16.18
C GLN B 295 -10.58 14.86 15.01
N ARG B 296 -10.44 14.35 13.78
CA ARG B 296 -10.53 15.18 12.59
C ARG B 296 -12.01 15.54 12.30
N MET B 297 -12.96 14.64 12.65
CA MET B 297 -14.39 14.86 12.42
C MET B 297 -15.09 15.66 13.51
N ILE B 298 -14.89 15.28 14.79
CA ILE B 298 -15.61 15.88 15.91
C ILE B 298 -14.72 16.38 17.05
N GLY B 299 -13.41 16.34 16.90
CA GLY B 299 -12.46 16.77 17.93
C GLY B 299 -12.47 15.90 19.16
N SER B 300 -11.92 16.41 20.28
CA SER B 300 -11.93 15.67 21.55
C SER B 300 -13.35 15.58 22.16
N GLN B 301 -14.19 16.60 21.88
CA GLN B 301 -15.58 16.69 22.30
C GLN B 301 -16.38 17.58 21.33
N GLN B 302 -17.69 17.33 21.25
CA GLN B 302 -18.56 18.09 20.36
C GLN B 302 -20.02 18.05 20.92
N LEU B 303 -20.95 18.78 20.28
CA LEU B 303 -22.34 18.83 20.67
C LEU B 303 -22.97 17.43 20.59
N GLY B 304 -23.32 16.92 21.76
CA GLY B 304 -23.92 15.60 21.94
C GLY B 304 -23.00 14.62 22.64
N THR B 305 -21.68 14.90 22.64
CA THR B 305 -20.66 14.04 23.20
C THR B 305 -20.69 13.99 24.74
N GLY B 306 -21.12 15.09 25.37
CA GLY B 306 -21.16 15.16 26.82
C GLY B 306 -19.76 15.08 27.42
N GLY B 307 -18.86 15.87 26.85
CA GLY B 307 -17.45 15.91 27.29
C GLY B 307 -16.53 15.11 26.40
N SER B 308 -15.27 14.97 26.79
CA SER B 308 -14.28 14.22 26.01
C SER B 308 -14.12 12.77 26.48
N SER B 309 -15.17 12.19 27.10
CA SER B 309 -15.13 10.83 27.64
C SER B 309 -14.96 9.74 26.59
N GLY B 310 -15.69 9.85 25.49
CA GLY B 310 -15.65 8.87 24.41
C GLY B 310 -14.33 8.86 23.68
N TYR B 311 -13.79 10.05 23.41
CA TYR B 311 -12.51 10.24 22.75
C TYR B 311 -11.37 9.70 23.65
N GLN B 312 -11.40 10.03 24.96
CA GLN B 312 -10.42 9.56 25.92
C GLN B 312 -10.50 8.04 26.13
N TYR B 313 -11.68 7.44 25.95
CA TYR B 313 -11.82 5.99 26.04
C TYR B 313 -11.07 5.38 24.84
N LEU B 314 -11.29 5.93 23.63
CA LEU B 314 -10.63 5.42 22.43
C LEU B 314 -9.11 5.53 22.55
N ARG B 315 -8.59 6.58 23.20
CA ARG B 315 -7.15 6.75 23.40
C ARG B 315 -6.58 5.73 24.39
N SER B 316 -7.40 5.26 25.33
CA SER B 316 -6.99 4.26 26.29
C SER B 316 -6.95 2.85 25.67
N THR B 317 -7.64 2.62 24.54
CA THR B 317 -7.59 1.34 23.84
C THR B 317 -6.27 1.15 23.08
N LEU B 318 -5.44 2.21 22.94
CA LEU B 318 -4.13 2.12 22.30
C LEU B 318 -3.03 1.56 23.24
N SER B 319 -3.34 1.41 24.55
CA SER B 319 -2.42 0.90 25.57
C SER B 319 -2.13 -0.59 25.39
N ASP B 320 -1.02 -1.08 26.01
CA ASP B 320 -0.66 -2.49 25.95
C ASP B 320 -1.62 -3.41 26.73
N ARG B 321 -2.57 -2.83 27.48
CA ARG B 321 -3.64 -3.57 28.15
C ARG B 321 -4.61 -4.19 27.11
N TYR B 322 -4.62 -3.66 25.86
CA TYR B 322 -5.46 -4.14 24.78
C TYR B 322 -4.72 -5.09 23.80
N LYS B 323 -3.39 -5.18 23.90
CA LYS B 323 -2.59 -6.09 23.10
C LYS B 323 -2.74 -7.49 23.70
N VAL B 324 -3.30 -8.44 22.92
CA VAL B 324 -3.56 -9.80 23.35
C VAL B 324 -2.28 -10.65 23.53
N PHE B 325 -1.43 -10.71 22.50
CA PHE B 325 -0.21 -11.52 22.52
C PHE B 325 1.00 -10.68 22.88
N LEU B 326 0.85 -9.92 23.97
CA LEU B 326 1.83 -9.02 24.54
C LEU B 326 3.17 -9.70 24.84
N ASP B 327 3.12 -10.97 25.28
CA ASP B 327 4.30 -11.76 25.63
C ASP B 327 5.18 -12.06 24.44
N LEU B 328 4.57 -12.30 23.29
CA LEU B 328 5.29 -12.64 22.07
C LEU B 328 6.20 -11.55 21.59
N PHE B 329 5.82 -10.27 21.81
CA PHE B 329 6.60 -9.12 21.37
C PHE B 329 7.95 -9.00 22.07
N ASN B 330 8.00 -9.44 23.32
CA ASN B 330 9.20 -9.33 24.12
C ASN B 330 10.16 -10.55 24.08
N LEU B 331 9.77 -11.66 23.44
CA LEU B 331 10.62 -12.88 23.39
C LEU B 331 12.09 -12.68 22.98
N SER B 332 12.41 -11.64 22.22
CA SER B 332 13.80 -11.39 21.80
C SER B 332 14.71 -10.94 22.94
N THR B 333 14.12 -10.49 24.08
CA THR B 333 14.85 -10.06 25.27
C THR B 333 15.66 -11.21 25.90
N PHE B 334 15.17 -12.46 25.72
CA PHE B 334 15.75 -13.68 26.30
C PHE B 334 16.76 -14.40 25.39
N LEU B 335 17.00 -13.88 24.19
CA LEU B 335 17.88 -14.50 23.21
C LEU B 335 19.36 -14.56 23.61
N ILE B 336 20.00 -15.70 23.26
CA ILE B 336 21.43 -15.93 23.44
C ILE B 336 22.03 -16.18 22.05
N PRO B 337 23.35 -15.95 21.84
CA PRO B 337 23.93 -16.16 20.50
C PRO B 337 23.79 -17.59 19.95
N ARG B 338 23.94 -17.75 18.62
CA ARG B 338 23.82 -19.04 17.93
C ARG B 338 24.67 -20.14 18.61
N GLU B 339 25.93 -19.81 18.90
CA GLU B 339 26.90 -20.72 19.52
C GLU B 339 26.61 -21.02 21.01
N ALA B 340 25.75 -20.22 21.66
CA ALA B 340 25.37 -20.45 23.05
C ALA B 340 24.10 -21.30 23.15
N ILE B 341 23.24 -21.30 22.12
CA ILE B 341 21.99 -22.09 22.10
C ILE B 341 22.27 -23.59 22.03
N PRO B 342 21.63 -24.41 22.90
CA PRO B 342 21.85 -25.87 22.85
C PRO B 342 21.41 -26.50 21.52
N PRO B 343 22.29 -27.26 20.86
CA PRO B 343 21.93 -27.84 19.56
C PRO B 343 20.86 -28.93 19.60
N LEU B 344 20.06 -29.01 18.53
CA LEU B 344 18.98 -29.99 18.41
C LEU B 344 19.53 -31.41 18.18
N ASP B 345 19.07 -32.37 19.00
CA ASP B 345 19.52 -33.77 18.91
C ASP B 345 18.44 -34.71 18.34
N GLU B 346 17.35 -34.97 19.10
CA GLU B 346 16.22 -35.82 18.70
C GLU B 346 16.65 -37.16 18.07
N ILE C 4 -29.14 3.65 16.44
CA ILE C 4 -29.04 2.18 16.58
C ILE C 4 -28.23 1.59 15.47
N TYR C 5 -26.92 1.39 15.71
CA TYR C 5 -25.93 0.88 14.78
C TYR C 5 -26.43 -0.22 13.82
N GLY C 6 -26.95 -1.32 14.36
CA GLY C 6 -27.43 -2.45 13.57
C GLY C 6 -28.63 -2.14 12.71
N GLU C 7 -29.49 -1.27 13.21
CA GLU C 7 -30.67 -0.87 12.49
C GLU C 7 -30.35 0.17 11.41
N TYR C 8 -29.44 1.10 11.71
CA TYR C 8 -29.01 2.14 10.80
C TYR C 8 -28.34 1.52 9.57
N LEU C 9 -27.39 0.63 9.82
CA LEU C 9 -26.67 -0.05 8.74
C LEU C 9 -27.41 -1.22 8.16
N MET C 10 -28.60 -1.58 8.70
CA MET C 10 -29.45 -2.68 8.24
C MET C 10 -28.67 -3.97 8.13
N LEU C 11 -27.99 -4.30 9.22
CA LEU C 11 -27.15 -5.49 9.29
C LEU C 11 -27.98 -6.78 9.28
N ASP C 12 -29.29 -6.72 9.60
CA ASP C 12 -30.14 -7.92 9.50
C ASP C 12 -30.50 -8.27 8.04
N LYS C 13 -30.27 -7.33 7.11
CA LYS C 13 -30.46 -7.50 5.69
C LYS C 13 -29.09 -7.79 5.05
N LEU C 14 -28.07 -7.00 5.42
CA LEU C 14 -26.69 -7.11 4.90
C LEU C 14 -26.03 -8.41 5.32
N LEU C 15 -26.06 -8.73 6.62
CA LEU C 15 -25.45 -9.95 7.16
C LEU C 15 -26.34 -11.20 7.01
N ASP C 16 -27.36 -11.13 6.16
CA ASP C 16 -28.23 -12.25 5.82
C ASP C 16 -28.05 -12.68 4.34
N ALA C 17 -27.19 -11.96 3.54
CA ALA C 17 -26.96 -12.23 2.14
C ALA C 17 -25.82 -13.21 1.88
N GLN C 18 -25.33 -13.93 2.91
CA GLN C 18 -24.22 -14.87 2.70
C GLN C 18 -24.63 -16.33 2.75
N CYS C 19 -24.68 -16.96 1.57
CA CYS C 19 -25.13 -18.35 1.50
C CYS C 19 -24.23 -19.25 0.68
N MET C 20 -23.46 -20.10 1.38
CA MET C 20 -22.58 -21.08 0.77
C MET C 20 -23.36 -22.27 0.22
N LEU C 21 -23.31 -22.47 -1.10
CA LEU C 21 -23.98 -23.59 -1.76
C LEU C 21 -23.26 -24.92 -1.54
N SER C 22 -21.98 -24.90 -1.15
CA SER C 22 -21.25 -26.11 -0.82
C SER C 22 -21.76 -26.64 0.54
N GLU C 23 -22.02 -25.74 1.50
CA GLU C 23 -22.55 -26.07 2.80
C GLU C 23 -24.00 -26.62 2.67
N GLU C 24 -24.78 -26.01 1.75
CA GLU C 24 -26.16 -26.38 1.40
C GLU C 24 -26.18 -27.82 0.83
N ASP C 25 -25.22 -28.17 -0.03
CA ASP C 25 -25.13 -29.49 -0.62
C ASP C 25 -24.42 -30.53 0.28
N LYS C 26 -24.21 -30.17 1.57
CA LYS C 26 -23.58 -30.98 2.61
C LYS C 26 -22.13 -31.38 2.30
N ARG C 27 -21.45 -30.60 1.44
CA ARG C 27 -20.06 -30.79 1.07
C ARG C 27 -19.41 -29.41 1.20
N PRO C 28 -19.22 -28.88 2.43
CA PRO C 28 -18.72 -27.50 2.54
C PRO C 28 -17.24 -27.27 2.26
N VAL C 29 -16.95 -26.11 1.63
CA VAL C 29 -15.62 -25.64 1.26
C VAL C 29 -15.42 -24.32 1.98
N HIS C 30 -14.54 -24.30 2.98
CA HIS C 30 -14.28 -23.14 3.82
C HIS C 30 -14.01 -21.82 3.05
N ASP C 31 -13.23 -21.88 1.97
CA ASP C 31 -12.89 -20.68 1.20
C ASP C 31 -14.07 -20.11 0.37
N GLU C 32 -15.24 -20.78 0.35
CA GLU C 32 -16.40 -20.25 -0.37
C GLU C 32 -16.94 -18.98 0.31
N HIS C 33 -16.81 -18.89 1.65
CA HIS C 33 -17.24 -17.74 2.44
C HIS C 33 -16.42 -16.50 1.99
N LEU C 34 -15.11 -16.70 1.78
CA LEU C 34 -14.20 -15.63 1.34
C LEU C 34 -14.60 -15.16 -0.04
N PHE C 35 -14.91 -16.10 -0.95
CA PHE C 35 -15.35 -15.83 -2.31
C PHE C 35 -16.61 -14.94 -2.30
N ILE C 36 -17.59 -15.26 -1.42
CA ILE C 36 -18.83 -14.49 -1.33
C ILE C 36 -18.59 -13.10 -0.76
N ILE C 37 -17.96 -13.02 0.42
CA ILE C 37 -17.65 -11.75 1.08
C ILE C 37 -16.80 -10.84 0.17
N THR C 38 -15.74 -11.35 -0.49
CA THR C 38 -14.88 -10.54 -1.37
C THR C 38 -15.69 -9.91 -2.49
N HIS C 39 -16.59 -10.69 -3.10
CA HIS C 39 -17.44 -10.23 -4.18
C HIS C 39 -18.45 -9.21 -3.69
N GLN C 40 -18.99 -9.41 -2.50
CA GLN C 40 -19.94 -8.47 -1.91
C GLN C 40 -19.28 -7.17 -1.45
N ALA C 41 -18.00 -7.22 -1.07
CA ALA C 41 -17.24 -6.03 -0.72
C ALA C 41 -17.03 -5.23 -2.00
N TYR C 42 -16.71 -5.90 -3.14
CA TYR C 42 -16.57 -5.26 -4.43
C TYR C 42 -17.90 -4.58 -4.81
N GLU C 43 -19.03 -5.30 -4.67
CA GLU C 43 -20.33 -4.79 -5.06
C GLU C 43 -20.80 -3.63 -4.21
N LEU C 44 -20.36 -3.56 -2.94
CA LEU C 44 -20.73 -2.44 -2.09
C LEU C 44 -19.98 -1.20 -2.60
N TRP C 45 -18.69 -1.34 -2.89
CA TRP C 45 -17.90 -0.22 -3.39
C TRP C 45 -18.28 0.16 -4.82
N PHE C 46 -18.86 -0.77 -5.60
CA PHE C 46 -19.35 -0.46 -6.95
C PHE C 46 -20.55 0.46 -6.81
N LYS C 47 -21.45 0.18 -5.85
CA LYS C 47 -22.61 1.03 -5.58
C LYS C 47 -22.17 2.44 -5.20
N GLN C 48 -21.09 2.55 -4.39
CA GLN C 48 -20.51 3.83 -3.99
C GLN C 48 -19.93 4.57 -5.18
N ILE C 49 -19.13 3.88 -6.04
CA ILE C 49 -18.53 4.50 -7.22
C ILE C 49 -19.59 5.04 -8.16
N ILE C 50 -20.68 4.26 -8.36
CA ILE C 50 -21.78 4.67 -9.24
C ILE C 50 -22.47 5.92 -8.68
N PHE C 51 -22.68 5.94 -7.36
CA PHE C 51 -23.28 7.07 -6.66
C PHE C 51 -22.46 8.34 -6.86
N GLU C 52 -21.13 8.23 -6.76
CA GLU C 52 -20.23 9.37 -6.93
C GLU C 52 -20.21 9.82 -8.36
N PHE C 53 -20.12 8.86 -9.29
CA PHE C 53 -20.12 9.16 -10.73
C PHE C 53 -21.40 9.84 -11.18
N ASP C 54 -22.55 9.40 -10.66
CA ASP C 54 -23.82 10.01 -11.03
C ASP C 54 -23.90 11.41 -10.52
N SER C 55 -23.38 11.71 -9.33
CA SER C 55 -23.39 13.07 -8.79
C SER C 55 -22.43 13.98 -9.55
N ILE C 56 -21.26 13.47 -9.96
CA ILE C 56 -20.30 14.22 -10.77
C ILE C 56 -20.87 14.50 -12.15
N ARG C 57 -21.63 13.54 -12.72
CA ARG C 57 -22.27 13.71 -14.02
C ARG C 57 -23.31 14.82 -13.93
N ASP C 58 -24.10 14.85 -12.84
CA ASP C 58 -25.14 15.86 -12.64
C ASP C 58 -24.54 17.25 -12.49
N MET C 59 -23.36 17.34 -11.85
CA MET C 59 -22.63 18.59 -11.67
C MET C 59 -22.02 19.07 -12.99
N LEU C 60 -21.58 18.14 -13.84
CA LEU C 60 -21.01 18.47 -15.15
C LEU C 60 -22.08 18.76 -16.21
N ASP C 61 -23.33 18.34 -15.99
CA ASP C 61 -24.45 18.54 -16.91
C ASP C 61 -25.06 19.93 -16.68
N ALA C 62 -24.22 20.97 -16.72
CA ALA C 62 -24.59 22.37 -16.53
C ALA C 62 -23.71 23.26 -17.40
N GLU C 63 -24.26 24.38 -17.92
CA GLU C 63 -23.48 25.31 -18.76
C GLU C 63 -22.45 26.13 -17.95
N VAL C 64 -22.69 26.28 -16.64
CA VAL C 64 -21.83 27.00 -15.71
C VAL C 64 -21.31 26.07 -14.59
N ILE C 65 -20.00 25.81 -14.58
CA ILE C 65 -19.39 24.98 -13.53
C ILE C 65 -18.42 25.88 -12.76
N ASP C 66 -18.90 26.44 -11.64
CA ASP C 66 -18.09 27.39 -10.87
C ASP C 66 -16.94 26.71 -10.08
N GLU C 67 -16.05 27.53 -9.49
CA GLU C 67 -14.91 27.04 -8.72
C GLU C 67 -15.36 26.15 -7.57
N THR C 68 -16.50 26.46 -6.95
CA THR C 68 -17.02 25.70 -5.82
C THR C 68 -17.49 24.30 -6.25
N LYS C 69 -18.21 24.19 -7.39
CA LYS C 69 -18.63 22.88 -7.88
C LYS C 69 -17.42 22.07 -8.36
N THR C 70 -16.43 22.75 -8.98
CA THR C 70 -15.20 22.12 -9.47
C THR C 70 -14.45 21.44 -8.33
N LEU C 71 -14.36 22.09 -7.17
CA LEU C 71 -13.70 21.54 -5.97
C LEU C 71 -14.40 20.27 -5.47
N GLU C 72 -15.73 20.26 -5.51
CA GLU C 72 -16.50 19.10 -5.06
C GLU C 72 -16.34 17.94 -6.06
N ILE C 73 -16.19 18.24 -7.36
CA ILE C 73 -15.95 17.21 -8.36
C ILE C 73 -14.56 16.59 -8.09
N VAL C 74 -13.55 17.42 -7.80
CA VAL C 74 -12.21 16.95 -7.49
C VAL C 74 -12.19 16.06 -6.23
N LYS C 75 -12.97 16.44 -5.18
CA LYS C 75 -13.07 15.65 -3.95
C LYS C 75 -13.64 14.26 -4.23
N ARG C 76 -14.70 14.19 -5.05
CA ARG C 76 -15.36 12.94 -5.37
C ARG C 76 -14.59 12.08 -6.36
N LEU C 77 -13.81 12.72 -7.26
CA LEU C 77 -12.95 11.95 -8.17
C LEU C 77 -11.81 11.32 -7.37
N ASN C 78 -11.24 12.07 -6.42
CA ASN C 78 -10.17 11.58 -5.57
C ASN C 78 -10.67 10.47 -4.62
N ARG C 79 -11.91 10.55 -4.17
CA ARG C 79 -12.53 9.53 -3.33
C ARG C 79 -12.62 8.22 -4.14
N VAL C 80 -13.06 8.30 -5.40
CA VAL C 80 -13.15 7.15 -6.31
C VAL C 80 -11.77 6.54 -6.52
N VAL C 81 -10.71 7.37 -6.64
CA VAL C 81 -9.32 6.93 -6.79
C VAL C 81 -8.90 6.07 -5.60
N LEU C 82 -9.30 6.49 -4.38
CA LEU C 82 -9.00 5.74 -3.15
C LEU C 82 -9.77 4.43 -3.09
N ILE C 83 -11.04 4.43 -3.53
CA ILE C 83 -11.88 3.25 -3.55
C ILE C 83 -11.32 2.24 -4.56
N LEU C 84 -10.87 2.72 -5.72
CA LEU C 84 -10.29 1.86 -6.74
C LEU C 84 -8.99 1.22 -6.24
N LYS C 85 -8.11 1.97 -5.56
CA LYS C 85 -6.87 1.42 -4.99
C LYS C 85 -7.19 0.31 -3.99
N LEU C 86 -8.25 0.49 -3.20
CA LEU C 86 -8.70 -0.48 -2.21
C LEU C 86 -9.19 -1.75 -2.92
N LEU C 87 -9.94 -1.60 -4.02
CA LEU C 87 -10.42 -2.75 -4.78
C LEU C 87 -9.29 -3.53 -5.46
N VAL C 88 -8.23 -2.84 -5.90
CA VAL C 88 -7.06 -3.51 -6.47
C VAL C 88 -6.40 -4.39 -5.36
N ASP C 89 -6.38 -3.89 -4.12
CA ASP C 89 -5.83 -4.59 -2.95
C ASP C 89 -6.69 -5.74 -2.42
N GLN C 90 -7.90 -5.91 -2.93
CA GLN C 90 -8.77 -7.00 -2.52
C GLN C 90 -8.45 -8.29 -3.26
N VAL C 91 -7.82 -8.19 -4.46
CA VAL C 91 -7.41 -9.35 -5.24
C VAL C 91 -6.44 -10.25 -4.47
N PRO C 92 -5.35 -9.74 -3.85
CA PRO C 92 -4.44 -10.63 -3.10
C PRO C 92 -5.09 -11.42 -1.95
N ILE C 93 -6.25 -10.91 -1.42
CA ILE C 93 -7.01 -11.56 -0.38
C ILE C 93 -7.71 -12.78 -0.96
N LEU C 94 -8.29 -12.66 -2.17
CA LEU C 94 -8.93 -13.81 -2.81
C LEU C 94 -7.87 -14.81 -3.31
N GLU C 95 -6.68 -14.31 -3.73
CA GLU C 95 -5.56 -15.16 -4.16
C GLU C 95 -5.04 -16.09 -3.05
N THR C 96 -5.51 -15.89 -1.79
CA THR C 96 -5.20 -16.71 -0.62
C THR C 96 -5.82 -18.11 -0.76
N MET C 97 -6.93 -18.22 -1.52
CA MET C 97 -7.68 -19.44 -1.79
C MET C 97 -6.90 -20.31 -2.77
N THR C 98 -6.81 -21.62 -2.50
CA THR C 98 -6.09 -22.53 -3.40
C THR C 98 -6.95 -22.92 -4.59
N PRO C 99 -6.30 -23.20 -5.74
CA PRO C 99 -7.07 -23.56 -6.94
C PRO C 99 -7.91 -24.81 -6.79
N LEU C 100 -7.49 -25.74 -5.93
CA LEU C 100 -8.21 -27.00 -5.65
C LEU C 100 -9.39 -26.76 -4.73
N ASP C 101 -9.28 -25.78 -3.81
CA ASP C 101 -10.38 -25.41 -2.95
C ASP C 101 -11.44 -24.74 -3.84
N PHE C 102 -11.01 -23.84 -4.74
CA PHE C 102 -11.93 -23.18 -5.67
C PHE C 102 -12.64 -24.20 -6.56
N MET C 103 -11.90 -25.21 -7.02
CA MET C 103 -12.42 -26.25 -7.89
C MET C 103 -13.56 -27.05 -7.25
N ASP C 104 -13.53 -27.17 -5.91
CA ASP C 104 -14.52 -27.93 -5.15
C ASP C 104 -15.89 -27.24 -4.96
N PHE C 105 -15.99 -25.95 -5.30
CA PHE C 105 -17.27 -25.26 -5.19
C PHE C 105 -17.68 -24.54 -6.50
N ARG C 106 -16.81 -24.51 -7.51
CA ARG C 106 -17.04 -23.90 -8.82
C ARG C 106 -18.29 -24.46 -9.55
N LYS C 107 -18.68 -25.69 -9.20
CA LYS C 107 -19.84 -26.41 -9.76
C LYS C 107 -21.14 -25.65 -9.56
N TYR C 108 -21.27 -24.97 -8.42
CA TYR C 108 -22.47 -24.22 -8.03
C TYR C 108 -22.59 -22.83 -8.70
N LEU C 109 -21.60 -22.44 -9.52
CA LEU C 109 -21.53 -21.12 -10.18
C LEU C 109 -22.03 -21.13 -11.66
N ALA C 110 -22.78 -20.10 -12.12
CA ALA C 110 -23.18 -19.99 -13.53
C ALA C 110 -22.24 -19.00 -14.24
N PRO C 111 -21.88 -19.29 -15.51
CA PRO C 111 -20.84 -18.50 -16.19
C PRO C 111 -21.10 -17.09 -16.78
N ALA C 112 -22.34 -16.52 -16.72
CA ALA C 112 -22.72 -15.17 -17.26
C ALA C 112 -23.08 -15.15 -18.77
N SER C 113 -24.30 -14.66 -19.08
CA SER C 113 -24.82 -14.55 -20.45
C SER C 113 -24.12 -13.43 -21.23
N GLY C 114 -23.91 -12.29 -20.58
CA GLY C 114 -23.22 -11.17 -21.21
C GLY C 114 -22.16 -10.65 -20.29
N PHE C 115 -22.51 -9.60 -19.53
CA PHE C 115 -21.64 -9.01 -18.52
C PHE C 115 -21.73 -9.83 -17.23
N GLN C 116 -20.63 -9.93 -16.49
CA GLN C 116 -20.63 -10.64 -15.20
C GLN C 116 -21.47 -9.85 -14.15
N SER C 117 -20.97 -8.68 -13.73
CA SER C 117 -21.59 -7.79 -12.77
C SER C 117 -22.33 -6.65 -13.47
N LEU C 118 -23.58 -6.37 -13.07
CA LEU C 118 -24.34 -5.24 -13.63
C LEU C 118 -23.67 -3.93 -13.24
N GLN C 119 -23.24 -3.83 -11.97
CA GLN C 119 -22.61 -2.63 -11.45
C GLN C 119 -21.27 -2.33 -12.08
N PHE C 120 -20.45 -3.34 -12.37
CA PHE C 120 -19.16 -3.09 -13.02
C PHE C 120 -19.36 -2.51 -14.41
N ARG C 121 -20.37 -3.03 -15.15
CA ARG C 121 -20.71 -2.53 -16.48
C ARG C 121 -21.25 -1.11 -16.42
N LEU C 122 -22.08 -0.80 -15.41
CA LEU C 122 -22.60 0.55 -15.23
C LEU C 122 -21.45 1.55 -15.01
N ILE C 123 -20.37 1.14 -14.31
CA ILE C 123 -19.20 1.98 -14.08
C ILE C 123 -18.47 2.21 -15.40
N GLU C 124 -18.21 1.12 -16.15
CA GLU C 124 -17.54 1.17 -17.46
C GLU C 124 -18.28 2.12 -18.41
N ASN C 125 -19.61 1.98 -18.50
CA ASN C 125 -20.44 2.81 -19.35
C ASN C 125 -20.51 4.26 -18.88
N LYS C 126 -20.75 4.50 -17.57
CA LYS C 126 -20.81 5.86 -17.03
C LYS C 126 -19.48 6.61 -17.13
N LEU C 127 -18.35 5.89 -17.07
CA LEU C 127 -17.03 6.52 -17.23
C LEU C 127 -16.86 6.88 -18.72
N GLY C 128 -17.21 5.95 -19.61
CA GLY C 128 -17.14 6.21 -21.04
C GLY C 128 -16.50 5.12 -21.88
N VAL C 129 -16.49 3.88 -21.39
CA VAL C 129 -15.92 2.75 -22.13
C VAL C 129 -16.83 2.32 -23.28
N LEU C 130 -16.21 1.98 -24.45
CA LEU C 130 -16.84 1.33 -25.60
C LEU C 130 -16.52 -0.17 -25.40
N THR C 131 -17.52 -0.95 -24.89
CA THR C 131 -17.37 -2.36 -24.52
C THR C 131 -17.27 -3.30 -25.74
N GLU C 132 -16.13 -3.22 -26.43
CA GLU C 132 -15.84 -4.02 -27.62
C GLU C 132 -15.26 -5.40 -27.28
N SER C 146 -30.17 -7.88 -18.71
CA SER C 146 -30.71 -9.23 -18.76
C SER C 146 -31.77 -9.48 -17.64
N ASP C 147 -32.78 -8.58 -17.60
CA ASP C 147 -33.96 -8.36 -16.70
C ASP C 147 -34.53 -6.96 -17.13
N GLU C 148 -35.81 -6.55 -16.84
CA GLU C 148 -36.25 -5.22 -17.34
C GLU C 148 -35.68 -4.06 -16.56
N GLU C 149 -35.38 -4.26 -15.28
CA GLU C 149 -34.77 -3.20 -14.45
C GLU C 149 -33.29 -3.04 -14.85
N ALA C 150 -32.58 -4.18 -15.03
CA ALA C 150 -31.18 -4.22 -15.42
C ALA C 150 -30.99 -3.77 -16.87
N ARG C 151 -31.95 -4.09 -17.75
CA ARG C 151 -31.89 -3.71 -19.15
C ARG C 151 -32.02 -2.22 -19.26
N ASN C 152 -32.95 -1.62 -18.50
CA ASN C 152 -33.19 -0.18 -18.49
C ASN C 152 -31.96 0.55 -17.97
N SER C 153 -31.32 0.01 -16.91
CA SER C 153 -30.10 0.58 -16.34
C SER C 153 -28.99 0.67 -17.37
N ILE C 154 -28.70 -0.44 -18.08
CA ILE C 154 -27.64 -0.50 -19.07
C ILE C 154 -27.99 0.32 -20.30
N ARG C 155 -29.27 0.34 -20.71
CA ARG C 155 -29.70 1.16 -21.83
C ARG C 155 -29.42 2.63 -21.57
N ASN C 156 -29.87 3.12 -20.40
CA ASN C 156 -29.68 4.50 -19.98
C ASN C 156 -28.22 4.87 -19.79
N SER C 157 -27.37 3.95 -19.30
CA SER C 157 -25.94 4.23 -19.12
C SER C 157 -25.21 4.44 -20.46
N GLU C 158 -25.74 3.88 -21.55
CA GLU C 158 -25.16 4.02 -22.88
C GLU C 158 -25.73 5.25 -23.58
N LYS C 159 -27.03 5.53 -23.40
CA LYS C 159 -27.69 6.67 -24.02
C LYS C 159 -27.33 8.00 -23.34
N ASP C 160 -27.45 8.08 -22.01
CA ASP C 160 -27.14 9.31 -21.28
C ASP C 160 -25.65 9.66 -21.34
N PRO C 161 -25.31 10.96 -21.28
CA PRO C 161 -23.90 11.34 -21.43
C PRO C 161 -22.97 10.81 -20.36
N SER C 162 -21.92 10.13 -20.81
CA SER C 162 -20.90 9.57 -19.95
C SER C 162 -19.98 10.69 -19.40
N LEU C 163 -19.07 10.34 -18.49
CA LEU C 163 -18.10 11.30 -17.97
C LEU C 163 -17.19 11.82 -19.09
N LEU C 164 -16.84 10.96 -20.07
CA LEU C 164 -16.04 11.35 -21.22
C LEU C 164 -16.72 12.46 -22.05
N GLU C 165 -18.04 12.31 -22.31
CA GLU C 165 -18.79 13.30 -23.07
C GLU C 165 -18.93 14.61 -22.30
N LEU C 166 -19.28 14.54 -21.00
CA LEU C 166 -19.47 15.71 -20.15
C LEU C 166 -18.19 16.49 -19.89
N VAL C 167 -17.06 15.79 -19.79
CA VAL C 167 -15.75 16.42 -19.59
C VAL C 167 -15.35 17.15 -20.86
N GLN C 168 -15.62 16.54 -22.05
CA GLN C 168 -15.35 17.15 -23.34
C GLN C 168 -16.08 18.48 -23.48
N ARG C 169 -17.36 18.53 -23.09
CA ARG C 169 -18.13 19.76 -23.18
C ARG C 169 -17.58 20.86 -22.27
N TRP C 170 -17.10 20.47 -21.08
CA TRP C 170 -16.50 21.36 -20.10
C TRP C 170 -15.17 21.93 -20.66
N LEU C 171 -14.36 21.07 -21.26
CA LEU C 171 -13.08 21.39 -21.88
C LEU C 171 -13.26 22.34 -23.05
N GLU C 172 -14.32 22.13 -23.86
CA GLU C 172 -14.66 22.97 -25.02
C GLU C 172 -14.96 24.42 -24.59
N ARG C 173 -15.56 24.60 -23.40
CA ARG C 173 -15.91 25.92 -22.89
C ARG C 173 -14.85 26.52 -21.96
N THR C 174 -13.60 26.04 -22.04
CA THR C 174 -12.50 26.54 -21.22
C THR C 174 -12.19 27.98 -21.56
N PRO C 175 -12.18 28.88 -20.54
CA PRO C 175 -11.83 30.28 -20.81
C PRO C 175 -10.36 30.43 -21.21
N GLY C 176 -10.14 31.12 -22.31
CA GLY C 176 -8.83 31.31 -22.89
C GLY C 176 -8.75 30.81 -24.32
N LEU C 177 -9.73 29.98 -24.75
CA LEU C 177 -9.82 29.42 -26.08
C LEU C 177 -10.47 30.38 -27.08
N GLU C 178 -11.39 31.25 -26.60
CA GLU C 178 -12.12 32.19 -27.45
C GLU C 178 -11.22 33.22 -28.16
N GLU C 179 -11.45 33.39 -29.47
CA GLU C 179 -10.71 34.29 -30.35
C GLU C 179 -10.76 35.73 -29.91
N SER C 180 -11.94 36.17 -29.41
CA SER C 180 -12.12 37.53 -28.93
C SER C 180 -11.32 37.81 -27.64
N GLY C 181 -11.22 36.79 -26.79
CA GLY C 181 -10.49 36.88 -25.54
C GLY C 181 -9.00 36.58 -25.66
N PHE C 182 -8.54 35.57 -24.91
CA PHE C 182 -7.12 35.22 -24.90
C PHE C 182 -6.63 34.61 -26.22
N ASN C 183 -7.50 33.87 -26.93
CA ASN C 183 -7.17 33.25 -28.22
C ASN C 183 -5.92 32.35 -28.13
N PHE C 184 -5.97 31.30 -27.30
CA PHE C 184 -4.81 30.45 -27.08
C PHE C 184 -4.35 29.69 -28.32
N TRP C 185 -5.25 29.00 -29.02
CA TRP C 185 -4.85 28.17 -30.15
C TRP C 185 -4.06 28.90 -31.22
N ALA C 186 -4.42 30.16 -31.52
CA ALA C 186 -3.71 30.96 -32.53
C ALA C 186 -2.32 31.38 -32.01
N LYS C 187 -2.22 31.74 -30.72
CA LYS C 187 -0.94 32.13 -30.11
C LYS C 187 0.01 30.93 -30.02
N PHE C 188 -0.54 29.72 -29.78
CA PHE C 188 0.17 28.45 -29.67
C PHE C 188 0.76 28.07 -31.02
N GLN C 189 -0.04 28.16 -32.10
CA GLN C 189 0.44 27.87 -33.46
C GLN C 189 1.61 28.77 -33.85
N GLU C 190 1.51 30.07 -33.51
CA GLU C 190 2.56 31.05 -33.80
C GLU C 190 3.82 30.76 -32.99
N SER C 191 3.67 30.39 -31.71
CA SER C 191 4.78 30.06 -30.83
C SER C 191 5.51 28.82 -31.33
N VAL C 192 4.75 27.83 -31.80
CA VAL C 192 5.32 26.60 -32.35
C VAL C 192 6.13 26.91 -33.60
N ASP C 193 5.55 27.72 -34.50
CA ASP C 193 6.19 28.10 -35.75
C ASP C 193 7.52 28.80 -35.53
N ARG C 194 7.56 29.75 -34.59
CA ARG C 194 8.79 30.46 -34.29
C ARG C 194 9.80 29.58 -33.55
N PHE C 195 9.31 28.69 -32.68
CA PHE C 195 10.17 27.79 -31.93
C PHE C 195 10.85 26.81 -32.87
N LEU C 196 10.09 26.20 -33.78
CA LEU C 196 10.65 25.26 -34.74
C LEU C 196 11.58 25.93 -35.74
N GLU C 197 11.32 27.20 -36.11
CA GLU C 197 12.23 27.96 -36.99
C GLU C 197 13.55 28.21 -36.28
N ALA C 198 13.50 28.59 -35.00
CA ALA C 198 14.70 28.82 -34.19
C ALA C 198 15.52 27.55 -34.03
N GLN C 199 14.83 26.39 -33.96
CA GLN C 199 15.44 25.08 -33.84
C GLN C 199 16.16 24.69 -35.13
N VAL C 200 15.60 25.08 -36.29
CA VAL C 200 16.20 24.79 -37.59
C VAL C 200 17.48 25.60 -37.75
N GLN C 201 17.44 26.89 -37.37
CA GLN C 201 18.62 27.75 -37.44
C GLN C 201 19.72 27.29 -36.52
N SER C 202 19.36 26.79 -35.33
CA SER C 202 20.28 26.26 -34.34
C SER C 202 20.90 24.94 -34.84
N ALA C 203 20.08 24.09 -35.47
CA ALA C 203 20.54 22.82 -36.05
C ALA C 203 21.45 23.06 -37.25
N MET C 204 21.23 24.16 -38.00
CA MET C 204 22.06 24.50 -39.15
C MET C 204 23.47 24.86 -38.73
N GLU C 205 23.64 25.46 -37.54
CA GLU C 205 24.96 25.83 -37.02
C GLU C 205 25.71 24.69 -36.33
N GLU C 206 25.15 23.46 -36.34
CA GLU C 206 25.80 22.31 -35.71
C GLU C 206 27.10 21.95 -36.45
N PRO C 207 28.22 21.89 -35.71
CA PRO C 207 29.49 21.56 -36.36
C PRO C 207 29.57 20.10 -36.84
N VAL C 208 29.14 19.14 -36.01
CA VAL C 208 29.18 17.74 -36.38
C VAL C 208 28.05 17.45 -37.34
N GLU C 209 28.35 16.83 -38.48
CA GLU C 209 27.33 16.56 -39.49
C GLU C 209 26.27 15.55 -39.02
N LYS C 210 26.68 14.53 -38.25
CA LYS C 210 25.75 13.52 -37.75
C LYS C 210 24.70 14.10 -36.80
N ALA C 211 25.13 15.03 -35.91
CA ALA C 211 24.25 15.71 -34.97
C ALA C 211 23.28 16.64 -35.67
N LYS C 212 23.76 17.33 -36.71
CA LYS C 212 22.99 18.27 -37.52
C LYS C 212 21.80 17.57 -38.20
N ASN C 213 22.06 16.41 -38.80
CA ASN C 213 21.04 15.64 -39.49
C ASN C 213 20.04 15.04 -38.51
N TYR C 214 20.51 14.64 -37.31
CA TYR C 214 19.64 14.08 -36.27
C TYR C 214 18.62 15.14 -35.85
N ARG C 215 19.09 16.38 -35.61
CA ARG C 215 18.24 17.50 -35.22
C ARG C 215 17.23 17.85 -36.31
N LEU C 216 17.65 17.89 -37.57
CA LEU C 216 16.76 18.21 -38.68
C LEU C 216 15.71 17.10 -38.90
N MET C 217 16.08 15.83 -38.68
CA MET C 217 15.14 14.70 -38.77
C MET C 217 14.12 14.83 -37.62
N ASP C 218 14.61 15.18 -36.41
CA ASP C 218 13.79 15.35 -35.22
C ASP C 218 12.80 16.52 -35.37
N ILE C 219 13.23 17.67 -35.91
CA ILE C 219 12.33 18.81 -36.16
C ILE C 219 11.22 18.41 -37.14
N GLU C 220 11.52 17.52 -38.08
CA GLU C 220 10.52 17.02 -39.01
C GLU C 220 9.47 16.17 -38.28
N LYS C 221 9.90 15.38 -37.28
CA LYS C 221 9.00 14.57 -36.45
C LYS C 221 8.06 15.48 -35.64
N ARG C 222 8.57 16.63 -35.16
CA ARG C 222 7.82 17.63 -34.42
C ARG C 222 6.78 18.26 -35.33
N ARG C 223 7.16 18.64 -36.59
CA ARG C 223 6.24 19.21 -37.59
C ARG C 223 5.05 18.31 -37.81
N GLU C 224 5.28 16.98 -37.85
CA GLU C 224 4.22 15.99 -38.00
C GLU C 224 3.31 15.92 -36.78
N VAL C 225 3.87 16.08 -35.59
CA VAL C 225 3.13 16.07 -34.32
C VAL C 225 2.17 17.25 -34.32
N TYR C 226 2.68 18.45 -34.62
CA TYR C 226 1.83 19.64 -34.61
C TYR C 226 0.83 19.64 -35.76
N ARG C 227 1.10 18.93 -36.85
CA ARG C 227 0.17 18.80 -37.97
C ARG C 227 -1.08 18.05 -37.49
N SER C 228 -0.90 17.02 -36.65
CA SER C 228 -2.00 16.23 -36.12
C SER C 228 -2.94 17.01 -35.20
N ILE C 229 -2.52 18.19 -34.69
CA ILE C 229 -3.37 19.00 -33.82
C ILE C 229 -3.78 20.33 -34.49
N PHE C 230 -2.93 20.88 -35.34
CA PHE C 230 -3.23 22.15 -36.01
C PHE C 230 -3.99 22.01 -37.34
N ASP C 231 -4.22 20.77 -37.79
CA ASP C 231 -5.02 20.48 -38.98
C ASP C 231 -6.21 19.68 -38.45
N PRO C 232 -7.42 20.28 -38.43
CA PRO C 232 -8.59 19.56 -37.91
C PRO C 232 -8.95 18.30 -38.70
N ALA C 233 -8.64 18.27 -39.99
CA ALA C 233 -8.91 17.10 -40.82
C ALA C 233 -8.04 15.92 -40.37
N VAL C 234 -6.76 16.17 -40.00
CA VAL C 234 -5.85 15.12 -39.53
C VAL C 234 -6.30 14.58 -38.17
N HIS C 235 -6.84 15.47 -37.31
CA HIS C 235 -7.37 15.10 -36.01
C HIS C 235 -8.61 14.22 -36.21
N ASP C 236 -9.56 14.67 -37.04
CA ASP C 236 -10.79 13.93 -37.33
C ASP C 236 -10.52 12.54 -37.88
N ALA C 237 -9.44 12.38 -38.64
CA ALA C 237 -9.04 11.09 -39.20
C ALA C 237 -8.63 10.13 -38.09
N LEU C 238 -7.88 10.62 -37.11
CA LEU C 238 -7.42 9.84 -35.95
C LEU C 238 -8.58 9.49 -35.01
N VAL C 239 -9.61 10.35 -34.93
CA VAL C 239 -10.78 10.09 -34.08
C VAL C 239 -11.58 8.96 -34.71
N ARG C 240 -11.79 8.99 -36.05
CA ARG C 240 -12.49 7.95 -36.81
C ARG C 240 -11.73 6.63 -36.77
N ARG C 241 -10.39 6.71 -36.81
CA ARG C 241 -9.49 5.57 -36.75
C ARG C 241 -9.49 4.91 -35.33
N GLY C 242 -9.81 5.68 -34.30
CA GLY C 242 -9.86 5.18 -32.93
C GLY C 242 -8.69 5.56 -32.05
N ASP C 243 -7.67 6.23 -32.64
CA ASP C 243 -6.47 6.69 -31.92
C ASP C 243 -6.78 7.83 -30.92
N ARG C 244 -7.85 8.60 -31.20
CA ARG C 244 -8.32 9.69 -30.36
C ARG C 244 -9.84 9.57 -30.16
N ARG C 245 -10.32 10.14 -29.06
CA ARG C 245 -11.74 10.14 -28.70
C ARG C 245 -12.27 11.57 -28.65
N PHE C 246 -11.46 12.49 -28.11
CA PHE C 246 -11.80 13.89 -27.89
C PHE C 246 -12.13 14.65 -29.14
N SER C 247 -13.03 15.61 -29.03
CA SER C 247 -13.32 16.52 -30.11
C SER C 247 -12.11 17.46 -30.25
N HIS C 248 -11.96 18.11 -31.40
CA HIS C 248 -10.84 19.04 -31.62
C HIS C 248 -10.76 20.14 -30.54
N ARG C 249 -11.90 20.79 -30.24
CA ARG C 249 -11.95 21.84 -29.23
C ARG C 249 -11.72 21.34 -27.81
N ALA C 250 -12.12 20.09 -27.51
CA ALA C 250 -11.86 19.53 -26.16
C ALA C 250 -10.36 19.31 -25.98
N LEU C 251 -9.68 18.84 -27.04
CA LEU C 251 -8.23 18.62 -27.02
C LEU C 251 -7.49 19.96 -26.90
N GLN C 252 -8.04 21.05 -27.47
CA GLN C 252 -7.45 22.37 -27.35
C GLN C 252 -7.48 22.82 -25.88
N GLY C 253 -8.64 22.63 -25.23
CA GLY C 253 -8.84 22.98 -23.83
C GLY C 253 -7.98 22.15 -22.90
N ALA C 254 -7.83 20.85 -23.20
CA ALA C 254 -7.01 19.93 -22.40
C ALA C 254 -5.54 20.33 -22.50
N ILE C 255 -5.06 20.67 -23.73
CA ILE C 255 -3.69 21.11 -23.96
C ILE C 255 -3.42 22.42 -23.22
N MET C 256 -4.39 23.34 -23.28
CA MET C 256 -4.27 24.63 -22.61
C MET C 256 -4.09 24.50 -21.11
N ILE C 257 -4.92 23.66 -20.47
CA ILE C 257 -4.86 23.41 -19.04
C ILE C 257 -3.50 22.82 -18.65
N THR C 258 -2.96 21.86 -19.46
CA THR C 258 -1.66 21.24 -19.17
C THR C 258 -0.47 22.20 -19.31
N PHE C 259 -0.65 23.28 -20.08
CA PHE C 259 0.38 24.28 -20.28
C PHE C 259 0.46 25.25 -19.10
N TYR C 260 -0.72 25.63 -18.54
CA TYR C 260 -0.79 26.59 -17.45
C TYR C 260 -1.22 25.99 -16.12
N ARG C 261 -0.92 24.70 -15.90
CA ARG C 261 -1.27 23.96 -14.69
C ARG C 261 -0.69 24.56 -13.41
N ASP C 262 0.43 25.30 -13.52
CA ASP C 262 1.08 25.94 -12.37
C ASP C 262 0.39 27.27 -11.96
N GLU C 263 -0.55 27.77 -12.80
CA GLU C 263 -1.32 28.98 -12.53
C GLU C 263 -2.56 28.61 -11.75
N PRO C 264 -2.88 29.38 -10.71
CA PRO C 264 -4.06 29.07 -9.89
C PRO C 264 -5.38 28.85 -10.64
N ARG C 265 -5.58 29.61 -11.73
CA ARG C 265 -6.77 29.52 -12.61
C ARG C 265 -6.93 28.14 -13.21
N PHE C 266 -5.81 27.49 -13.55
CA PHE C 266 -5.83 26.17 -14.20
C PHE C 266 -5.37 25.03 -13.33
N SER C 267 -4.98 25.28 -12.06
CA SER C 267 -4.50 24.22 -11.17
C SER C 267 -5.58 23.21 -10.81
N GLN C 268 -6.79 23.68 -10.49
CA GLN C 268 -7.89 22.76 -10.17
C GLN C 268 -8.43 22.06 -11.42
N PRO C 269 -8.63 22.74 -12.58
CA PRO C 269 -9.02 22.00 -13.80
C PRO C 269 -8.01 20.90 -14.17
N HIS C 270 -6.71 21.15 -13.96
CA HIS C 270 -5.67 20.15 -14.22
C HIS C 270 -5.75 18.97 -13.26
N GLN C 271 -6.05 19.24 -11.99
CA GLN C 271 -6.23 18.21 -10.98
C GLN C 271 -7.38 17.27 -11.36
N LEU C 272 -8.46 17.83 -11.94
CA LEU C 272 -9.63 17.11 -12.42
C LEU C 272 -9.20 16.12 -13.54
N LEU C 273 -8.39 16.59 -14.51
CA LEU C 273 -7.89 15.75 -15.59
C LEU C 273 -6.98 14.65 -15.06
N THR C 274 -6.15 15.00 -14.09
CA THR C 274 -5.21 14.10 -13.46
C THR C 274 -5.95 12.98 -12.75
N LEU C 275 -7.04 13.30 -12.05
CA LEU C 275 -7.80 12.27 -11.33
C LEU C 275 -8.54 11.34 -12.29
N LEU C 276 -8.98 11.86 -13.44
CA LEU C 276 -9.63 11.05 -14.46
C LEU C 276 -8.64 10.02 -15.02
N MET C 277 -7.37 10.42 -15.20
CA MET C 277 -6.32 9.54 -15.69
C MET C 277 -5.95 8.51 -14.65
N ASP C 278 -5.96 8.90 -13.37
CA ASP C 278 -5.67 8.00 -12.26
C ASP C 278 -6.74 6.91 -12.17
N ILE C 279 -8.02 7.27 -12.37
CA ILE C 279 -9.16 6.34 -12.34
C ILE C 279 -9.02 5.33 -13.46
N ASP C 280 -8.68 5.82 -14.66
CA ASP C 280 -8.46 5.02 -15.87
C ASP C 280 -7.34 4.01 -15.66
N SER C 281 -6.21 4.48 -15.10
CA SER C 281 -5.05 3.66 -14.79
C SER C 281 -5.37 2.58 -13.75
N LEU C 282 -6.16 2.94 -12.71
CA LEU C 282 -6.56 2.03 -11.63
C LEU C 282 -7.54 0.98 -12.10
N ILE C 283 -8.40 1.32 -13.07
CA ILE C 283 -9.32 0.32 -13.63
C ILE C 283 -8.52 -0.73 -14.46
N THR C 284 -7.45 -0.29 -15.12
CA THR C 284 -6.57 -1.19 -15.86
C THR C 284 -5.73 -2.05 -14.89
N LYS C 285 -5.31 -1.47 -13.74
CA LYS C 285 -4.57 -2.20 -12.71
C LYS C 285 -5.46 -3.27 -12.07
N TRP C 286 -6.77 -3.02 -11.97
CA TRP C 286 -7.68 -4.04 -11.44
C TRP C 286 -7.80 -5.14 -12.49
N ARG C 287 -7.97 -4.79 -13.76
CA ARG C 287 -8.11 -5.76 -14.84
C ARG C 287 -6.90 -6.68 -14.93
N TYR C 288 -5.70 -6.12 -14.72
CA TYR C 288 -4.46 -6.87 -14.76
C TYR C 288 -4.40 -7.81 -13.56
N ASN C 289 -4.66 -7.29 -12.36
CA ASN C 289 -4.63 -8.10 -11.13
C ASN C 289 -5.64 -9.22 -11.16
N HIS C 290 -6.83 -8.94 -11.72
CA HIS C 290 -7.92 -9.90 -11.87
C HIS C 290 -7.50 -11.01 -12.86
N VAL C 291 -6.91 -10.62 -14.03
CA VAL C 291 -6.47 -11.60 -15.04
C VAL C 291 -5.33 -12.52 -14.51
N ILE C 292 -4.45 -11.99 -13.64
CA ILE C 292 -3.36 -12.79 -13.03
C ILE C 292 -3.95 -13.81 -12.03
N MET C 293 -4.99 -13.40 -11.31
CA MET C 293 -5.68 -14.22 -10.33
C MET C 293 -6.42 -15.35 -11.04
N VAL C 294 -7.08 -15.04 -12.17
CA VAL C 294 -7.81 -16.00 -12.99
C VAL C 294 -6.84 -17.09 -13.48
N GLN C 295 -5.65 -16.69 -13.92
CA GLN C 295 -4.64 -17.61 -14.41
C GLN C 295 -4.02 -18.46 -13.29
N ARG C 296 -3.98 -17.92 -12.07
CA ARG C 296 -3.47 -18.64 -10.91
C ARG C 296 -4.51 -19.66 -10.43
N MET C 297 -5.81 -19.37 -10.60
CA MET C 297 -6.90 -20.25 -10.17
C MET C 297 -7.25 -21.33 -11.18
N ILE C 298 -7.48 -20.95 -12.44
CA ILE C 298 -7.95 -21.89 -13.45
C ILE C 298 -7.08 -21.94 -14.73
N GLY C 299 -5.99 -21.20 -14.78
CA GLY C 299 -5.11 -21.18 -15.95
C GLY C 299 -5.75 -20.49 -17.14
N SER C 300 -5.22 -20.69 -18.35
CA SER C 300 -5.82 -20.10 -19.56
C SER C 300 -7.17 -20.78 -19.90
N GLN C 301 -7.31 -22.07 -19.55
CA GLN C 301 -8.54 -22.84 -19.73
C GLN C 301 -8.65 -23.94 -18.68
N GLN C 302 -9.87 -24.35 -18.36
CA GLN C 302 -10.13 -25.40 -17.37
C GLN C 302 -11.51 -26.07 -17.67
N LEU C 303 -11.85 -27.13 -16.92
CA LEU C 303 -13.09 -27.86 -17.09
C LEU C 303 -14.28 -26.94 -16.84
N GLY C 304 -15.02 -26.65 -17.89
CA GLY C 304 -16.19 -25.76 -17.86
C GLY C 304 -15.99 -24.50 -18.68
N THR C 305 -14.72 -24.13 -18.93
CA THR C 305 -14.33 -22.93 -19.66
C THR C 305 -14.62 -23.02 -21.16
N GLY C 306 -14.52 -24.24 -21.72
CA GLY C 306 -14.73 -24.47 -23.13
C GLY C 306 -13.67 -23.79 -23.97
N GLY C 307 -12.42 -23.99 -23.58
CA GLY C 307 -11.27 -23.39 -24.24
C GLY C 307 -10.76 -22.15 -23.54
N SER C 308 -9.81 -21.43 -24.15
CA SER C 308 -9.24 -20.23 -23.52
C SER C 308 -9.89 -18.94 -24.00
N SER C 309 -11.15 -19.01 -24.45
CA SER C 309 -11.90 -17.85 -24.97
C SER C 309 -12.19 -16.75 -23.95
N GLY C 310 -12.63 -17.14 -22.75
CA GLY C 310 -12.92 -16.22 -21.67
C GLY C 310 -11.68 -15.53 -21.13
N TYR C 311 -10.58 -16.30 -20.99
CA TYR C 311 -9.30 -15.79 -20.51
C TYR C 311 -8.72 -14.79 -21.52
N GLN C 312 -8.77 -15.15 -22.81
CA GLN C 312 -8.29 -14.30 -23.90
C GLN C 312 -9.11 -13.03 -24.04
N TYR C 313 -10.40 -13.07 -23.69
CA TYR C 313 -11.23 -11.87 -23.71
C TYR C 313 -10.71 -10.92 -22.60
N LEU C 314 -10.45 -11.45 -21.39
CA LEU C 314 -9.94 -10.66 -20.28
C LEU C 314 -8.60 -10.02 -20.63
N ARG C 315 -7.73 -10.72 -21.38
CA ARG C 315 -6.45 -10.17 -21.82
C ARG C 315 -6.62 -9.06 -22.84
N SER C 316 -7.69 -9.09 -23.62
CA SER C 316 -7.97 -8.03 -24.60
C SER C 316 -8.51 -6.74 -23.93
N THR C 317 -9.02 -6.84 -22.68
CA THR C 317 -9.48 -5.67 -21.93
C THR C 317 -8.30 -4.84 -21.38
N LEU C 318 -7.06 -5.37 -21.46
CA LEU C 318 -5.85 -4.66 -21.03
C LEU C 318 -5.31 -3.66 -22.08
N SER C 319 -5.88 -3.68 -23.31
CA SER C 319 -5.50 -2.81 -24.41
C SER C 319 -5.98 -1.36 -24.21
N ASP C 320 -5.37 -0.42 -24.97
CA ASP C 320 -5.77 1.00 -24.91
C ASP C 320 -7.16 1.26 -25.49
N ARG C 321 -7.81 0.25 -26.12
CA ARG C 321 -9.20 0.34 -26.58
C ARG C 321 -10.15 0.47 -25.36
N TYR C 322 -9.70 0.06 -24.15
CA TYR C 322 -10.48 0.12 -22.93
C TYR C 322 -10.16 1.36 -22.05
N LYS C 323 -9.12 2.12 -22.39
CA LYS C 323 -8.77 3.34 -21.69
C LYS C 323 -9.69 4.44 -22.23
N VAL C 324 -10.50 5.04 -21.37
CA VAL C 324 -11.47 6.08 -21.72
C VAL C 324 -10.83 7.43 -22.08
N PHE C 325 -9.97 7.96 -21.20
CA PHE C 325 -9.35 9.26 -21.39
C PHE C 325 -7.97 9.12 -21.97
N LEU C 326 -7.87 8.31 -23.03
CA LEU C 326 -6.69 7.97 -23.78
C LEU C 326 -5.93 9.21 -24.28
N ASP C 327 -6.67 10.26 -24.66
CA ASP C 327 -6.12 11.51 -25.18
C ASP C 327 -5.32 12.28 -24.15
N LEU C 328 -5.77 12.24 -22.89
CA LEU C 328 -5.14 12.94 -21.80
C LEU C 328 -3.73 12.44 -21.51
N PHE C 329 -3.48 11.15 -21.71
CA PHE C 329 -2.18 10.55 -21.44
C PHE C 329 -1.09 11.04 -22.39
N ASN C 330 -1.46 11.42 -23.61
CA ASN C 330 -0.50 11.84 -24.61
C ASN C 330 -0.23 13.35 -24.67
N LEU C 331 -1.00 14.18 -23.94
CA LEU C 331 -0.87 15.64 -23.99
C LEU C 331 0.55 16.20 -23.85
N SER C 332 1.47 15.47 -23.22
CA SER C 332 2.85 15.95 -23.05
C SER C 332 3.68 15.93 -24.35
N THR C 333 3.19 15.23 -25.38
CA THR C 333 3.83 15.15 -26.71
C THR C 333 3.83 16.51 -27.40
N PHE C 334 2.84 17.37 -27.07
CA PHE C 334 2.64 18.69 -27.68
C PHE C 334 3.29 19.85 -26.93
N LEU C 335 3.94 19.58 -25.81
CA LEU C 335 4.58 20.58 -24.96
C LEU C 335 5.74 21.35 -25.61
N ILE C 336 5.80 22.65 -25.34
CA ILE C 336 6.89 23.55 -25.74
C ILE C 336 7.53 24.11 -24.45
N PRO C 337 8.80 24.59 -24.48
CA PRO C 337 9.41 25.10 -23.23
C PRO C 337 8.67 26.28 -22.59
N ARG C 338 8.95 26.58 -21.30
CA ARG C 338 8.29 27.66 -20.57
C ARG C 338 8.37 28.99 -21.31
N GLU C 339 9.57 29.31 -21.82
CA GLU C 339 9.84 30.55 -22.54
C GLU C 339 9.19 30.60 -23.94
N ALA C 340 8.76 29.45 -24.49
CA ALA C 340 8.09 29.38 -25.78
C ALA C 340 6.57 29.52 -25.65
N ILE C 341 6.00 29.15 -24.49
CA ILE C 341 4.56 29.23 -24.24
C ILE C 341 4.08 30.69 -24.15
N PRO C 342 3.00 31.04 -24.87
CA PRO C 342 2.48 32.43 -24.81
C PRO C 342 2.03 32.81 -23.40
N PRO C 343 2.50 33.97 -22.90
CA PRO C 343 2.17 34.35 -21.52
C PRO C 343 0.72 34.74 -21.28
N LEU C 344 0.20 34.47 -20.07
CA LEU C 344 -1.19 34.79 -19.72
C LEU C 344 -1.38 36.30 -19.53
N ASP C 345 -2.37 36.90 -20.23
CA ASP C 345 -2.61 38.35 -20.15
C ASP C 345 -3.90 38.71 -19.41
N GLU C 346 -5.08 38.40 -19.99
CA GLU C 346 -6.41 38.64 -19.42
C GLU C 346 -6.60 40.07 -18.91
N LYS D 3 32.61 1.89 15.02
CA LYS D 3 32.34 2.89 14.00
C LYS D 3 31.07 3.72 14.31
N ILE D 4 31.15 5.06 14.16
CA ILE D 4 29.98 5.94 14.37
C ILE D 4 29.01 5.87 13.15
N TYR D 5 27.71 6.18 13.34
CA TYR D 5 26.65 6.11 12.32
C TYR D 5 27.06 6.62 10.92
N GLY D 6 27.58 7.85 10.86
CA GLY D 6 28.01 8.46 9.61
C GLY D 6 29.19 7.79 8.98
N GLU D 7 30.10 7.25 9.80
CA GLU D 7 31.29 6.55 9.31
C GLU D 7 30.95 5.14 8.84
N TYR D 8 30.07 4.46 9.58
CA TYR D 8 29.63 3.11 9.28
C TYR D 8 28.89 3.07 7.93
N LEU D 9 27.93 3.97 7.76
CA LEU D 9 27.17 4.04 6.54
C LEU D 9 27.86 4.85 5.43
N MET D 10 29.06 5.43 5.71
CA MET D 10 29.83 6.21 4.74
C MET D 10 29.00 7.30 4.11
N LEU D 11 28.31 8.05 4.96
CA LEU D 11 27.45 9.15 4.53
C LEU D 11 28.25 10.32 3.94
N ASP D 12 29.56 10.41 4.23
CA ASP D 12 30.42 11.45 3.64
C ASP D 12 30.64 11.21 2.12
N LYS D 13 30.49 9.94 1.69
CA LYS D 13 30.62 9.48 0.33
C LYS D 13 29.23 9.43 -0.30
N LEU D 14 28.25 8.81 0.39
CA LEU D 14 26.86 8.66 -0.08
C LEU D 14 26.14 10.00 -0.27
N LEU D 15 26.19 10.86 0.76
CA LEU D 15 25.56 12.17 0.70
C LEU D 15 26.39 13.23 -0.03
N ASP D 16 27.38 12.79 -0.80
CA ASP D 16 28.18 13.66 -1.64
C ASP D 16 28.05 13.31 -3.16
N ALA D 17 27.21 12.32 -3.50
CA ALA D 17 26.98 11.93 -4.89
C ALA D 17 25.83 12.71 -5.55
N GLN D 18 25.38 13.82 -4.95
CA GLN D 18 24.29 14.59 -5.50
C GLN D 18 24.75 15.89 -6.11
N CYS D 19 24.75 15.95 -7.43
CA CYS D 19 25.18 17.15 -8.13
C CYS D 19 24.21 17.54 -9.24
N MET D 20 23.47 18.61 -8.99
CA MET D 20 22.53 19.14 -9.96
C MET D 20 23.27 19.93 -11.02
N LEU D 21 23.15 19.51 -12.29
CA LEU D 21 23.79 20.21 -13.40
C LEU D 21 23.07 21.51 -13.77
N SER D 22 21.80 21.68 -13.37
CA SER D 22 21.08 22.93 -13.60
C SER D 22 21.62 24.00 -12.64
N GLU D 23 21.90 23.62 -11.38
CA GLU D 23 22.46 24.51 -10.37
C GLU D 23 23.91 24.91 -10.76
N GLU D 24 24.67 23.95 -11.33
CA GLU D 24 26.05 24.10 -11.85
C GLU D 24 26.08 25.15 -12.97
N ASP D 25 25.08 25.10 -13.87
CA ASP D 25 24.96 26.02 -14.99
C ASP D 25 24.27 27.35 -14.63
N LYS D 26 24.05 27.59 -13.32
CA LYS D 26 23.40 28.76 -12.72
C LYS D 26 21.98 29.01 -13.22
N ARG D 27 21.30 27.94 -13.64
CA ARG D 27 19.89 27.95 -14.07
C ARG D 27 19.24 26.78 -13.30
N PRO D 28 19.06 26.87 -11.95
CA PRO D 28 18.60 25.69 -11.21
C PRO D 28 17.12 25.38 -11.33
N VAL D 29 16.82 24.06 -11.32
CA VAL D 29 15.49 23.46 -11.38
C VAL D 29 15.38 22.63 -10.11
N HIS D 30 14.54 23.06 -9.14
CA HIS D 30 14.34 22.40 -7.85
C HIS D 30 14.07 20.87 -7.94
N ASP D 31 13.26 20.46 -8.91
CA ASP D 31 12.91 19.04 -9.07
C ASP D 31 14.06 18.16 -9.57
N GLU D 32 15.23 18.73 -9.91
CA GLU D 32 16.38 17.92 -10.33
C GLU D 32 16.96 17.10 -9.16
N HIS D 33 16.85 17.64 -7.94
CA HIS D 33 17.30 16.96 -6.73
C HIS D 33 16.48 15.66 -6.55
N LEU D 34 15.15 15.76 -6.78
CA LEU D 34 14.22 14.64 -6.66
C LEU D 34 14.57 13.58 -7.67
N PHE D 35 14.84 14.00 -8.91
CA PHE D 35 15.25 13.13 -10.02
C PHE D 35 16.50 12.32 -9.64
N ILE D 36 17.53 12.97 -9.08
CA ILE D 36 18.75 12.31 -8.68
C ILE D 36 18.53 11.33 -7.52
N ILE D 37 17.95 11.80 -6.41
CA ILE D 37 17.66 10.98 -5.23
C ILE D 37 16.79 9.76 -5.56
N THR D 38 15.72 9.94 -6.35
CA THR D 38 14.85 8.81 -6.72
C THR D 38 15.62 7.74 -7.48
N HIS D 39 16.47 8.15 -8.42
CA HIS D 39 17.29 7.24 -9.21
C HIS D 39 18.33 6.55 -8.35
N GLN D 40 18.93 7.26 -7.41
CA GLN D 40 19.92 6.71 -6.52
C GLN D 40 19.31 5.76 -5.50
N ALA D 41 18.05 5.98 -5.11
CA ALA D 41 17.35 5.07 -4.21
C ALA D 41 17.09 3.75 -4.98
N TYR D 42 16.70 3.84 -6.29
CA TYR D 42 16.52 2.69 -7.16
C TYR D 42 17.84 1.92 -7.25
N GLU D 43 18.97 2.60 -7.48
CA GLU D 43 20.27 1.96 -7.61
C GLU D 43 20.77 1.31 -6.34
N LEU D 44 20.39 1.84 -5.17
CA LEU D 44 20.77 1.21 -3.90
C LEU D 44 20.03 -0.10 -3.77
N TRP D 45 18.71 -0.09 -4.05
CA TRP D 45 17.90 -1.30 -3.97
C TRP D 45 18.21 -2.29 -5.08
N PHE D 46 18.76 -1.84 -6.23
CA PHE D 46 19.21 -2.72 -7.30
C PHE D 46 20.42 -3.50 -6.78
N LYS D 47 21.37 -2.82 -6.09
CA LYS D 47 22.54 -3.48 -5.52
C LYS D 47 22.12 -4.54 -4.50
N GLN D 48 21.06 -4.26 -3.72
CA GLN D 48 20.52 -5.20 -2.75
C GLN D 48 19.91 -6.41 -3.42
N ILE D 49 19.07 -6.20 -4.45
CA ILE D 49 18.45 -7.28 -5.22
C ILE D 49 19.50 -8.19 -5.84
N ILE D 50 20.58 -7.60 -6.42
CA ILE D 50 21.69 -8.35 -7.03
C ILE D 50 22.40 -9.20 -5.98
N PHE D 51 22.62 -8.62 -4.80
CA PHE D 51 23.27 -9.30 -3.70
C PHE D 51 22.48 -10.53 -3.25
N GLU D 52 21.14 -10.39 -3.19
CA GLU D 52 20.26 -11.46 -2.79
C GLU D 52 20.22 -12.55 -3.85
N PHE D 53 20.11 -12.12 -5.13
CA PHE D 53 20.05 -13.01 -6.27
C PHE D 53 21.30 -13.84 -6.38
N ASP D 54 22.47 -13.22 -6.17
CA ASP D 54 23.72 -13.94 -6.27
C ASP D 54 23.83 -14.98 -5.19
N SER D 55 23.38 -14.70 -3.97
CA SER D 55 23.42 -15.69 -2.90
C SER D 55 22.44 -16.83 -3.13
N ILE D 56 21.25 -16.54 -3.66
CA ILE D 56 20.26 -17.57 -3.98
C ILE D 56 20.79 -18.47 -5.12
N ARG D 57 21.50 -17.87 -6.09
CA ARG D 57 22.08 -18.62 -7.20
C ARG D 57 23.14 -19.59 -6.69
N ASP D 58 24.00 -19.14 -5.76
CA ASP D 58 25.04 -19.97 -5.16
C ASP D 58 24.45 -21.14 -4.38
N MET D 59 23.31 -20.91 -3.72
CA MET D 59 22.59 -21.94 -2.96
C MET D 59 21.94 -22.96 -3.88
N LEU D 60 21.42 -22.50 -5.03
CA LEU D 60 20.79 -23.38 -6.02
C LEU D 60 21.80 -24.15 -6.87
N ASP D 61 23.07 -23.70 -6.91
CA ASP D 61 24.13 -24.35 -7.68
C ASP D 61 24.73 -25.52 -6.88
N ALA D 62 23.87 -26.44 -6.43
CA ALA D 62 24.25 -27.60 -5.64
C ALA D 62 23.33 -28.78 -5.99
N GLU D 63 23.85 -30.02 -5.96
CA GLU D 63 23.05 -31.22 -6.27
C GLU D 63 22.01 -31.56 -5.19
N VAL D 64 22.27 -31.14 -3.95
CA VAL D 64 21.40 -31.37 -2.80
C VAL D 64 20.96 -30.04 -2.16
N ILE D 65 19.67 -29.75 -2.21
CA ILE D 65 19.13 -28.53 -1.61
C ILE D 65 18.18 -28.97 -0.51
N ASP D 66 18.66 -28.97 0.74
CA ASP D 66 17.87 -29.45 1.87
C ASP D 66 16.79 -28.44 2.33
N GLU D 67 15.93 -28.87 3.27
CA GLU D 67 14.86 -28.06 3.81
C GLU D 67 15.38 -26.74 4.39
N THR D 68 16.55 -26.78 5.04
CA THR D 68 17.13 -25.61 5.67
C THR D 68 17.58 -24.57 4.62
N LYS D 69 18.27 -25.00 3.55
CA LYS D 69 18.68 -24.07 2.48
C LYS D 69 17.46 -23.53 1.75
N THR D 70 16.43 -24.39 1.53
CA THR D 70 15.19 -24.00 0.88
C THR D 70 14.49 -22.86 1.60
N LEU D 71 14.45 -22.90 2.95
CA LEU D 71 13.85 -21.87 3.80
C LEU D 71 14.59 -20.54 3.66
N GLU D 72 15.92 -20.58 3.55
CA GLU D 72 16.73 -19.37 3.39
C GLU D 72 16.54 -18.77 1.98
N ILE D 73 16.31 -19.62 0.97
CA ILE D 73 16.03 -19.15 -0.38
C ILE D 73 14.67 -18.43 -0.37
N VAL D 74 13.66 -19.01 0.29
CA VAL D 74 12.34 -18.41 0.43
C VAL D 74 12.41 -17.05 1.20
N LYS D 75 13.22 -16.96 2.25
CA LYS D 75 13.39 -15.71 3.01
C LYS D 75 13.93 -14.59 2.14
N ARG D 76 14.95 -14.90 1.34
CA ARG D 76 15.59 -13.94 0.46
C ARG D 76 14.74 -13.60 -0.77
N LEU D 77 13.96 -14.56 -1.30
CA LEU D 77 13.06 -14.29 -2.42
C LEU D 77 11.95 -13.35 -1.96
N ASN D 78 11.43 -13.58 -0.76
CA ASN D 78 10.37 -12.76 -0.19
C ASN D 78 10.86 -11.36 0.12
N ARG D 79 12.13 -11.23 0.52
CA ARG D 79 12.75 -9.94 0.78
C ARG D 79 12.80 -9.13 -0.53
N VAL D 80 13.18 -9.78 -1.65
CA VAL D 80 13.24 -9.16 -2.98
C VAL D 80 11.83 -8.68 -3.40
N VAL D 81 10.78 -9.48 -3.07
CA VAL D 81 9.38 -9.15 -3.36
C VAL D 81 8.99 -7.85 -2.67
N LEU D 82 9.45 -7.66 -1.41
CA LEU D 82 9.19 -6.45 -0.63
C LEU D 82 9.92 -5.26 -1.22
N ILE D 83 11.17 -5.47 -1.68
CA ILE D 83 11.99 -4.43 -2.27
C ILE D 83 11.41 -3.99 -3.60
N LEU D 84 10.89 -4.95 -4.40
CA LEU D 84 10.27 -4.65 -5.67
C LEU D 84 9.00 -3.85 -5.46
N LYS D 85 8.16 -4.20 -4.46
CA LYS D 85 6.94 -3.40 -4.16
C LYS D 85 7.29 -1.97 -3.81
N LEU D 86 8.39 -1.77 -3.11
CA LEU D 86 8.88 -0.47 -2.69
C LEU D 86 9.28 0.35 -3.92
N LEU D 87 9.96 -0.29 -4.89
CA LEU D 87 10.39 0.37 -6.10
C LEU D 87 9.21 0.75 -7.02
N VAL D 88 8.15 -0.05 -7.04
CA VAL D 88 6.94 0.29 -7.80
C VAL D 88 6.30 1.57 -7.20
N ASP D 89 6.36 1.71 -5.86
CA ASP D 89 5.83 2.88 -5.14
C ASP D 89 6.71 4.13 -5.24
N GLN D 90 7.90 4.02 -5.81
CA GLN D 90 8.78 5.19 -5.97
C GLN D 90 8.42 6.00 -7.21
N VAL D 91 7.75 5.37 -8.19
CA VAL D 91 7.31 6.05 -9.41
C VAL D 91 6.36 7.24 -9.09
N PRO D 92 5.29 7.06 -8.28
CA PRO D 92 4.42 8.21 -7.97
C PRO D 92 5.11 9.40 -7.32
N ILE D 93 6.28 9.18 -6.68
CA ILE D 93 7.07 10.23 -6.06
C ILE D 93 7.73 11.07 -7.15
N LEU D 94 8.28 10.41 -8.20
CA LEU D 94 8.89 11.15 -9.30
C LEU D 94 7.81 11.82 -10.17
N GLU D 95 6.62 11.20 -10.27
CA GLU D 95 5.47 11.76 -10.99
C GLU D 95 5.00 13.10 -10.41
N THR D 96 5.51 13.49 -9.23
CA THR D 96 5.23 14.78 -8.58
C THR D 96 5.86 15.94 -9.36
N MET D 97 6.92 15.66 -10.14
CA MET D 97 7.64 16.61 -10.98
C MET D 97 6.81 16.96 -12.22
N THR D 98 6.74 18.25 -12.59
CA THR D 98 5.96 18.64 -13.76
C THR D 98 6.76 18.45 -15.04
N PRO D 99 6.08 18.17 -16.16
CA PRO D 99 6.76 17.97 -17.44
C PRO D 99 7.60 19.16 -17.91
N LEU D 100 7.19 20.38 -17.55
CA LEU D 100 7.89 21.61 -17.90
C LEU D 100 9.11 21.82 -17.01
N ASP D 101 9.04 21.37 -15.75
CA ASP D 101 10.19 21.42 -14.85
C ASP D 101 11.22 20.41 -15.37
N PHE D 102 10.77 19.21 -15.74
CA PHE D 102 11.67 18.18 -16.30
C PHE D 102 12.32 18.67 -17.60
N MET D 103 11.55 19.35 -18.45
CA MET D 103 12.02 19.89 -19.72
C MET D 103 13.19 20.89 -19.54
N ASP D 104 13.20 21.62 -18.40
CA ASP D 104 14.21 22.64 -18.11
C ASP D 104 15.58 22.11 -17.66
N PHE D 105 15.70 20.80 -17.40
CA PHE D 105 16.99 20.22 -17.03
C PHE D 105 17.34 18.95 -17.86
N ARG D 106 16.42 18.46 -18.69
CA ARG D 106 16.59 17.29 -19.56
C ARG D 106 17.84 17.43 -20.50
N LYS D 107 18.23 18.69 -20.80
CA LYS D 107 19.35 19.07 -21.65
C LYS D 107 20.66 18.49 -21.15
N TYR D 108 20.83 18.43 -19.83
CA TYR D 108 22.07 17.94 -19.21
C TYR D 108 22.17 16.41 -19.13
N LEU D 109 21.14 15.68 -19.62
CA LEU D 109 21.09 14.22 -19.60
C LEU D 109 21.71 13.56 -20.85
N GLN D 116 20.56 1.39 -20.43
CA GLN D 116 20.41 2.51 -19.48
C GLN D 116 21.25 2.29 -18.16
N SER D 117 20.71 1.49 -17.21
CA SER D 117 21.32 1.15 -15.93
C SER D 117 22.03 -0.18 -16.03
N LEU D 118 23.29 -0.25 -15.57
CA LEU D 118 24.02 -1.52 -15.58
C LEU D 118 23.35 -2.50 -14.62
N GLN D 119 22.95 -2.00 -13.42
CA GLN D 119 22.34 -2.82 -12.40
C GLN D 119 21.01 -3.39 -12.79
N PHE D 120 20.16 -2.61 -13.49
CA PHE D 120 18.86 -3.12 -13.94
C PHE D 120 19.03 -4.28 -14.92
N ARG D 121 20.03 -4.16 -15.82
CA ARG D 121 20.34 -5.19 -16.81
C ARG D 121 20.90 -6.44 -16.10
N LEU D 122 21.73 -6.26 -15.07
CA LEU D 122 22.26 -7.39 -14.32
C LEU D 122 21.12 -8.18 -13.65
N ILE D 123 20.07 -7.48 -13.16
CA ILE D 123 18.90 -8.12 -12.56
C ILE D 123 18.14 -8.92 -13.62
N GLU D 124 17.84 -8.29 -14.78
CA GLU D 124 17.15 -8.94 -15.90
C GLU D 124 17.87 -10.23 -16.32
N ASN D 125 19.21 -10.15 -16.47
CA ASN D 125 20.05 -11.28 -16.87
C ASN D 125 20.14 -12.36 -15.79
N LYS D 126 20.40 -11.98 -14.52
CA LYS D 126 20.49 -12.95 -13.43
C LYS D 126 19.16 -13.64 -13.14
N LEU D 127 18.02 -12.97 -13.36
CA LEU D 127 16.72 -13.59 -13.19
C LEU D 127 16.51 -14.60 -14.31
N GLY D 128 16.83 -14.19 -15.55
CA GLY D 128 16.73 -15.11 -16.67
C GLY D 128 16.09 -14.55 -17.93
N VAL D 129 16.06 -13.21 -18.08
CA VAL D 129 15.52 -12.59 -19.29
C VAL D 129 16.44 -12.97 -20.45
N LEU D 130 15.92 -13.83 -21.36
CA LEU D 130 16.69 -14.38 -22.48
C LEU D 130 17.14 -13.30 -23.44
N THR D 131 18.46 -13.25 -23.71
CA THR D 131 19.08 -12.25 -24.58
C THR D 131 18.43 -12.18 -25.99
N GLU D 132 17.92 -13.31 -26.50
CA GLU D 132 17.25 -13.37 -27.80
C GLU D 132 15.80 -12.83 -27.78
N GLN D 133 15.33 -12.29 -26.65
CA GLN D 133 14.00 -11.70 -26.54
C GLN D 133 14.05 -10.17 -26.51
N ARG D 134 15.18 -9.59 -26.12
CA ARG D 134 15.32 -8.14 -26.05
C ARG D 134 15.06 -7.46 -27.40
N VAL D 135 14.05 -6.57 -27.44
CA VAL D 135 13.71 -5.81 -28.65
C VAL D 135 14.82 -4.77 -28.92
N ARG D 136 15.06 -4.42 -30.20
CA ARG D 136 16.11 -3.44 -30.52
C ARG D 136 15.59 -2.01 -30.43
N VAL D 144 26.85 -1.94 -25.93
CA VAL D 144 25.85 -1.05 -25.34
C VAL D 144 26.43 -0.19 -24.20
N PHE D 145 27.45 -0.72 -23.49
CA PHE D 145 28.11 -0.04 -22.37
C PHE D 145 29.61 -0.03 -22.65
N SER D 146 30.25 1.15 -22.62
CA SER D 146 31.66 1.29 -22.96
C SER D 146 32.70 0.81 -21.91
N ASP D 147 32.36 0.84 -20.61
CA ASP D 147 33.30 0.46 -19.55
C ASP D 147 33.70 -1.03 -19.57
N GLU D 148 34.98 -1.34 -19.28
CA GLU D 148 35.42 -2.74 -19.29
C GLU D 148 34.99 -3.51 -18.05
N GLU D 149 34.76 -2.81 -16.92
CA GLU D 149 34.26 -3.46 -15.70
C GLU D 149 32.76 -3.80 -15.91
N ALA D 150 32.01 -2.89 -16.56
CA ALA D 150 30.60 -3.07 -16.88
C ALA D 150 30.41 -4.14 -17.96
N ARG D 151 31.34 -4.22 -18.92
CA ARG D 151 31.26 -5.22 -19.99
C ARG D 151 31.48 -6.62 -19.41
N ASN D 152 32.44 -6.77 -18.48
CA ASN D 152 32.74 -8.01 -17.79
C ASN D 152 31.52 -8.46 -16.97
N SER D 153 30.87 -7.50 -16.30
CA SER D 153 29.69 -7.78 -15.48
C SER D 153 28.55 -8.36 -16.31
N ILE D 154 28.23 -7.73 -17.46
CA ILE D 154 27.16 -8.17 -18.35
C ILE D 154 27.53 -9.48 -19.02
N ARG D 155 28.81 -9.68 -19.38
CA ARG D 155 29.27 -10.93 -19.96
C ARG D 155 29.02 -12.10 -18.99
N ASN D 156 29.47 -11.95 -17.72
CA ASN D 156 29.30 -12.97 -16.69
C ASN D 156 27.84 -13.25 -16.35
N SER D 157 26.98 -12.23 -16.38
CA SER D 157 25.56 -12.42 -16.09
C SER D 157 24.83 -13.27 -17.17
N GLU D 158 25.39 -13.29 -18.39
CA GLU D 158 24.85 -14.07 -19.51
C GLU D 158 25.47 -15.47 -19.55
N LYS D 159 26.77 -15.60 -19.20
CA LYS D 159 27.47 -16.88 -19.20
C LYS D 159 27.10 -17.76 -18.00
N ASP D 160 27.14 -17.20 -16.80
CA ASP D 160 26.81 -17.93 -15.58
C ASP D 160 25.31 -18.28 -15.50
N PRO D 161 24.97 -19.40 -14.87
CA PRO D 161 23.56 -19.83 -14.86
C PRO D 161 22.61 -18.88 -14.17
N SER D 162 21.56 -18.50 -14.88
CA SER D 162 20.53 -17.61 -14.36
C SER D 162 19.61 -18.34 -13.33
N LEU D 163 18.72 -17.60 -12.65
CA LEU D 163 17.79 -18.20 -11.71
C LEU D 163 16.84 -19.17 -12.43
N LEU D 164 16.46 -18.86 -13.68
CA LEU D 164 15.62 -19.71 -14.50
C LEU D 164 16.29 -21.07 -14.76
N GLU D 165 17.60 -21.07 -15.09
CA GLU D 165 18.33 -22.32 -15.34
C GLU D 165 18.47 -23.15 -14.07
N LEU D 166 18.86 -22.51 -12.96
CA LEU D 166 19.08 -23.16 -11.67
C LEU D 166 17.81 -23.72 -11.05
N VAL D 167 16.67 -23.02 -11.23
CA VAL D 167 15.38 -23.47 -10.75
C VAL D 167 14.94 -24.70 -11.56
N GLN D 168 15.19 -24.69 -12.87
CA GLN D 168 14.84 -25.82 -13.74
C GLN D 168 15.55 -27.08 -13.30
N ARG D 169 16.85 -26.99 -12.99
CA ARG D 169 17.61 -28.14 -12.53
C ARG D 169 17.09 -28.67 -11.21
N TRP D 170 16.65 -27.77 -10.32
CA TRP D 170 16.08 -28.11 -9.02
C TRP D 170 14.76 -28.85 -9.23
N LEU D 171 13.90 -28.32 -10.12
CA LEU D 171 12.60 -28.88 -10.47
C LEU D 171 12.72 -30.27 -11.09
N GLU D 172 13.74 -30.46 -11.95
CA GLU D 172 14.01 -31.72 -12.62
C GLU D 172 14.33 -32.84 -11.63
N ARG D 173 15.01 -32.48 -10.52
CA ARG D 173 15.40 -33.42 -9.48
C ARG D 173 14.40 -33.54 -8.36
N THR D 174 13.14 -33.17 -8.59
CA THR D 174 12.09 -33.22 -7.59
C THR D 174 11.77 -34.66 -7.24
N PRO D 175 11.90 -35.03 -5.95
CA PRO D 175 11.54 -36.41 -5.55
C PRO D 175 10.05 -36.67 -5.73
N GLY D 176 9.75 -37.77 -6.39
CA GLY D 176 8.42 -38.19 -6.75
C GLY D 176 8.26 -38.41 -8.24
N LEU D 177 9.20 -37.86 -9.04
CA LEU D 177 9.20 -37.95 -10.50
C LEU D 177 9.81 -39.26 -10.98
N GLU D 178 10.76 -39.85 -10.22
CA GLU D 178 11.44 -41.08 -10.60
C GLU D 178 10.51 -42.28 -10.76
N GLU D 179 10.68 -43.01 -11.89
CA GLU D 179 9.86 -44.15 -12.27
C GLU D 179 9.93 -45.27 -11.27
N SER D 180 11.11 -45.51 -10.68
CA SER D 180 11.30 -46.55 -9.67
C SER D 180 10.55 -46.21 -8.37
N GLY D 181 10.55 -44.94 -8.01
CA GLY D 181 9.90 -44.45 -6.80
C GLY D 181 8.42 -44.18 -6.95
N PHE D 182 8.01 -42.94 -6.67
CA PHE D 182 6.60 -42.56 -6.73
C PHE D 182 6.03 -42.58 -8.16
N ASN D 183 6.85 -42.26 -9.19
CA ASN D 183 6.43 -42.27 -10.60
C ASN D 183 5.19 -41.41 -10.82
N PHE D 184 5.28 -40.10 -10.54
CA PHE D 184 4.13 -39.20 -10.64
C PHE D 184 3.54 -39.08 -12.04
N TRP D 185 4.38 -38.79 -13.05
CA TRP D 185 3.92 -38.56 -14.42
C TRP D 185 3.07 -39.68 -14.98
N ALA D 186 3.41 -40.95 -14.71
CA ALA D 186 2.63 -42.11 -15.17
C ALA D 186 1.29 -42.22 -14.45
N LYS D 187 1.28 -41.96 -13.15
CA LYS D 187 0.06 -42.02 -12.34
C LYS D 187 -0.91 -40.88 -12.71
N PHE D 188 -0.35 -39.72 -13.10
CA PHE D 188 -1.06 -38.52 -13.52
C PHE D 188 -1.76 -38.78 -14.86
N GLN D 189 -1.05 -39.39 -15.83
CA GLN D 189 -1.62 -39.71 -17.12
C GLN D 189 -2.80 -40.68 -16.99
N GLU D 190 -2.69 -41.65 -16.08
CA GLU D 190 -3.73 -42.66 -15.82
C GLU D 190 -4.95 -42.00 -15.15
N SER D 191 -4.70 -41.09 -14.19
CA SER D 191 -5.75 -40.38 -13.49
C SER D 191 -6.53 -39.51 -14.44
N VAL D 192 -5.83 -38.83 -15.37
CA VAL D 192 -6.42 -37.96 -16.37
C VAL D 192 -7.34 -38.79 -17.27
N ASP D 193 -6.84 -39.95 -17.73
CA ASP D 193 -7.59 -40.84 -18.61
C ASP D 193 -8.89 -41.31 -17.98
N ARG D 194 -8.84 -41.75 -16.71
CA ARG D 194 -10.03 -42.21 -16.01
C ARG D 194 -10.97 -41.06 -15.67
N PHE D 195 -10.42 -39.88 -15.35
CA PHE D 195 -11.23 -38.72 -15.01
C PHE D 195 -12.00 -38.24 -16.23
N LEU D 196 -11.32 -38.11 -17.37
CA LEU D 196 -11.96 -37.66 -18.59
C LEU D 196 -12.97 -38.67 -19.13
N GLU D 197 -12.72 -39.98 -18.92
CA GLU D 197 -13.69 -41.01 -19.34
C GLU D 197 -14.96 -40.87 -18.50
N ALA D 198 -14.80 -40.68 -17.18
CA ALA D 198 -15.92 -40.48 -16.27
C ALA D 198 -16.71 -39.21 -16.59
N GLN D 199 -16.02 -38.18 -17.11
CA GLN D 199 -16.65 -36.92 -17.52
C GLN D 199 -17.48 -37.15 -18.79
N VAL D 200 -17.03 -38.02 -19.70
CA VAL D 200 -17.75 -38.35 -20.94
C VAL D 200 -19.01 -39.12 -20.61
N GLN D 201 -18.93 -40.08 -19.68
CA GLN D 201 -20.09 -40.87 -19.26
C GLN D 201 -21.11 -39.99 -18.54
N SER D 202 -20.65 -39.04 -17.74
CA SER D 202 -21.50 -38.09 -17.03
C SER D 202 -22.17 -37.13 -18.01
N ALA D 203 -21.41 -36.68 -19.04
CA ALA D 203 -21.93 -35.80 -20.09
C ALA D 203 -22.95 -36.52 -20.97
N MET D 204 -22.80 -37.84 -21.16
CA MET D 204 -23.73 -38.64 -21.96
C MET D 204 -25.10 -38.73 -21.29
N GLU D 205 -25.15 -38.73 -19.95
CA GLU D 205 -26.41 -38.78 -19.21
C GLU D 205 -27.04 -37.39 -18.97
N GLU D 206 -26.54 -36.34 -19.64
CA GLU D 206 -27.08 -35.01 -19.49
C GLU D 206 -28.46 -34.92 -20.13
N PRO D 207 -29.48 -34.49 -19.37
CA PRO D 207 -30.84 -34.42 -19.93
C PRO D 207 -31.00 -33.36 -21.01
N VAL D 208 -30.46 -32.14 -20.78
CA VAL D 208 -30.50 -31.03 -21.74
C VAL D 208 -29.51 -31.33 -22.87
N GLU D 209 -29.96 -31.27 -24.14
CA GLU D 209 -29.09 -31.56 -25.27
C GLU D 209 -27.98 -30.53 -25.45
N LYS D 210 -28.29 -29.24 -25.20
CA LYS D 210 -27.30 -28.16 -25.35
C LYS D 210 -26.15 -28.31 -24.35
N ALA D 211 -26.45 -28.68 -23.10
CA ALA D 211 -25.44 -28.88 -22.05
C ALA D 211 -24.58 -30.09 -22.34
N LYS D 212 -25.18 -31.15 -22.89
CA LYS D 212 -24.51 -32.40 -23.24
C LYS D 212 -23.41 -32.14 -24.28
N ASN D 213 -23.73 -31.40 -25.34
CA ASN D 213 -22.78 -31.08 -26.40
C ASN D 213 -21.69 -30.14 -25.91
N TYR D 214 -22.04 -29.19 -25.01
CA TYR D 214 -21.08 -28.25 -24.45
C TYR D 214 -20.04 -28.99 -23.65
N ARG D 215 -20.48 -29.94 -22.80
CA ARG D 215 -19.58 -30.75 -22.00
C ARG D 215 -18.67 -31.61 -22.86
N LEU D 216 -19.20 -32.26 -23.90
CA LEU D 216 -18.40 -33.08 -24.80
C LEU D 216 -17.36 -32.24 -25.56
N MET D 217 -17.72 -31.01 -25.95
CA MET D 217 -16.77 -30.12 -26.62
C MET D 217 -15.69 -29.67 -25.64
N ASP D 218 -16.07 -29.42 -24.38
CA ASP D 218 -15.18 -29.01 -23.32
C ASP D 218 -14.18 -30.12 -22.95
N ILE D 219 -14.63 -31.39 -22.85
CA ILE D 219 -13.75 -32.53 -22.59
C ILE D 219 -12.70 -32.65 -23.70
N GLU D 220 -13.08 -32.31 -24.94
CA GLU D 220 -12.15 -32.32 -26.07
C GLU D 220 -11.07 -31.23 -25.91
N LYS D 221 -11.44 -30.05 -25.36
CA LYS D 221 -10.50 -28.96 -25.08
C LYS D 221 -9.49 -29.38 -24.02
N ARG D 222 -9.95 -30.18 -23.03
CA ARG D 222 -9.11 -30.74 -21.97
C ARG D 222 -8.13 -31.72 -22.57
N ARG D 223 -8.59 -32.62 -23.45
CA ARG D 223 -7.72 -33.62 -24.09
C ARG D 223 -6.56 -32.93 -24.85
N GLU D 224 -6.83 -31.79 -25.49
CA GLU D 224 -5.86 -30.99 -26.22
C GLU D 224 -4.82 -30.38 -25.26
N VAL D 225 -5.26 -29.98 -24.04
CA VAL D 225 -4.40 -29.41 -23.01
C VAL D 225 -3.40 -30.49 -22.56
N TYR D 226 -3.92 -31.69 -22.23
CA TYR D 226 -3.07 -32.78 -21.77
C TYR D 226 -2.14 -33.31 -22.86
N ARG D 227 -2.51 -33.14 -24.13
CA ARG D 227 -1.67 -33.51 -25.26
C ARG D 227 -0.38 -32.68 -25.23
N SER D 228 -0.50 -31.38 -24.91
CA SER D 228 0.63 -30.45 -24.83
C SER D 228 1.63 -30.76 -23.70
N ILE D 229 1.25 -31.63 -22.74
CA ILE D 229 2.16 -31.99 -21.65
C ILE D 229 2.53 -33.47 -21.67
N PHE D 230 1.63 -34.33 -22.15
CA PHE D 230 1.90 -35.76 -22.18
C PHE D 230 2.62 -36.22 -23.47
N ASP D 231 2.79 -35.31 -24.45
CA ASP D 231 3.52 -35.57 -25.69
C ASP D 231 4.71 -34.63 -25.64
N PRO D 232 5.92 -35.16 -25.42
CA PRO D 232 7.11 -34.30 -25.34
C PRO D 232 7.40 -33.52 -26.61
N ALA D 233 6.99 -34.04 -27.77
CA ALA D 233 7.19 -33.37 -29.04
C ALA D 233 6.35 -32.09 -29.13
N VAL D 234 5.11 -32.13 -28.61
CA VAL D 234 4.23 -30.96 -28.58
C VAL D 234 4.79 -29.89 -27.62
N HIS D 235 5.38 -30.33 -26.49
CA HIS D 235 6.02 -29.44 -25.52
C HIS D 235 7.23 -28.77 -26.18
N ASP D 236 8.13 -29.56 -26.81
CA ASP D 236 9.34 -29.07 -27.47
C ASP D 236 9.02 -28.03 -28.53
N ALA D 237 7.88 -28.18 -29.22
CA ALA D 237 7.42 -27.26 -30.25
C ALA D 237 7.08 -25.91 -29.63
N LEU D 238 6.42 -25.93 -28.46
CA LEU D 238 6.05 -24.71 -27.72
C LEU D 238 7.26 -24.01 -27.12
N VAL D 239 8.32 -24.76 -26.75
CA VAL D 239 9.55 -24.19 -26.21
C VAL D 239 10.29 -23.44 -27.32
N ARG D 240 10.37 -24.05 -28.52
CA ARG D 240 10.98 -23.45 -29.71
C ARG D 240 10.19 -22.22 -30.20
N ARG D 241 8.86 -22.31 -30.09
CA ARG D 241 7.93 -21.23 -30.44
C ARG D 241 8.03 -20.04 -29.44
N GLY D 242 8.49 -20.29 -28.21
CA GLY D 242 8.62 -19.24 -27.20
C GLY D 242 7.50 -19.19 -26.18
N ASP D 243 6.45 -20.03 -26.34
CA ASP D 243 5.33 -20.11 -25.40
C ASP D 243 5.73 -20.76 -24.06
N ARG D 244 6.82 -21.55 -24.06
CA ARG D 244 7.38 -22.19 -22.89
C ARG D 244 8.91 -22.01 -22.86
N ARG D 245 9.49 -22.07 -21.68
CA ARG D 245 10.93 -21.93 -21.45
C ARG D 245 11.49 -23.19 -20.80
N PHE D 246 10.71 -23.77 -19.88
CA PHE D 246 11.08 -24.93 -19.06
C PHE D 246 11.35 -26.14 -19.87
N SER D 247 12.23 -27.00 -19.36
CA SER D 247 12.45 -28.30 -19.94
C SER D 247 11.22 -29.16 -19.62
N HIS D 248 10.98 -30.22 -20.37
CA HIS D 248 9.84 -31.10 -20.10
C HIS D 248 9.83 -31.62 -18.64
N ARG D 249 10.99 -32.10 -18.14
CA ARG D 249 11.09 -32.60 -16.77
C ARG D 249 10.93 -31.52 -15.68
N ALA D 250 11.35 -30.26 -15.97
CA ALA D 250 11.16 -29.17 -15.00
C ALA D 250 9.66 -28.84 -14.90
N LEU D 251 8.92 -28.90 -16.02
CA LEU D 251 7.48 -28.69 -16.05
C LEU D 251 6.74 -29.81 -15.28
N GLN D 252 7.27 -31.04 -15.31
CA GLN D 252 6.68 -32.16 -14.58
C GLN D 252 6.81 -31.88 -13.07
N GLY D 253 8.00 -31.45 -12.63
CA GLY D 253 8.28 -31.11 -11.24
C GLY D 253 7.46 -29.93 -10.76
N ALA D 254 7.28 -28.90 -11.62
CA ALA D 254 6.49 -27.72 -11.30
C ALA D 254 5.03 -28.11 -11.12
N ILE D 255 4.49 -28.93 -12.05
CA ILE D 255 3.11 -29.42 -11.96
C ILE D 255 2.90 -30.23 -10.68
N MET D 256 3.86 -31.11 -10.36
CA MET D 256 3.79 -31.97 -9.18
C MET D 256 3.71 -31.15 -7.89
N ILE D 257 4.56 -30.13 -7.76
CA ILE D 257 4.56 -29.25 -6.61
C ILE D 257 3.21 -28.53 -6.44
N THR D 258 2.61 -28.05 -7.55
CA THR D 258 1.34 -27.35 -7.49
C THR D 258 0.17 -28.27 -7.11
N PHE D 259 0.32 -29.59 -7.32
CA PHE D 259 -0.71 -30.57 -6.99
C PHE D 259 -0.70 -30.90 -5.49
N TYR D 260 0.49 -30.97 -4.90
CA TYR D 260 0.65 -31.35 -3.51
C TYR D 260 1.14 -30.21 -2.63
N ARG D 261 0.80 -28.96 -2.99
CA ARG D 261 1.19 -27.75 -2.28
C ARG D 261 0.67 -27.70 -0.83
N ASP D 262 -0.44 -28.40 -0.53
CA ASP D 262 -0.98 -28.43 0.82
C ASP D 262 -0.25 -29.44 1.74
N GLU D 263 0.59 -30.33 1.15
CA GLU D 263 1.41 -31.30 1.88
C GLU D 263 2.69 -30.67 2.35
N PRO D 264 3.10 -30.94 3.60
CA PRO D 264 4.32 -30.31 4.15
C PRO D 264 5.58 -30.43 3.28
N ARG D 265 5.73 -31.58 2.61
CA ARG D 265 6.87 -31.87 1.74
C ARG D 265 6.98 -30.87 0.60
N PHE D 266 5.84 -30.43 0.06
CA PHE D 266 5.79 -29.53 -1.10
C PHE D 266 5.35 -28.12 -0.80
N SER D 267 5.04 -27.78 0.46
CA SER D 267 4.57 -26.44 0.81
C SER D 267 5.64 -25.38 0.60
N GLN D 268 6.88 -25.65 1.03
CA GLN D 268 7.98 -24.69 0.87
C GLN D 268 8.44 -24.61 -0.59
N PRO D 269 8.63 -25.74 -1.33
CA PRO D 269 8.93 -25.62 -2.77
C PRO D 269 7.89 -24.79 -3.53
N HIS D 270 6.59 -24.91 -3.20
CA HIS D 270 5.52 -24.15 -3.83
C HIS D 270 5.61 -22.67 -3.51
N GLN D 271 5.97 -22.34 -2.28
CA GLN D 271 6.17 -20.96 -1.86
C GLN D 271 7.31 -20.31 -2.67
N LEU D 272 8.36 -21.09 -2.98
CA LEU D 272 9.49 -20.67 -3.80
C LEU D 272 9.03 -20.32 -5.22
N LEU D 273 8.19 -21.18 -5.82
CA LEU D 273 7.66 -20.92 -7.17
C LEU D 273 6.75 -19.69 -7.18
N THR D 274 5.96 -19.53 -6.11
CA THR D 274 5.04 -18.44 -5.94
C THR D 274 5.82 -17.12 -5.84
N LEU D 275 6.93 -17.11 -5.11
CA LEU D 275 7.73 -15.90 -4.97
C LEU D 275 8.41 -15.53 -6.28
N LEU D 276 8.82 -16.54 -7.09
CA LEU D 276 9.43 -16.31 -8.40
C LEU D 276 8.44 -15.64 -9.35
N MET D 277 7.17 -16.05 -9.27
CA MET D 277 6.11 -15.45 -10.08
C MET D 277 5.79 -14.04 -9.60
N ASP D 278 5.84 -13.80 -8.27
CA ASP D 278 5.57 -12.50 -7.70
C ASP D 278 6.64 -11.52 -8.13
N ILE D 279 7.91 -11.95 -8.18
CA ILE D 279 9.05 -11.11 -8.61
C ILE D 279 8.85 -10.73 -10.08
N ASP D 280 8.48 -11.71 -10.90
CA ASP D 280 8.22 -11.55 -12.33
C ASP D 280 7.06 -10.53 -12.56
N SER D 281 5.97 -10.69 -11.80
CA SER D 281 4.80 -9.82 -11.89
C SER D 281 5.14 -8.40 -11.45
N LEU D 282 5.95 -8.26 -10.38
CA LEU D 282 6.37 -6.96 -9.85
C LEU D 282 7.32 -6.22 -10.79
N ILE D 283 8.14 -6.97 -11.54
CA ILE D 283 9.02 -6.34 -12.53
C ILE D 283 8.16 -5.77 -13.68
N THR D 284 7.08 -6.46 -14.05
CA THR D 284 6.15 -5.97 -15.07
C THR D 284 5.33 -4.77 -14.55
N LYS D 285 4.94 -4.79 -13.27
CA LYS D 285 4.23 -3.66 -12.64
C LYS D 285 5.13 -2.42 -12.61
N TRP D 286 6.47 -2.59 -12.45
CA TRP D 286 7.39 -1.47 -12.50
C TRP D 286 7.47 -0.95 -13.93
N ARG D 287 7.60 -1.86 -14.90
CA ARG D 287 7.70 -1.52 -16.32
C ARG D 287 6.49 -0.72 -16.78
N TYR D 288 5.29 -1.09 -16.30
CA TYR D 288 4.06 -0.41 -16.64
C TYR D 288 4.03 0.96 -16.01
N ASN D 289 4.35 1.06 -14.72
CA ASN D 289 4.36 2.33 -14.00
C ASN D 289 5.35 3.31 -14.60
N HIS D 290 6.51 2.82 -15.00
CA HIS D 290 7.57 3.58 -15.63
C HIS D 290 7.11 4.11 -17.00
N VAL D 291 6.49 3.25 -17.85
CA VAL D 291 6.02 3.65 -19.17
C VAL D 291 4.90 4.71 -19.09
N ILE D 292 4.04 4.66 -18.05
CA ILE D 292 2.97 5.64 -17.84
C ILE D 292 3.58 6.99 -17.41
N MET D 293 4.63 6.94 -16.59
CA MET D 293 5.33 8.12 -16.11
C MET D 293 6.05 8.81 -17.28
N VAL D 294 6.67 8.02 -18.18
CA VAL D 294 7.37 8.52 -19.35
C VAL D 294 6.39 9.27 -20.26
N GLN D 295 5.18 8.72 -20.44
CA GLN D 295 4.14 9.35 -21.26
C GLN D 295 3.56 10.60 -20.63
N ARG D 296 3.53 10.65 -19.29
CA ARG D 296 3.05 11.82 -18.58
C ARG D 296 4.10 12.94 -18.64
N MET D 297 5.41 12.61 -18.67
CA MET D 297 6.48 13.60 -18.72
C MET D 297 6.80 14.11 -20.13
N ILE D 298 7.00 13.19 -21.10
CA ILE D 298 7.43 13.58 -22.43
C ILE D 298 6.54 13.05 -23.57
N GLY D 299 5.41 12.44 -23.26
CA GLY D 299 4.51 11.86 -24.26
C GLY D 299 5.11 10.69 -25.00
N SER D 300 4.55 10.33 -26.15
CA SER D 300 5.12 9.23 -26.97
C SER D 300 6.45 9.63 -27.64
N GLN D 301 6.62 10.94 -27.90
CA GLN D 301 7.79 11.55 -28.50
C GLN D 301 7.90 13.03 -28.09
N GLN D 302 9.11 13.56 -28.08
CA GLN D 302 9.37 14.95 -27.68
C GLN D 302 10.68 15.43 -28.35
N LEU D 303 11.01 16.73 -28.23
CA LEU D 303 12.21 17.30 -28.81
C LEU D 303 13.46 16.64 -28.26
N GLY D 304 14.13 15.89 -29.11
CA GLY D 304 15.33 15.15 -28.73
C GLY D 304 15.16 13.65 -28.89
N THR D 305 13.90 13.18 -28.78
CA THR D 305 13.52 11.76 -28.83
C THR D 305 13.74 11.12 -30.21
N GLY D 306 13.58 11.90 -31.28
CA GLY D 306 13.74 11.41 -32.64
C GLY D 306 12.66 10.41 -33.00
N GLY D 307 11.43 10.76 -32.66
CA GLY D 307 10.30 9.88 -32.90
C GLY D 307 9.83 9.16 -31.65
N SER D 308 8.87 8.25 -31.80
CA SER D 308 8.33 7.50 -30.67
C SER D 308 8.99 6.12 -30.48
N SER D 309 10.24 5.97 -30.94
CA SER D 309 10.98 4.71 -30.89
C SER D 309 11.28 4.22 -29.46
N GLY D 310 11.71 5.13 -28.59
CA GLY D 310 12.05 4.81 -27.21
C GLY D 310 10.84 4.41 -26.40
N TYR D 311 9.73 5.13 -26.60
CA TYR D 311 8.47 4.90 -25.93
C TYR D 311 7.89 3.56 -26.37
N GLN D 312 7.91 3.29 -27.68
CA GLN D 312 7.41 2.04 -28.25
C GLN D 312 8.25 0.84 -27.84
N TYR D 313 9.55 1.04 -27.57
CA TYR D 313 10.41 -0.03 -27.08
C TYR D 313 9.93 -0.40 -25.67
N LEU D 314 9.70 0.61 -24.81
CA LEU D 314 9.26 0.39 -23.43
C LEU D 314 7.91 -0.35 -23.41
N ARG D 315 7.02 -0.07 -24.38
CA ARG D 315 5.73 -0.75 -24.46
C ARG D 315 5.88 -2.23 -24.87
N SER D 316 6.94 -2.55 -25.61
CA SER D 316 7.21 -3.93 -26.03
C SER D 316 7.82 -4.77 -24.87
N THR D 317 8.37 -4.11 -23.83
CA THR D 317 8.89 -4.82 -22.67
C THR D 317 7.76 -5.34 -21.75
N LEU D 318 6.50 -4.91 -22.00
CA LEU D 318 5.34 -5.35 -21.24
C LEU D 318 4.81 -6.72 -21.73
N SER D 319 5.31 -7.23 -22.89
CA SER D 319 4.95 -8.52 -23.49
C SER D 319 5.47 -9.70 -22.67
N ASP D 320 4.86 -10.87 -22.88
CA ASP D 320 5.26 -12.08 -22.19
C ASP D 320 6.65 -12.61 -22.62
N ARG D 321 7.26 -12.00 -23.64
CA ARG D 321 8.64 -12.30 -24.05
C ARG D 321 9.63 -11.85 -22.94
N TYR D 322 9.21 -10.95 -22.04
CA TYR D 322 10.02 -10.44 -20.94
C TYR D 322 9.76 -11.15 -19.60
N LYS D 323 8.67 -11.93 -19.50
CA LYS D 323 8.35 -12.70 -18.31
C LYS D 323 9.24 -13.94 -18.31
N VAL D 324 10.09 -14.09 -17.29
CA VAL D 324 11.05 -15.17 -17.16
C VAL D 324 10.40 -16.51 -16.82
N PHE D 325 9.54 -16.57 -15.79
CA PHE D 325 8.92 -17.81 -15.33
C PHE D 325 7.50 -17.93 -15.85
N LEU D 326 7.36 -17.67 -17.14
CA LEU D 326 6.14 -17.70 -17.94
C LEU D 326 5.34 -19.01 -17.79
N ASP D 327 6.05 -20.15 -17.66
CA ASP D 327 5.47 -21.49 -17.53
C ASP D 327 4.70 -21.67 -16.24
N LEU D 328 5.20 -21.06 -15.15
CA LEU D 328 4.61 -21.17 -13.83
C LEU D 328 3.23 -20.55 -13.76
N PHE D 329 2.99 -19.50 -14.52
CA PHE D 329 1.70 -18.80 -14.53
C PHE D 329 0.56 -19.68 -15.07
N ASN D 330 0.89 -20.60 -15.98
CA ASN D 330 -0.10 -21.42 -16.63
C ASN D 330 -0.35 -22.78 -15.98
N LEU D 331 0.43 -23.16 -14.97
CA LEU D 331 0.30 -24.49 -14.33
C LEU D 331 -1.10 -24.90 -13.87
N SER D 332 -1.99 -23.93 -13.61
CA SER D 332 -3.35 -24.27 -13.17
C SER D 332 -4.24 -24.83 -14.30
N THR D 333 -3.79 -24.71 -15.56
CA THR D 333 -4.50 -25.21 -16.73
C THR D 333 -4.53 -26.74 -16.73
N PHE D 334 -3.52 -27.39 -16.10
CA PHE D 334 -3.35 -28.84 -16.05
C PHE D 334 -3.94 -29.50 -14.81
N LEU D 335 -4.51 -28.73 -13.89
CA LEU D 335 -5.06 -29.21 -12.65
C LEU D 335 -6.29 -30.13 -12.82
N ILE D 336 -6.33 -31.17 -11.98
CA ILE D 336 -7.45 -32.10 -11.87
C ILE D 336 -8.00 -31.98 -10.45
N PRO D 337 -9.27 -32.33 -10.20
CA PRO D 337 -9.80 -32.19 -8.83
C PRO D 337 -9.06 -33.00 -7.78
N ARG D 338 -9.25 -32.67 -6.47
CA ARG D 338 -8.59 -33.40 -5.35
C ARG D 338 -8.78 -34.93 -5.47
N GLU D 339 -10.03 -35.36 -5.74
CA GLU D 339 -10.41 -36.75 -5.89
C GLU D 339 -9.88 -37.43 -7.15
N ALA D 340 -9.30 -36.67 -8.08
CA ALA D 340 -8.70 -37.24 -9.28
C ALA D 340 -7.17 -37.36 -9.13
N ILE D 341 -6.54 -36.56 -8.26
CA ILE D 341 -5.09 -36.57 -8.06
C ILE D 341 -4.60 -37.85 -7.37
N PRO D 342 -3.53 -38.50 -7.91
CA PRO D 342 -3.01 -39.72 -7.26
C PRO D 342 -2.44 -39.46 -5.87
N PRO D 343 -2.87 -40.23 -4.85
CA PRO D 343 -2.41 -39.96 -3.48
C PRO D 343 -0.96 -40.29 -3.24
N LEU D 344 -0.32 -39.54 -2.31
CA LEU D 344 1.07 -39.71 -1.94
C LEU D 344 1.27 -40.98 -1.10
N ASP D 345 2.22 -41.84 -1.52
CA ASP D 345 2.50 -43.10 -0.83
C ASP D 345 3.86 -43.10 -0.12
N GLU D 346 4.98 -43.09 -0.89
CA GLU D 346 6.36 -43.08 -0.39
C GLU D 346 6.64 -44.21 0.59
CHA HEM E . 17.21 5.09 17.65
CHB HEM E . 17.41 0.24 17.50
CHC HEM E . 16.84 0.30 12.68
CHD HEM E . 16.84 5.15 12.82
C1A HEM E . 17.35 3.73 18.06
C2A HEM E . 17.50 3.27 19.43
C3A HEM E . 17.53 1.89 19.39
C4A HEM E . 17.43 1.53 18.00
CMA HEM E . 17.62 0.95 20.54
CAA HEM E . 17.57 4.12 20.67
CBA HEM E . 18.88 4.89 20.82
CGA HEM E . 20.05 4.08 21.29
O1A HEM E . 21.10 4.03 20.67
O2A HEM E . 19.87 3.47 22.46
C1B HEM E . 17.28 -0.20 16.16
C2B HEM E . 17.21 -1.58 15.74
C3B HEM E . 17.06 -1.55 14.38
C4B HEM E . 17.03 -0.17 13.97
CMB HEM E . 17.25 -2.77 16.66
CAB HEM E . 16.98 -2.70 13.47
CBB HEM E . 17.87 -3.67 13.26
C1C HEM E . 16.74 1.67 12.29
C2C HEM E . 16.56 2.14 10.92
C3C HEM E . 16.57 3.51 10.98
C4C HEM E . 16.74 3.87 12.36
CMC HEM E . 16.39 1.25 9.71
CAC HEM E . 16.43 4.47 9.89
CBC HEM E . 17.34 5.24 9.35
C1D HEM E . 16.96 5.58 14.15
C2D HEM E . 16.78 6.94 14.59
C3D HEM E . 16.80 6.93 15.97
C4D HEM E . 17.06 5.55 16.35
CMD HEM E . 16.66 8.13 13.67
CAD HEM E . 16.48 8.10 16.85
CBD HEM E . 14.97 8.23 17.10
CGD HEM E . 14.52 9.43 17.91
O1D HEM E . 13.34 9.60 18.18
O2D HEM E . 15.47 10.25 18.31
NA HEM E . 17.33 2.67 17.21
NB HEM E . 17.18 0.64 15.09
NC HEM E . 16.83 2.72 13.14
ND HEM E . 17.13 4.75 15.23
FE HEM E . 16.96 2.68 15.20
C5 A1H6U F . 23.38 1.82 14.10
C6 A1H6U F . 23.35 1.81 15.53
C7 A1H6U F . 19.79 2.74 13.72
C8 A1H6U F . 19.77 2.58 15.83
C13 A1H6U F . 21.53 -2.01 17.90
O A1H6U F . 21.43 2.91 18.22
C1 A1H6U F . 22.11 1.79 17.65
CA A1H6U F . 22.17 1.93 16.17
N A1H6U F . 21.05 2.26 15.43
C3 A1H6U F . 21.06 2.35 14.07
CG2 A1H6U F . 22.27 2.08 13.40
N2 A1H6U F . 18.99 2.87 14.82
C9 A1H6U F . 21.47 0.49 18.09
CD1 A1H6U F . 21.30 0.38 19.61
CG1 A1H6U F . 20.62 -0.93 20.00
C12 A1H6U F . 21.27 -2.17 19.40
C14 A1H6U F . 22.25 -0.71 17.58
CHA HEM G . -16.27 3.84 18.76
CHB HEM G . -16.49 8.09 16.44
CHC HEM G . -16.12 5.81 12.14
CHD HEM G . -16.06 1.57 14.48
C1A HEM G . -16.40 5.23 18.51
C2A HEM G . -16.49 6.25 19.53
C3A HEM G . -16.55 7.46 18.87
C4A HEM G . -16.50 7.16 17.46
CMA HEM G . -16.61 8.84 19.47
CAA HEM G . -16.51 6.05 21.02
CBA HEM G . -17.81 5.47 21.56
CGA HEM G . -18.92 6.47 21.71
O1A HEM G . -19.99 6.35 21.12
O2A HEM G . -18.66 7.46 22.54
C1B HEM G . -16.41 7.85 15.03
C2B HEM G . -16.39 8.89 14.03
C3B HEM G . -16.31 8.23 12.82
C4B HEM G . -16.25 6.82 13.10
CMB HEM G . -16.42 10.37 14.29
CAB HEM G . -16.32 8.82 11.48
CBB HEM G . -17.23 9.59 10.92
C1C HEM G . -16.03 4.42 12.42
C2C HEM G . -15.89 3.38 11.40
C3C HEM G . -15.90 2.19 12.10
C4C HEM G . -16.03 2.50 13.48
CMC HEM G . -15.80 3.61 9.92
CAC HEM G . -15.81 0.82 11.56
CBC HEM G . -16.75 -0.08 11.46
C1D HEM G . -16.11 1.81 15.87
C2D HEM G . -15.88 0.79 16.87
C3D HEM G . -15.88 1.43 18.08
C4D HEM G . -16.16 2.84 17.81
CMD HEM G . -15.76 -0.68 16.59
CAD HEM G . -15.52 0.81 19.41
CBD HEM G . -14.01 0.80 19.63
CGD HEM G . -13.52 0.04 20.84
O1D HEM G . -12.33 -0.04 21.10
O2D HEM G . -14.46 -0.51 21.60
NA HEM G . -16.41 5.79 17.27
NB HEM G . -16.30 6.62 14.47
NC HEM G . -16.10 3.87 13.66
ND HEM G . -16.28 3.04 16.44
FE HEM G . -16.13 4.84 15.47
C5 A1H6U H . -22.70 5.17 14.40
C6 A1H6U H . -22.61 5.84 15.67
C7 A1H6U H . -19.07 4.39 14.23
C8 A1H6U H . -19.01 5.42 16.11
C13 A1H6U H . -21.25 10.54 16.35
O A1H6U H . -20.67 6.10 18.49
C1 A1H6U H . -21.31 6.87 17.48
CA A1H6U H . -21.42 6.02 16.25
N A1H6U H . -20.31 5.44 15.70
C3 A1H6U H . -20.36 4.80 14.49
CG2 A1H6U H . -21.59 4.68 13.83
N2 A1H6U H . -18.23 4.82 15.24
C9 A1H6U H . -20.67 8.24 17.28
CD1 A1H6U H . -20.30 8.91 18.61
CG1 A1H6U H . -19.89 10.36 18.46
C12 A1H6U H . -20.93 11.18 17.70
C14 A1H6U H . -21.63 9.08 16.46
CHA HEM I . -14.94 -11.88 -15.70
CHB HEM I . -12.70 -15.61 -13.55
CHC HEM I . -12.87 -13.27 -9.28
CHD HEM I . -15.25 -9.64 -11.41
C1A HEM I . -14.33 -13.14 -15.49
C2A HEM I . -14.08 -14.13 -16.53
C3A HEM I . -13.43 -15.18 -15.93
C4A HEM I . -13.30 -14.84 -14.52
CMA HEM I . -12.91 -16.44 -16.57
CAA HEM I . -14.43 -14.03 -17.99
CBA HEM I . -15.93 -14.05 -18.26
CGA HEM I . -16.48 -15.44 -18.47
O1A HEM I . -17.19 -16.02 -17.65
O2A HEM I . -16.17 -15.93 -19.64
C1B HEM I . -12.56 -15.31 -12.17
C2B HEM I . -11.86 -16.15 -11.21
C3B HEM I . -11.93 -15.49 -10.00
C4B HEM I . -12.63 -14.26 -10.23
CMB HEM I . -11.15 -17.44 -11.55
CAB HEM I . -11.42 -15.94 -8.71
CBB HEM I . -11.73 -17.02 -8.02
C1C HEM I . -13.51 -12.02 -9.49
C2C HEM I . -13.76 -11.02 -8.46
C3C HEM I . -14.45 -10.01 -9.10
C4C HEM I . -14.61 -10.39 -10.47
CMC HEM I . -13.33 -11.11 -7.03
CAC HEM I . -14.97 -8.76 -8.53
CBC HEM I . -16.22 -8.43 -8.26
C1D HEM I . -15.38 -9.92 -12.78
C2D HEM I . -15.86 -8.97 -13.76
C3D HEM I . -15.73 -9.58 -14.98
C4D HEM I . -15.21 -10.92 -14.73
CMD HEM I . -16.43 -7.62 -13.46
CAD HEM I . -15.95 -8.92 -16.32
CBD HEM I . -14.71 -8.19 -16.80
CGD HEM I . -14.84 -7.39 -18.06
O1D HEM I . -13.90 -6.74 -18.49
O2D HEM I . -16.02 -7.41 -18.65
NA HEM I . -13.86 -13.59 -14.29
NB HEM I . -13.02 -14.18 -11.57
NC HEM I . -14.02 -11.62 -10.69
ND HEM I . -15.02 -11.09 -13.36
FE HEM I . -13.87 -12.56 -12.51
C5 A1H6U J . -19.08 -16.24 -10.39
C6 A1H6U J . -18.93 -16.80 -11.71
C7 A1H6U J . -16.47 -13.64 -10.87
C8 A1H6U J . -16.26 -14.54 -12.78
C13 A1H6U J . -14.50 -19.28 -12.63
O A1H6U J . -17.83 -16.38 -14.81
C1 A1H6U J . -17.55 -17.20 -13.69
CA A1H6U J . -17.90 -16.41 -12.47
N A1H6U J . -17.18 -15.30 -12.09
C3 A1H6U J . -17.32 -14.73 -10.87
CG2 A1H6U J . -18.23 -15.30 -9.96
N2 A1H6U J . -15.82 -13.53 -12.06
C9 A1H6U J . -16.13 -17.70 -13.75
CD1 A1H6U J . -15.90 -18.47 -15.06
CG1 A1H6U J . -14.62 -19.28 -15.10
C12 A1H6U J . -14.45 -20.16 -13.87
C14 A1H6U J . -15.85 -18.56 -12.52
CHA HEM K . 14.46 3.53 -20.11
CHB HEM K . 12.26 7.85 -19.79
CHC HEM K . 12.55 7.69 -14.92
CHD HEM K . 14.91 3.47 -15.28
C1A HEM K . 13.85 4.77 -20.47
C2A HEM K . 13.55 5.17 -21.83
C3A HEM K . 12.90 6.40 -21.74
C4A HEM K . 12.85 6.72 -20.33
CMA HEM K . 12.36 7.23 -22.85
CAA HEM K . 13.86 4.45 -23.10
CBA HEM K . 15.36 4.46 -23.45
CGA HEM K . 15.83 5.72 -24.11
O1A HEM K . 16.65 6.50 -23.62
O2A HEM K . 15.28 5.91 -25.29
C1B HEM K . 12.15 8.20 -18.43
C2B HEM K . 11.46 9.40 -17.94
C3B HEM K . 11.57 9.35 -16.56
C4B HEM K . 12.29 8.15 -16.22
CMB HEM K . 10.78 10.41 -18.81
CAB HEM K . 11.08 10.35 -15.62
CBB HEM K . 11.41 11.61 -15.53
C1C HEM K . 13.19 6.47 -14.57
C2C HEM K . 13.50 6.05 -13.22
C3C HEM K . 14.20 4.87 -13.36
C4C HEM K . 14.30 4.57 -14.75
CMC HEM K . 13.15 6.80 -11.97
CAC HEM K . 14.74 4.02 -12.31
CBC HEM K . 16.00 3.84 -11.96
C1D HEM K . 15.00 3.10 -16.65
C2D HEM K . 15.46 1.81 -17.11
C3D HEM K . 15.27 1.79 -18.48
C4D HEM K . 14.75 3.10 -18.82
CMD HEM K . 16.09 0.76 -16.25
CAD HEM K . 15.43 0.61 -19.38
CBD HEM K . 14.16 -0.26 -19.43
CGD HEM K . 14.25 -1.57 -20.16
O1D HEM K . 13.29 -2.32 -20.21
O2D HEM K . 15.41 -1.85 -20.76
NA HEM K . 13.43 5.72 -19.58
NB HEM K . 12.63 7.46 -17.39
NC HEM K . 13.66 5.57 -15.49
ND HEM K . 14.58 3.87 -17.68
FE HEM K . 13.45 5.57 -17.52
C5 A1H6U L . 18.83 9.53 -17.40
C6 A1H6U L . 18.40 9.72 -18.76
C7 A1H6U L . 16.20 7.06 -16.56
C8 A1H6U L . 15.59 7.39 -18.57
C13 A1H6U L . 14.47 11.82 -20.90
O A1H6U L . 17.04 7.70 -21.19
C1 A1H6U L . 17.11 9.04 -20.71
CA A1H6U L . 17.33 9.07 -19.23
N A1H6U L . 16.67 8.21 -18.37
C3 A1H6U L . 17.06 8.00 -17.07
CG2 A1H6U L . 18.17 8.70 -16.59
N2 A1H6U L . 15.27 6.69 -17.51
C9 A1H6U L . 15.85 9.77 -21.11
CD1 A1H6U L . 15.51 9.67 -22.59
CG1 A1H6U L . 14.15 10.29 -22.89
C12 A1H6U L . 14.02 11.71 -22.35
C14 A1H6U L . 15.84 11.22 -20.67
#